data_3KKG
# 
_entry.id   3KKG 
# 
_audit_conform.dict_name       mmcif_pdbx.dic 
_audit_conform.dict_version    5.399 
_audit_conform.dict_location   http://mmcif.pdb.org/dictionaries/ascii/mmcif_pdbx.dic 
# 
loop_
_database_2.database_id 
_database_2.database_code 
_database_2.pdbx_database_accession 
_database_2.pdbx_DOI 
PDB   3KKG         pdb_00003kkg 10.2210/pdb3kkg/pdb 
RCSB  RCSB056103   ?            ?                   
WWPDB D_1000056103 ?            ?                   
# 
loop_
_pdbx_audit_revision_history.ordinal 
_pdbx_audit_revision_history.data_content_type 
_pdbx_audit_revision_history.major_revision 
_pdbx_audit_revision_history.minor_revision 
_pdbx_audit_revision_history.revision_date 
1 'Structure model' 1 0 2009-12-01 
2 'Structure model' 1 1 2011-07-13 
3 'Structure model' 1 2 2017-10-25 
4 'Structure model' 1 3 2019-07-17 
5 'Structure model' 1 4 2023-02-01 
6 'Structure model' 1 5 2024-11-27 
# 
_pdbx_audit_revision_details.ordinal             1 
_pdbx_audit_revision_details.revision_ordinal    1 
_pdbx_audit_revision_details.data_content_type   'Structure model' 
_pdbx_audit_revision_details.provider            repository 
_pdbx_audit_revision_details.type                'Initial release' 
_pdbx_audit_revision_details.description         ? 
_pdbx_audit_revision_details.details             ? 
# 
loop_
_pdbx_audit_revision_group.ordinal 
_pdbx_audit_revision_group.revision_ordinal 
_pdbx_audit_revision_group.data_content_type 
_pdbx_audit_revision_group.group 
1  2 'Structure model' Advisory                     
2  2 'Structure model' 'Source and taxonomy'        
3  2 'Structure model' 'Version format compliance'  
4  3 'Structure model' 'Author supporting evidence' 
5  3 'Structure model' 'Refinement description'     
6  4 'Structure model' 'Data collection'            
7  4 'Structure model' 'Derived calculations'       
8  4 'Structure model' 'Refinement description'     
9  5 'Structure model' 'Database references'        
10 5 'Structure model' 'Derived calculations'       
11 6 'Structure model' 'Data collection'            
12 6 'Structure model' 'Structure summary'          
# 
loop_
_pdbx_audit_revision_category.ordinal 
_pdbx_audit_revision_category.revision_ordinal 
_pdbx_audit_revision_category.data_content_type 
_pdbx_audit_revision_category.category 
1  3 'Structure model' pdbx_struct_assembly_auth_evidence 
2  3 'Structure model' software                           
3  4 'Structure model' software                           
4  4 'Structure model' struct_conn                        
5  5 'Structure model' database_2                         
6  5 'Structure model' struct_ref_seq_dif                 
7  5 'Structure model' struct_site                        
8  6 'Structure model' chem_comp_atom                     
9  6 'Structure model' chem_comp_bond                     
10 6 'Structure model' pdbx_entry_details                 
11 6 'Structure model' pdbx_modification_feature          
# 
loop_
_pdbx_audit_revision_item.ordinal 
_pdbx_audit_revision_item.revision_ordinal 
_pdbx_audit_revision_item.data_content_type 
_pdbx_audit_revision_item.item 
1  3 'Structure model' '_software.classification'                     
2  3 'Structure model' '_software.name'                               
3  4 'Structure model' '_software.classification'                     
4  4 'Structure model' '_software.contact_author'                     
5  4 'Structure model' '_software.contact_author_email'               
6  4 'Structure model' '_software.language'                           
7  4 'Structure model' '_software.location'                           
8  4 'Structure model' '_software.name'                               
9  4 'Structure model' '_software.type'                               
10 4 'Structure model' '_software.version'                            
11 5 'Structure model' '_database_2.pdbx_DOI'                         
12 5 'Structure model' '_database_2.pdbx_database_accession'          
13 5 'Structure model' '_struct_ref_seq_dif.details'                  
14 5 'Structure model' '_struct_site.pdbx_auth_asym_id'               
15 5 'Structure model' '_struct_site.pdbx_auth_comp_id'               
16 5 'Structure model' '_struct_site.pdbx_auth_seq_id'                
17 6 'Structure model' '_pdbx_entry_details.has_protein_modification' 
# 
_pdbx_database_status.SG_entry                        Y 
_pdbx_database_status.entry_id                        3KKG 
_pdbx_database_status.deposit_site                    RCSB 
_pdbx_database_status.process_site                    RCSB 
_pdbx_database_status.recvd_initial_deposition_date   2009-11-05 
_pdbx_database_status.status_code                     REL 
_pdbx_database_status.status_code_sf                  REL 
_pdbx_database_status.status_code_mr                  ? 
_pdbx_database_status.pdb_format_compatible           Y 
_pdbx_database_status.status_code_cs                  ? 
_pdbx_database_status.methods_development_category    ? 
_pdbx_database_status.status_code_nmr_data            ? 
# 
_pdbx_database_related.db_name        TargetDB 
_pdbx_database_related.db_id          396293 
_pdbx_database_related.details        . 
_pdbx_database_related.content_type   unspecified 
# 
_audit_author.name           'Joint Center for Structural Genomics (JCSG)' 
_audit_author.pdbx_ordinal   1 
# 
_citation.id                        primary 
_citation.title                     
'Crystal structure of Putative SnoaL-like polyketide cyclase (YP_509242.1) from Jannaschia Sp. CCS1 at 1.40 A resolution' 
_citation.journal_abbrev            'To be published' 
_citation.journal_volume            ? 
_citation.page_first                ? 
_citation.page_last                 ? 
_citation.year                      ? 
_citation.journal_id_ASTM           ? 
_citation.country                   ? 
_citation.journal_id_ISSN           ? 
_citation.journal_id_CSD            0353 
_citation.book_publisher            ? 
_citation.pdbx_database_id_PubMed   ? 
_citation.pdbx_database_id_DOI      ? 
# 
_citation_author.citation_id        primary 
_citation_author.name               'Joint Center for Structural Genomics (JCSG)' 
_citation_author.ordinal            1 
_citation_author.identifier_ORCID   ? 
# 
loop_
_entity.id 
_entity.type 
_entity.src_method 
_entity.pdbx_description 
_entity.formula_weight 
_entity.pdbx_number_of_molecules 
_entity.pdbx_ec 
_entity.pdbx_mutation 
_entity.pdbx_fragment 
_entity.details 
1 polymer     man 'Putative SnoaL-like polyketide cyclase' 16248.476 1   ? ? 'sequence database residues 28-172' ? 
2 non-polymer syn 'CHLORIDE ION'                           35.453    1   ? ? ?                                   ? 
3 non-polymer syn 'DI(HYDROXYETHYL)ETHER'                  106.120   2   ? ? ?                                   ? 
4 non-polymer syn 'TRIETHYLENE GLYCOL'                     150.173   1   ? ? ?                                   ? 
5 water       nat water                                    18.015    207 ? ? ?                                   ? 
# 
_entity_poly.entity_id                      1 
_entity_poly.type                           'polypeptide(L)' 
_entity_poly.nstd_linkage                   no 
_entity_poly.nstd_monomer                   yes 
_entity_poly.pdbx_seq_one_letter_code       
;GQDRSPIETQNVETVLRLFDEGWGAQDGWRDVWRET(MSE)TPGFRSIFHSNQAVEGIEQAIAFNAVLFEGFPRLEVVVE
NVTVEGDNVVVQARLTGAQDGPFLGVPPSGQ(MSE)VDVPDVTLFTLADGQVIE(MSE)RYFTDLLAV(MSE)TAISAPP
EN
;
_entity_poly.pdbx_seq_one_letter_code_can   
;GQDRSPIETQNVETVLRLFDEGWGAQDGWRDVWRETMTPGFRSIFHSNQAVEGIEQAIAFNAVLFEGFPRLEVVVENVTV
EGDNVVVQARLTGAQDGPFLGVPPSGQMVDVPDVTLFTLADGQVIEMRYFTDLLAVMTAISAPPEN
;
_entity_poly.pdbx_strand_id                 A 
_entity_poly.pdbx_target_identifier         396293 
# 
loop_
_pdbx_entity_nonpoly.entity_id 
_pdbx_entity_nonpoly.name 
_pdbx_entity_nonpoly.comp_id 
2 'CHLORIDE ION'          CL  
3 'DI(HYDROXYETHYL)ETHER' PEG 
4 'TRIETHYLENE GLYCOL'    PGE 
5 water                   HOH 
# 
loop_
_entity_poly_seq.entity_id 
_entity_poly_seq.num 
_entity_poly_seq.mon_id 
_entity_poly_seq.hetero 
1 1   GLY n 
1 2   GLN n 
1 3   ASP n 
1 4   ARG n 
1 5   SER n 
1 6   PRO n 
1 7   ILE n 
1 8   GLU n 
1 9   THR n 
1 10  GLN n 
1 11  ASN n 
1 12  VAL n 
1 13  GLU n 
1 14  THR n 
1 15  VAL n 
1 16  LEU n 
1 17  ARG n 
1 18  LEU n 
1 19  PHE n 
1 20  ASP n 
1 21  GLU n 
1 22  GLY n 
1 23  TRP n 
1 24  GLY n 
1 25  ALA n 
1 26  GLN n 
1 27  ASP n 
1 28  GLY n 
1 29  TRP n 
1 30  ARG n 
1 31  ASP n 
1 32  VAL n 
1 33  TRP n 
1 34  ARG n 
1 35  GLU n 
1 36  THR n 
1 37  MSE n 
1 38  THR n 
1 39  PRO n 
1 40  GLY n 
1 41  PHE n 
1 42  ARG n 
1 43  SER n 
1 44  ILE n 
1 45  PHE n 
1 46  HIS n 
1 47  SER n 
1 48  ASN n 
1 49  GLN n 
1 50  ALA n 
1 51  VAL n 
1 52  GLU n 
1 53  GLY n 
1 54  ILE n 
1 55  GLU n 
1 56  GLN n 
1 57  ALA n 
1 58  ILE n 
1 59  ALA n 
1 60  PHE n 
1 61  ASN n 
1 62  ALA n 
1 63  VAL n 
1 64  LEU n 
1 65  PHE n 
1 66  GLU n 
1 67  GLY n 
1 68  PHE n 
1 69  PRO n 
1 70  ARG n 
1 71  LEU n 
1 72  GLU n 
1 73  VAL n 
1 74  VAL n 
1 75  VAL n 
1 76  GLU n 
1 77  ASN n 
1 78  VAL n 
1 79  THR n 
1 80  VAL n 
1 81  GLU n 
1 82  GLY n 
1 83  ASP n 
1 84  ASN n 
1 85  VAL n 
1 86  VAL n 
1 87  VAL n 
1 88  GLN n 
1 89  ALA n 
1 90  ARG n 
1 91  LEU n 
1 92  THR n 
1 93  GLY n 
1 94  ALA n 
1 95  GLN n 
1 96  ASP n 
1 97  GLY n 
1 98  PRO n 
1 99  PHE n 
1 100 LEU n 
1 101 GLY n 
1 102 VAL n 
1 103 PRO n 
1 104 PRO n 
1 105 SER n 
1 106 GLY n 
1 107 GLN n 
1 108 MSE n 
1 109 VAL n 
1 110 ASP n 
1 111 VAL n 
1 112 PRO n 
1 113 ASP n 
1 114 VAL n 
1 115 THR n 
1 116 LEU n 
1 117 PHE n 
1 118 THR n 
1 119 LEU n 
1 120 ALA n 
1 121 ASP n 
1 122 GLY n 
1 123 GLN n 
1 124 VAL n 
1 125 ILE n 
1 126 GLU n 
1 127 MSE n 
1 128 ARG n 
1 129 TYR n 
1 130 PHE n 
1 131 THR n 
1 132 ASP n 
1 133 LEU n 
1 134 LEU n 
1 135 ALA n 
1 136 VAL n 
1 137 MSE n 
1 138 THR n 
1 139 ALA n 
1 140 ILE n 
1 141 SER n 
1 142 ALA n 
1 143 PRO n 
1 144 PRO n 
1 145 GLU n 
1 146 ASN n 
# 
_entity_src_gen.entity_id                          1 
_entity_src_gen.pdbx_src_id                        1 
_entity_src_gen.pdbx_alt_source_flag               sample 
_entity_src_gen.pdbx_seq_type                      ? 
_entity_src_gen.pdbx_beg_seq_num                   ? 
_entity_src_gen.pdbx_end_seq_num                   ? 
_entity_src_gen.gene_src_common_name               ? 
_entity_src_gen.gene_src_genus                     ? 
_entity_src_gen.pdbx_gene_src_gene                 Jann_1300 
_entity_src_gen.gene_src_species                   ? 
_entity_src_gen.gene_src_strain                    CCS1 
_entity_src_gen.gene_src_tissue                    ? 
_entity_src_gen.gene_src_tissue_fraction           ? 
_entity_src_gen.gene_src_details                   ? 
_entity_src_gen.pdbx_gene_src_fragment             ? 
_entity_src_gen.pdbx_gene_src_scientific_name      'Jannaschia sp.' 
_entity_src_gen.pdbx_gene_src_ncbi_taxonomy_id     290400 
_entity_src_gen.pdbx_gene_src_variant              ? 
_entity_src_gen.pdbx_gene_src_cell_line            ? 
_entity_src_gen.pdbx_gene_src_atcc                 ? 
_entity_src_gen.pdbx_gene_src_organ                ? 
_entity_src_gen.pdbx_gene_src_organelle            ? 
_entity_src_gen.pdbx_gene_src_cell                 ? 
_entity_src_gen.pdbx_gene_src_cellular_location    ? 
_entity_src_gen.host_org_common_name               ? 
_entity_src_gen.pdbx_host_org_scientific_name      'Escherichia Coli' 
_entity_src_gen.pdbx_host_org_ncbi_taxonomy_id     562 
_entity_src_gen.host_org_genus                     ? 
_entity_src_gen.pdbx_host_org_gene                 ? 
_entity_src_gen.pdbx_host_org_organ                ? 
_entity_src_gen.host_org_species                   ? 
_entity_src_gen.pdbx_host_org_tissue               ? 
_entity_src_gen.pdbx_host_org_tissue_fraction      ? 
_entity_src_gen.pdbx_host_org_strain               HK100 
_entity_src_gen.pdbx_host_org_variant              ? 
_entity_src_gen.pdbx_host_org_cell_line            ? 
_entity_src_gen.pdbx_host_org_atcc                 ? 
_entity_src_gen.pdbx_host_org_culture_collection   ? 
_entity_src_gen.pdbx_host_org_cell                 ? 
_entity_src_gen.pdbx_host_org_organelle            ? 
_entity_src_gen.pdbx_host_org_cellular_location    ? 
_entity_src_gen.pdbx_host_org_vector_type          Plasmid 
_entity_src_gen.pdbx_host_org_vector               ? 
_entity_src_gen.host_org_details                   ? 
_entity_src_gen.expression_system_id               ? 
_entity_src_gen.plasmid_name                       SpeedET 
_entity_src_gen.plasmid_details                    ? 
_entity_src_gen.pdbx_description                   ? 
# 
loop_
_chem_comp.id 
_chem_comp.type 
_chem_comp.mon_nstd_flag 
_chem_comp.name 
_chem_comp.pdbx_synonyms 
_chem_comp.formula 
_chem_comp.formula_weight 
ALA 'L-peptide linking' y ALANINE                 ? 'C3 H7 N O2'     89.093  
ARG 'L-peptide linking' y ARGININE                ? 'C6 H15 N4 O2 1' 175.209 
ASN 'L-peptide linking' y ASPARAGINE              ? 'C4 H8 N2 O3'    132.118 
ASP 'L-peptide linking' y 'ASPARTIC ACID'         ? 'C4 H7 N O4'     133.103 
CL  non-polymer         . 'CHLORIDE ION'          ? 'Cl -1'          35.453  
GLN 'L-peptide linking' y GLUTAMINE               ? 'C5 H10 N2 O3'   146.144 
GLU 'L-peptide linking' y 'GLUTAMIC ACID'         ? 'C5 H9 N O4'     147.129 
GLY 'peptide linking'   y GLYCINE                 ? 'C2 H5 N O2'     75.067  
HIS 'L-peptide linking' y HISTIDINE               ? 'C6 H10 N3 O2 1' 156.162 
HOH non-polymer         . WATER                   ? 'H2 O'           18.015  
ILE 'L-peptide linking' y ISOLEUCINE              ? 'C6 H13 N O2'    131.173 
LEU 'L-peptide linking' y LEUCINE                 ? 'C6 H13 N O2'    131.173 
MSE 'L-peptide linking' n SELENOMETHIONINE        ? 'C5 H11 N O2 Se' 196.106 
PEG non-polymer         . 'DI(HYDROXYETHYL)ETHER' ? 'C4 H10 O3'      106.120 
PGE non-polymer         . 'TRIETHYLENE GLYCOL'    ? 'C6 H14 O4'      150.173 
PHE 'L-peptide linking' y PHENYLALANINE           ? 'C9 H11 N O2'    165.189 
PRO 'L-peptide linking' y PROLINE                 ? 'C5 H9 N O2'     115.130 
SER 'L-peptide linking' y SERINE                  ? 'C3 H7 N O3'     105.093 
THR 'L-peptide linking' y THREONINE               ? 'C4 H9 N O3'     119.119 
TRP 'L-peptide linking' y TRYPTOPHAN              ? 'C11 H12 N2 O2'  204.225 
TYR 'L-peptide linking' y TYROSINE                ? 'C9 H11 N O3'    181.189 
VAL 'L-peptide linking' y VALINE                  ? 'C5 H11 N O2'    117.146 
# 
loop_
_pdbx_poly_seq_scheme.asym_id 
_pdbx_poly_seq_scheme.entity_id 
_pdbx_poly_seq_scheme.seq_id 
_pdbx_poly_seq_scheme.mon_id 
_pdbx_poly_seq_scheme.ndb_seq_num 
_pdbx_poly_seq_scheme.pdb_seq_num 
_pdbx_poly_seq_scheme.auth_seq_num 
_pdbx_poly_seq_scheme.pdb_mon_id 
_pdbx_poly_seq_scheme.auth_mon_id 
_pdbx_poly_seq_scheme.pdb_strand_id 
_pdbx_poly_seq_scheme.pdb_ins_code 
_pdbx_poly_seq_scheme.hetero 
A 1 1   GLY 1   0   0   GLY GLY A . n 
A 1 2   GLN 2   28  28  GLN GLN A . n 
A 1 3   ASP 3   29  29  ASP ASP A . n 
A 1 4   ARG 4   30  30  ARG ARG A . n 
A 1 5   SER 5   31  31  SER SER A . n 
A 1 6   PRO 6   32  32  PRO PRO A . n 
A 1 7   ILE 7   33  33  ILE ILE A . n 
A 1 8   GLU 8   34  34  GLU GLU A . n 
A 1 9   THR 9   35  35  THR THR A . n 
A 1 10  GLN 10  36  36  GLN GLN A . n 
A 1 11  ASN 11  37  37  ASN ASN A . n 
A 1 12  VAL 12  38  38  VAL VAL A . n 
A 1 13  GLU 13  39  39  GLU GLU A . n 
A 1 14  THR 14  40  40  THR THR A . n 
A 1 15  VAL 15  41  41  VAL VAL A . n 
A 1 16  LEU 16  42  42  LEU LEU A . n 
A 1 17  ARG 17  43  43  ARG ARG A . n 
A 1 18  LEU 18  44  44  LEU LEU A . n 
A 1 19  PHE 19  45  45  PHE PHE A . n 
A 1 20  ASP 20  46  46  ASP ASP A . n 
A 1 21  GLU 21  47  47  GLU GLU A . n 
A 1 22  GLY 22  48  48  GLY GLY A . n 
A 1 23  TRP 23  49  49  TRP TRP A . n 
A 1 24  GLY 24  50  50  GLY GLY A . n 
A 1 25  ALA 25  51  51  ALA ALA A . n 
A 1 26  GLN 26  52  52  GLN GLN A . n 
A 1 27  ASP 27  53  53  ASP ASP A . n 
A 1 28  GLY 28  54  54  GLY GLY A . n 
A 1 29  TRP 29  55  55  TRP TRP A . n 
A 1 30  ARG 30  56  56  ARG ARG A . n 
A 1 31  ASP 31  57  57  ASP ASP A . n 
A 1 32  VAL 32  58  58  VAL VAL A . n 
A 1 33  TRP 33  59  59  TRP TRP A . n 
A 1 34  ARG 34  60  60  ARG ARG A . n 
A 1 35  GLU 35  61  61  GLU GLU A . n 
A 1 36  THR 36  62  62  THR THR A . n 
A 1 37  MSE 37  63  63  MSE MSE A . n 
A 1 38  THR 38  64  64  THR THR A . n 
A 1 39  PRO 39  65  65  PRO PRO A . n 
A 1 40  GLY 40  66  66  GLY GLY A . n 
A 1 41  PHE 41  67  67  PHE PHE A . n 
A 1 42  ARG 42  68  68  ARG ARG A . n 
A 1 43  SER 43  69  69  SER SER A . n 
A 1 44  ILE 44  70  70  ILE ILE A . n 
A 1 45  PHE 45  71  71  PHE PHE A . n 
A 1 46  HIS 46  72  72  HIS HIS A . n 
A 1 47  SER 47  73  73  SER SER A . n 
A 1 48  ASN 48  74  74  ASN ASN A . n 
A 1 49  GLN 49  75  75  GLN GLN A . n 
A 1 50  ALA 50  76  76  ALA ALA A . n 
A 1 51  VAL 51  77  77  VAL VAL A . n 
A 1 52  GLU 52  78  78  GLU GLU A . n 
A 1 53  GLY 53  79  79  GLY GLY A . n 
A 1 54  ILE 54  80  80  ILE ILE A . n 
A 1 55  GLU 55  81  81  GLU GLU A . n 
A 1 56  GLN 56  82  82  GLN GLN A . n 
A 1 57  ALA 57  83  83  ALA ALA A . n 
A 1 58  ILE 58  84  84  ILE ILE A . n 
A 1 59  ALA 59  85  85  ALA ALA A . n 
A 1 60  PHE 60  86  86  PHE PHE A . n 
A 1 61  ASN 61  87  87  ASN ASN A . n 
A 1 62  ALA 62  88  88  ALA ALA A . n 
A 1 63  VAL 63  89  89  VAL VAL A . n 
A 1 64  LEU 64  90  90  LEU LEU A . n 
A 1 65  PHE 65  91  91  PHE PHE A . n 
A 1 66  GLU 66  92  92  GLU GLU A . n 
A 1 67  GLY 67  93  93  GLY GLY A . n 
A 1 68  PHE 68  94  94  PHE PHE A . n 
A 1 69  PRO 69  95  95  PRO PRO A . n 
A 1 70  ARG 70  96  96  ARG ARG A . n 
A 1 71  LEU 71  97  97  LEU LEU A . n 
A 1 72  GLU 72  98  98  GLU GLU A . n 
A 1 73  VAL 73  99  99  VAL VAL A . n 
A 1 74  VAL 74  100 100 VAL VAL A . n 
A 1 75  VAL 75  101 101 VAL VAL A . n 
A 1 76  GLU 76  102 102 GLU GLU A . n 
A 1 77  ASN 77  103 103 ASN ASN A . n 
A 1 78  VAL 78  104 104 VAL VAL A . n 
A 1 79  THR 79  105 105 THR THR A . n 
A 1 80  VAL 80  106 106 VAL VAL A . n 
A 1 81  GLU 81  107 107 GLU GLU A . n 
A 1 82  GLY 82  108 108 GLY GLY A . n 
A 1 83  ASP 83  109 109 ASP ASP A . n 
A 1 84  ASN 84  110 110 ASN ASN A . n 
A 1 85  VAL 85  111 111 VAL VAL A . n 
A 1 86  VAL 86  112 112 VAL VAL A . n 
A 1 87  VAL 87  113 113 VAL VAL A . n 
A 1 88  GLN 88  114 114 GLN GLN A . n 
A 1 89  ALA 89  115 115 ALA ALA A . n 
A 1 90  ARG 90  116 116 ARG ARG A . n 
A 1 91  LEU 91  117 117 LEU LEU A . n 
A 1 92  THR 92  118 118 THR THR A . n 
A 1 93  GLY 93  119 119 GLY GLY A . n 
A 1 94  ALA 94  120 120 ALA ALA A . n 
A 1 95  GLN 95  121 121 GLN GLN A . n 
A 1 96  ASP 96  122 122 ASP ASP A . n 
A 1 97  GLY 97  123 123 GLY GLY A . n 
A 1 98  PRO 98  124 124 PRO PRO A . n 
A 1 99  PHE 99  125 125 PHE PHE A . n 
A 1 100 LEU 100 126 126 LEU LEU A . n 
A 1 101 GLY 101 127 127 GLY GLY A . n 
A 1 102 VAL 102 128 128 VAL VAL A . n 
A 1 103 PRO 103 129 129 PRO PRO A . n 
A 1 104 PRO 104 130 130 PRO PRO A . n 
A 1 105 SER 105 131 131 SER SER A . n 
A 1 106 GLY 106 132 132 GLY GLY A . n 
A 1 107 GLN 107 133 133 GLN GLN A . n 
A 1 108 MSE 108 134 134 MSE MSE A . n 
A 1 109 VAL 109 135 135 VAL VAL A . n 
A 1 110 ASP 110 136 136 ASP ASP A . n 
A 1 111 VAL 111 137 137 VAL VAL A . n 
A 1 112 PRO 112 138 138 PRO PRO A . n 
A 1 113 ASP 113 139 139 ASP ASP A . n 
A 1 114 VAL 114 140 140 VAL VAL A . n 
A 1 115 THR 115 141 141 THR THR A . n 
A 1 116 LEU 116 142 142 LEU LEU A . n 
A 1 117 PHE 117 143 143 PHE PHE A . n 
A 1 118 THR 118 144 144 THR THR A . n 
A 1 119 LEU 119 145 145 LEU LEU A . n 
A 1 120 ALA 120 146 146 ALA ALA A . n 
A 1 121 ASP 121 147 147 ASP ASP A . n 
A 1 122 GLY 122 148 148 GLY GLY A . n 
A 1 123 GLN 123 149 149 GLN GLN A . n 
A 1 124 VAL 124 150 150 VAL VAL A . n 
A 1 125 ILE 125 151 151 ILE ILE A . n 
A 1 126 GLU 126 152 152 GLU GLU A . n 
A 1 127 MSE 127 153 153 MSE MSE A . n 
A 1 128 ARG 128 154 154 ARG ARG A . n 
A 1 129 TYR 129 155 155 TYR TYR A . n 
A 1 130 PHE 130 156 156 PHE PHE A . n 
A 1 131 THR 131 157 157 THR THR A . n 
A 1 132 ASP 132 158 158 ASP ASP A . n 
A 1 133 LEU 133 159 159 LEU LEU A . n 
A 1 134 LEU 134 160 160 LEU LEU A . n 
A 1 135 ALA 135 161 161 ALA ALA A . n 
A 1 136 VAL 136 162 162 VAL VAL A . n 
A 1 137 MSE 137 163 163 MSE MSE A . n 
A 1 138 THR 138 164 164 THR THR A . n 
A 1 139 ALA 139 165 165 ALA ALA A . n 
A 1 140 ILE 140 166 166 ILE ILE A . n 
A 1 141 SER 141 167 167 SER SER A . n 
A 1 142 ALA 142 168 168 ALA ALA A . n 
A 1 143 PRO 143 169 169 PRO PRO A . n 
A 1 144 PRO 144 170 170 PRO PRO A . n 
A 1 145 GLU 145 171 ?   ?   ?   A . n 
A 1 146 ASN 146 172 ?   ?   ?   A . n 
# 
loop_
_pdbx_nonpoly_scheme.asym_id 
_pdbx_nonpoly_scheme.entity_id 
_pdbx_nonpoly_scheme.mon_id 
_pdbx_nonpoly_scheme.ndb_seq_num 
_pdbx_nonpoly_scheme.pdb_seq_num 
_pdbx_nonpoly_scheme.auth_seq_num 
_pdbx_nonpoly_scheme.pdb_mon_id 
_pdbx_nonpoly_scheme.auth_mon_id 
_pdbx_nonpoly_scheme.pdb_strand_id 
_pdbx_nonpoly_scheme.pdb_ins_code 
B 2 CL  1   201 201 CL  CL  A . 
C 3 PEG 1   202 202 PEG PEG A . 
D 3 PEG 1   203 203 PEG PEG A . 
E 4 PGE 1   204 204 PGE PGE A . 
F 5 HOH 1   205 205 HOH HOH A . 
F 5 HOH 2   206 206 HOH HOH A . 
F 5 HOH 3   207 207 HOH HOH A . 
F 5 HOH 4   208 208 HOH HOH A . 
F 5 HOH 5   209 209 HOH HOH A . 
F 5 HOH 6   210 210 HOH HOH A . 
F 5 HOH 7   211 211 HOH HOH A . 
F 5 HOH 8   212 212 HOH HOH A . 
F 5 HOH 9   213 213 HOH HOH A . 
F 5 HOH 10  214 214 HOH HOH A . 
F 5 HOH 11  215 215 HOH HOH A . 
F 5 HOH 12  216 216 HOH HOH A . 
F 5 HOH 13  217 217 HOH HOH A . 
F 5 HOH 14  218 218 HOH HOH A . 
F 5 HOH 15  219 219 HOH HOH A . 
F 5 HOH 16  220 220 HOH HOH A . 
F 5 HOH 17  221 221 HOH HOH A . 
F 5 HOH 18  222 222 HOH HOH A . 
F 5 HOH 19  223 223 HOH HOH A . 
F 5 HOH 20  224 224 HOH HOH A . 
F 5 HOH 21  225 225 HOH HOH A . 
F 5 HOH 22  226 226 HOH HOH A . 
F 5 HOH 23  227 227 HOH HOH A . 
F 5 HOH 24  373 373 HOH HOH A . 
F 5 HOH 25  374 374 HOH HOH A . 
F 5 HOH 26  375 375 HOH HOH A . 
F 5 HOH 27  376 376 HOH HOH A . 
F 5 HOH 28  377 377 HOH HOH A . 
F 5 HOH 29  378 378 HOH HOH A . 
F 5 HOH 30  379 379 HOH HOH A . 
F 5 HOH 31  380 380 HOH HOH A . 
F 5 HOH 32  381 381 HOH HOH A . 
F 5 HOH 33  382 382 HOH HOH A . 
F 5 HOH 34  383 383 HOH HOH A . 
F 5 HOH 35  384 384 HOH HOH A . 
F 5 HOH 36  385 385 HOH HOH A . 
F 5 HOH 37  386 386 HOH HOH A . 
F 5 HOH 38  387 387 HOH HOH A . 
F 5 HOH 39  388 388 HOH HOH A . 
F 5 HOH 40  389 389 HOH HOH A . 
F 5 HOH 41  390 390 HOH HOH A . 
F 5 HOH 42  391 391 HOH HOH A . 
F 5 HOH 43  392 392 HOH HOH A . 
F 5 HOH 44  393 393 HOH HOH A . 
F 5 HOH 45  394 394 HOH HOH A . 
F 5 HOH 46  395 395 HOH HOH A . 
F 5 HOH 47  396 396 HOH HOH A . 
F 5 HOH 48  397 397 HOH HOH A . 
F 5 HOH 49  398 398 HOH HOH A . 
F 5 HOH 50  399 399 HOH HOH A . 
F 5 HOH 51  400 400 HOH HOH A . 
F 5 HOH 52  401 401 HOH HOH A . 
F 5 HOH 53  402 402 HOH HOH A . 
F 5 HOH 54  403 403 HOH HOH A . 
F 5 HOH 55  404 404 HOH HOH A . 
F 5 HOH 56  405 405 HOH HOH A . 
F 5 HOH 57  406 406 HOH HOH A . 
F 5 HOH 58  407 407 HOH HOH A . 
F 5 HOH 59  408 408 HOH HOH A . 
F 5 HOH 60  409 409 HOH HOH A . 
F 5 HOH 61  410 410 HOH HOH A . 
F 5 HOH 62  411 411 HOH HOH A . 
F 5 HOH 63  412 412 HOH HOH A . 
F 5 HOH 64  413 413 HOH HOH A . 
F 5 HOH 65  414 414 HOH HOH A . 
F 5 HOH 66  415 415 HOH HOH A . 
F 5 HOH 67  416 416 HOH HOH A . 
F 5 HOH 68  417 417 HOH HOH A . 
F 5 HOH 69  418 418 HOH HOH A . 
F 5 HOH 70  419 419 HOH HOH A . 
F 5 HOH 71  420 420 HOH HOH A . 
F 5 HOH 72  421 421 HOH HOH A . 
F 5 HOH 73  422 422 HOH HOH A . 
F 5 HOH 74  423 423 HOH HOH A . 
F 5 HOH 75  424 424 HOH HOH A . 
F 5 HOH 76  425 425 HOH HOH A . 
F 5 HOH 77  426 426 HOH HOH A . 
F 5 HOH 78  427 427 HOH HOH A . 
F 5 HOH 79  428 428 HOH HOH A . 
F 5 HOH 80  429 429 HOH HOH A . 
F 5 HOH 81  430 430 HOH HOH A . 
F 5 HOH 82  431 431 HOH HOH A . 
F 5 HOH 83  432 432 HOH HOH A . 
F 5 HOH 84  433 433 HOH HOH A . 
F 5 HOH 85  434 434 HOH HOH A . 
F 5 HOH 86  435 435 HOH HOH A . 
F 5 HOH 87  436 436 HOH HOH A . 
F 5 HOH 88  437 437 HOH HOH A . 
F 5 HOH 89  438 438 HOH HOH A . 
F 5 HOH 90  439 439 HOH HOH A . 
F 5 HOH 91  440 440 HOH HOH A . 
F 5 HOH 92  441 441 HOH HOH A . 
F 5 HOH 93  442 442 HOH HOH A . 
F 5 HOH 94  443 443 HOH HOH A . 
F 5 HOH 95  444 444 HOH HOH A . 
F 5 HOH 96  445 445 HOH HOH A . 
F 5 HOH 97  446 446 HOH HOH A . 
F 5 HOH 98  447 447 HOH HOH A . 
F 5 HOH 99  448 448 HOH HOH A . 
F 5 HOH 100 449 449 HOH HOH A . 
F 5 HOH 101 450 450 HOH HOH A . 
F 5 HOH 102 451 451 HOH HOH A . 
F 5 HOH 103 452 452 HOH HOH A . 
F 5 HOH 104 453 453 HOH HOH A . 
F 5 HOH 105 454 454 HOH HOH A . 
F 5 HOH 106 455 455 HOH HOH A . 
F 5 HOH 107 456 456 HOH HOH A . 
F 5 HOH 108 457 457 HOH HOH A . 
F 5 HOH 109 458 458 HOH HOH A . 
F 5 HOH 110 459 459 HOH HOH A . 
F 5 HOH 111 460 460 HOH HOH A . 
F 5 HOH 112 461 461 HOH HOH A . 
F 5 HOH 113 462 462 HOH HOH A . 
F 5 HOH 114 463 463 HOH HOH A . 
F 5 HOH 115 464 464 HOH HOH A . 
F 5 HOH 116 465 465 HOH HOH A . 
F 5 HOH 117 466 466 HOH HOH A . 
F 5 HOH 118 467 467 HOH HOH A . 
F 5 HOH 119 468 468 HOH HOH A . 
F 5 HOH 120 469 469 HOH HOH A . 
F 5 HOH 121 470 470 HOH HOH A . 
F 5 HOH 122 471 471 HOH HOH A . 
F 5 HOH 123 472 472 HOH HOH A . 
F 5 HOH 124 473 473 HOH HOH A . 
F 5 HOH 125 474 474 HOH HOH A . 
F 5 HOH 126 475 475 HOH HOH A . 
F 5 HOH 127 476 476 HOH HOH A . 
F 5 HOH 128 477 477 HOH HOH A . 
F 5 HOH 129 478 478 HOH HOH A . 
F 5 HOH 130 479 479 HOH HOH A . 
F 5 HOH 131 480 480 HOH HOH A . 
F 5 HOH 132 481 481 HOH HOH A . 
F 5 HOH 133 482 482 HOH HOH A . 
F 5 HOH 134 483 483 HOH HOH A . 
F 5 HOH 135 484 484 HOH HOH A . 
F 5 HOH 136 485 485 HOH HOH A . 
F 5 HOH 137 486 486 HOH HOH A . 
F 5 HOH 138 487 487 HOH HOH A . 
F 5 HOH 139 488 488 HOH HOH A . 
F 5 HOH 140 489 489 HOH HOH A . 
F 5 HOH 141 490 490 HOH HOH A . 
F 5 HOH 142 491 491 HOH HOH A . 
F 5 HOH 143 492 492 HOH HOH A . 
F 5 HOH 144 493 493 HOH HOH A . 
F 5 HOH 145 494 494 HOH HOH A . 
F 5 HOH 146 495 495 HOH HOH A . 
F 5 HOH 147 496 496 HOH HOH A . 
F 5 HOH 148 497 497 HOH HOH A . 
F 5 HOH 149 498 498 HOH HOH A . 
F 5 HOH 150 499 499 HOH HOH A . 
F 5 HOH 151 500 500 HOH HOH A . 
F 5 HOH 152 501 501 HOH HOH A . 
F 5 HOH 153 502 502 HOH HOH A . 
F 5 HOH 154 503 503 HOH HOH A . 
F 5 HOH 155 504 504 HOH HOH A . 
F 5 HOH 156 505 505 HOH HOH A . 
F 5 HOH 157 506 506 HOH HOH A . 
F 5 HOH 158 507 507 HOH HOH A . 
F 5 HOH 159 508 508 HOH HOH A . 
F 5 HOH 160 509 509 HOH HOH A . 
F 5 HOH 161 510 510 HOH HOH A . 
F 5 HOH 162 511 511 HOH HOH A . 
F 5 HOH 163 512 512 HOH HOH A . 
F 5 HOH 164 513 513 HOH HOH A . 
F 5 HOH 165 514 514 HOH HOH A . 
F 5 HOH 166 515 515 HOH HOH A . 
F 5 HOH 167 516 516 HOH HOH A . 
F 5 HOH 168 517 517 HOH HOH A . 
F 5 HOH 169 518 518 HOH HOH A . 
F 5 HOH 170 519 519 HOH HOH A . 
F 5 HOH 171 520 520 HOH HOH A . 
F 5 HOH 172 521 521 HOH HOH A . 
F 5 HOH 173 522 522 HOH HOH A . 
F 5 HOH 174 523 523 HOH HOH A . 
F 5 HOH 175 524 524 HOH HOH A . 
F 5 HOH 176 525 525 HOH HOH A . 
F 5 HOH 177 526 526 HOH HOH A . 
F 5 HOH 178 527 527 HOH HOH A . 
F 5 HOH 179 528 528 HOH HOH A . 
F 5 HOH 180 529 529 HOH HOH A . 
F 5 HOH 181 530 530 HOH HOH A . 
F 5 HOH 182 531 531 HOH HOH A . 
F 5 HOH 183 532 532 HOH HOH A . 
F 5 HOH 184 533 533 HOH HOH A . 
F 5 HOH 185 534 534 HOH HOH A . 
F 5 HOH 186 535 535 HOH HOH A . 
F 5 HOH 187 536 536 HOH HOH A . 
F 5 HOH 188 537 537 HOH HOH A . 
F 5 HOH 189 538 538 HOH HOH A . 
F 5 HOH 190 539 539 HOH HOH A . 
F 5 HOH 191 540 540 HOH HOH A . 
F 5 HOH 192 541 541 HOH HOH A . 
F 5 HOH 193 542 542 HOH HOH A . 
F 5 HOH 194 543 543 HOH HOH A . 
F 5 HOH 195 544 544 HOH HOH A . 
F 5 HOH 196 545 545 HOH HOH A . 
F 5 HOH 197 546 546 HOH HOH A . 
F 5 HOH 198 547 547 HOH HOH A . 
F 5 HOH 199 548 548 HOH HOH A . 
F 5 HOH 200 549 549 HOH HOH A . 
F 5 HOH 201 550 550 HOH HOH A . 
F 5 HOH 202 551 551 HOH HOH A . 
F 5 HOH 203 552 552 HOH HOH A . 
F 5 HOH 204 553 553 HOH HOH A . 
F 5 HOH 205 554 554 HOH HOH A . 
F 5 HOH 206 555 555 HOH HOH A . 
F 5 HOH 207 556 556 HOH HOH A . 
# 
loop_
_software.name 
_software.version 
_software.date 
_software.type 
_software.contact_author 
_software.contact_author_email 
_software.classification 
_software.location 
_software.language 
_software.citation_id 
_software.pdbx_ordinal 
REFMAC      5.2.0019 ?               program 'Garib N. Murshudov'         garib@ysbl.york.ac.uk                refinement        
http://www.ccp4.ac.uk/dist/html/refmac5.html Fortran_77 ? 1 
PHENIX      .        ?               package 'P.D. Adams'                 PDAdams@lbl.gov                      refinement        
http://www.phenix-online.org/                C++        ? 2 
SHELX       .        ?               package 'George M. Sheldrick'        gsheldr@shelx.uni-ac.gwdg.de         phasing           
http://shelx.uni-ac.gwdg.de/SHELX/           Fortran_77 ? 3 
MolProbity  3beta29  ?               package 'D.C. & J.S. Richardson lab' molprobity@kinemage.biochem.duke.edu 'model building'  
http://kinemage.biochem.duke.edu/molprobity/ ?          ? 4 
SCALA       3.2.5    5/04/2004       other   'Phil R. Evans'              pre@mrc-lmb.cam.ac.uk                'data scaling'    
http://www.ccp4.ac.uk/dist/html/scala.html   Fortran_77 ? 5 
PDB_EXTRACT 3.006    'June 11, 2008' package PDB                          help@deposit.rcsb.org                'data extraction' 
http://sw-tools.pdb.org/apps/PDB_EXTRACT/    C++        ? 6 
MOSFLM      .        ?               ?       ?                            ?                                    'data reduction'  ? 
?          ? 7 
SHARP       .        ?               ?       ?                            ?                                    phasing           ? 
?          ? 8 
# 
_cell.entry_id           3KKG 
_cell.length_a           57.036 
_cell.length_b           57.036 
_cell.length_c           181.140 
_cell.angle_alpha        90.00 
_cell.angle_beta         90.00 
_cell.angle_gamma        120.00 
_cell.Z_PDB              12 
_cell.pdbx_unique_axis   ? 
_cell.length_a_esd       ? 
_cell.length_b_esd       ? 
_cell.length_c_esd       ? 
_cell.angle_alpha_esd    ? 
_cell.angle_beta_esd     ? 
_cell.angle_gamma_esd    ? 
# 
_symmetry.entry_id                         3KKG 
_symmetry.space_group_name_H-M             'P 65 2 2' 
_symmetry.pdbx_full_space_group_name_H-M   ? 
_symmetry.cell_setting                     ? 
_symmetry.Int_Tables_number                179 
_symmetry.space_group_name_Hall            ? 
# 
_exptl.crystals_number   1 
_exptl.method            'X-RAY DIFFRACTION' 
_exptl.entry_id          3KKG 
# 
_exptl_crystal.id                    1 
_exptl_crystal.density_Matthews      2.62 
_exptl_crystal.density_meas          ? 
_exptl_crystal.density_percent_sol   53.00 
_exptl_crystal.description           ? 
_exptl_crystal.F_000                 ? 
_exptl_crystal.preparation           ? 
# 
_exptl_crystal_grow.crystal_id      1 
_exptl_crystal_grow.method          'VAPOR DIFFUSION, SITTING DROP' 
_exptl_crystal_grow.pH              7.5 
_exptl_crystal_grow.temp            277 
_exptl_crystal_grow.pdbx_details    
'0.2000M CaCl2, 28.0000% PEG-400, 0.1M HEPES pH 7.5, NANODROP, VAPOR DIFFUSION, SITTING DROP, temperature 277K' 
_exptl_crystal_grow.temp_details    ? 
_exptl_crystal_grow.pdbx_pH_range   ? 
# 
_diffrn.id                     1 
_diffrn.ambient_temp           100 
_diffrn.ambient_temp_details   ? 
_diffrn.crystal_id             1 
# 
_diffrn_detector.diffrn_id              1 
_diffrn_detector.detector               CCD 
_diffrn_detector.type                   'MARMOSAIC 325 mm CCD' 
_diffrn_detector.details                'Flat collimating mirror, toroid focusing mirror' 
_diffrn_detector.pdbx_collection_date   2009-07-30 
# 
_diffrn_radiation.diffrn_id                        1 
_diffrn_radiation.pdbx_monochromatic_or_laue_m_l   M 
_diffrn_radiation.monochromator                    'Double crystal monochromator' 
_diffrn_radiation.pdbx_diffrn_protocol             MAD 
_diffrn_radiation.wavelength_id                    1 
_diffrn_radiation.pdbx_scattering_type             x-ray 
# 
loop_
_diffrn_radiation_wavelength.id 
_diffrn_radiation_wavelength.wavelength 
_diffrn_radiation_wavelength.wt 
1 0.91162 1.0 
2 0.97925 1.0 
3 0.97911 1.0 
# 
_diffrn_source.diffrn_id                   1 
_diffrn_source.source                      SYNCHROTRON 
_diffrn_source.pdbx_synchrotron_beamline   BL9-2 
_diffrn_source.type                        'SSRL BEAMLINE BL9-2' 
_diffrn_source.pdbx_wavelength_list        0.91162,0.97925,0.97911 
_diffrn_source.pdbx_wavelength             ? 
_diffrn_source.pdbx_synchrotron_site       SSRL 
# 
_reflns.entry_id                     3KKG 
_reflns.d_resolution_high            1.40 
_reflns.d_resolution_low             29.210 
_reflns.number_obs                   34674 
_reflns.pdbx_Rmerge_I_obs            0.069 
_reflns.pdbx_netI_over_sigmaI        18.600 
_reflns.pdbx_Rsym_value              0.069 
_reflns.pdbx_redundancy              9.500 
_reflns.percent_possible_obs         98.400 
_reflns.observed_criterion_sigma_F   ? 
_reflns.observed_criterion_sigma_I   ? 
_reflns.number_all                   ? 
_reflns.B_iso_Wilson_estimate        18.347 
_reflns.R_free_details               ? 
_reflns.limit_h_max                  ? 
_reflns.limit_h_min                  ? 
_reflns.limit_k_max                  ? 
_reflns.limit_k_min                  ? 
_reflns.limit_l_max                  ? 
_reflns.limit_l_min                  ? 
_reflns.observed_criterion_F_max     ? 
_reflns.observed_criterion_F_min     ? 
_reflns.pdbx_chi_squared             ? 
_reflns.pdbx_scaling_rejects         ? 
_reflns.pdbx_ordinal                 1 
_reflns.pdbx_diffrn_id               1 
# 
loop_
_reflns_shell.d_res_high 
_reflns_shell.d_res_low 
_reflns_shell.number_measured_obs 
_reflns_shell.number_measured_all 
_reflns_shell.number_unique_obs 
_reflns_shell.Rmerge_I_obs 
_reflns_shell.meanI_over_sigI_obs 
_reflns_shell.pdbx_Rsym_value 
_reflns_shell.pdbx_chi_squared 
_reflns_shell.pdbx_redundancy 
_reflns_shell.percent_possible_obs 
_reflns_shell.number_unique_all 
_reflns_shell.percent_possible_all 
_reflns_shell.pdbx_ordinal 
_reflns_shell.pdbx_diffrn_id 
1.40 1.44  ? 24120 ? 0.988 0.8  0.988 ? 9.80 ? 2472 97.00 1  1 
1.44 1.48  ? 23368 ? 0.760 1.0  0.760 ? 9.80 ? 2388 97.30 2  1 
1.48 1.52  ? 22906 ? 0.552 1.4  0.552 ? 9.70 ? 2351 97.40 3  1 
1.52 1.57  ? 22400 ? 0.433 1.8  0.433 ? 9.80 ? 2296 97.70 4  1 
1.57 1.62  ? 21655 ? 0.340 2.3  0.340 ? 9.70 ? 2225 97.80 5  1 
1.62 1.67  ? 21213 ? 0.273 2.8  0.273 ? 9.70 ? 2182 98.10 6  1 
1.67 1.74  ? 20311 ? 0.218 3.5  0.218 ? 9.70 ? 2092 98.20 7  1 
1.74 1.81  ? 19477 ? 0.172 4.4  0.172 ? 9.70 ? 2018 98.40 8  1 
1.81 1.89  ? 19008 ? 0.133 5.6  0.133 ? 9.70 ? 1966 98.60 9  1 
1.89 1.98  ? 18115 ? 0.105 6.8  0.105 ? 9.60 ? 1880 98.70 10 1 
1.98 2.09  ? 17081 ? 0.091 7.5  0.091 ? 9.50 ? 1790 99.00 11 1 
2.09 2.21  ? 16385 ? 0.082 8.3  0.082 ? 9.50 ? 1717 99.00 12 1 
2.21 2.37  ? 15352 ? 0.074 9.1  0.074 ? 9.50 ? 1623 99.30 13 1 
2.37 2.56  ? 14157 ? 0.068 9.8  0.068 ? 9.40 ? 1506 99.30 14 1 
2.56 2.80  ? 13159 ? 0.060 11.1 0.060 ? 9.30 ? 1415 99.50 15 1 
2.80 3.13  ? 11913 ? 0.056 11.5 0.056 ? 9.20 ? 1297 99.60 16 1 
3.13 3.61  ? 10581 ? 0.049 13.0 0.049 ? 9.10 ? 1168 99.80 17 1 
3.61 4.43  ? 8884  ? 0.046 13.9 0.046 ? 8.90 ? 1002 99.90 18 1 
4.43 6.26  ? 6808  ? 0.040 14.7 0.040 ? 8.40 ? 812  99.80 19 1 
6.26 29.21 ? 3502  ? 0.042 14.8 0.042 ? 7.40 ? 474  96.00 20 1 
# 
_refine.entry_id                                 3KKG 
_refine.ls_d_res_high                            1.400 
_refine.ls_d_res_low                             29.210 
_refine.pdbx_ls_sigma_F                          0.00 
_refine.pdbx_data_cutoff_high_absF               ? 
_refine.pdbx_data_cutoff_low_absF                ? 
_refine.ls_percent_reflns_obs                    97.850 
_refine.ls_number_reflns_obs                     34674 
_refine.ls_number_reflns_all                     ? 
_refine.pdbx_ls_cross_valid_method               THROUGHOUT 
_refine.pdbx_R_Free_selection_details            RANDOM 
_refine.details                                  
;1. HYDROGENS HAVE BEEN ADDED IN THE RIDING POSITIONS. 2. ATOM RECORD CONTAINS RESIDUAL B FACTORS ONLY. 3. A MET-INHIBITION PROTOCOL WAS USED FOR SELENOMETHIONINE INCORPORATION DURING PROTEIN EXPRESSION. THE OCCUPANCY OF THE SE ATOMS IN THE MSE RESIDUES WAS REDUCED TO 0.75 FOR THE REDUCED SCATTERING POWER DUE TO PARTIAL S-MET INCORPORATION. 4. PEG400 FRAGMENTS (PEG AND PGE) AND A CHLORIDE ION WERE MODELED BASED ON CRYSTALLIZATION CONDITIONS. 5. UNEXPLAINED ELECTRON DENSITY NEAR RESIDUE 34 WAS NOT MODELED.
;
_refine.ls_R_factor_all                          ? 
_refine.ls_R_factor_obs                          0.182 
_refine.ls_R_factor_R_work                       0.181 
_refine.ls_wR_factor_R_work                      ? 
_refine.ls_R_factor_R_free                       0.198 
_refine.ls_wR_factor_R_free                      ? 
_refine.ls_percent_reflns_R_free                 5.000 
_refine.ls_number_reflns_R_free                  1739 
_refine.ls_R_factor_R_free_error                 ? 
_refine.B_iso_mean                               23.155 
_refine.solvent_model_param_bsol                 ? 
_refine.solvent_model_param_ksol                 ? 
_refine.pdbx_isotropic_thermal_model             ? 
_refine.aniso_B[1][1]                            -0.160 
_refine.aniso_B[2][2]                            -0.160 
_refine.aniso_B[3][3]                            0.250 
_refine.aniso_B[1][2]                            -0.080 
_refine.aniso_B[1][3]                            0.000 
_refine.aniso_B[2][3]                            0.000 
_refine.correlation_coeff_Fo_to_Fc               0.967 
_refine.correlation_coeff_Fo_to_Fc_free          0.959 
_refine.overall_SU_R_Cruickshank_DPI             ? 
_refine.overall_SU_R_free                        ? 
_refine.pdbx_overall_ESU_R                       0.061 
_refine.pdbx_overall_ESU_R_Free                  0.060 
_refine.overall_SU_ML                            0.043 
_refine.overall_SU_B                             2.105 
_refine.solvent_model_details                    MASK 
_refine.pdbx_solvent_vdw_probe_radii             1.200 
_refine.pdbx_solvent_ion_probe_radii             0.800 
_refine.pdbx_solvent_shrinkage_radii             0.800 
_refine.ls_number_parameters                     ? 
_refine.ls_number_restraints                     ? 
_refine.pdbx_method_to_determine_struct          MAD 
_refine.pdbx_stereochemistry_target_values       'MAXIMUM LIKELIHOOD WITH PHASES' 
_refine.pdbx_stereochem_target_val_spec_case     ? 
_refine.overall_FOM_work_R_set                   ? 
_refine.B_iso_max                                60.77 
_refine.B_iso_min                                11.37 
_refine.occupancy_max                            1.00 
_refine.occupancy_min                            0.22 
_refine.pdbx_ls_sigma_I                          ? 
_refine.ls_redundancy_reflns_obs                 ? 
_refine.ls_R_factor_R_free_error_details         ? 
_refine.pdbx_starting_model                      ? 
_refine.pdbx_data_cutoff_high_rms_absF           ? 
_refine.overall_FOM_free_R_set                   ? 
_refine.pdbx_overall_phase_error                 ? 
_refine.pdbx_refine_id                           'X-RAY DIFFRACTION' 
_refine.pdbx_TLS_residual_ADP_flag               'LIKELY RESIDUAL' 
_refine.pdbx_diffrn_id                           1 
_refine.pdbx_overall_SU_R_free_Cruickshank_DPI   ? 
_refine.pdbx_overall_SU_R_Blow_DPI               ? 
_refine.pdbx_overall_SU_R_free_Blow_DPI          ? 
# 
_refine_hist.pdbx_refine_id                   'X-RAY DIFFRACTION' 
_refine_hist.cycle_id                         LAST 
_refine_hist.pdbx_number_atoms_protein        1114 
_refine_hist.pdbx_number_atoms_nucleic_acid   0 
_refine_hist.pdbx_number_atoms_ligand         25 
_refine_hist.number_atoms_solvent             207 
_refine_hist.number_atoms_total               1346 
_refine_hist.d_res_high                       1.400 
_refine_hist.d_res_low                        29.210 
# 
loop_
_refine_ls_restr.type 
_refine_ls_restr.pdbx_refine_id 
_refine_ls_restr.number 
_refine_ls_restr.dev_ideal 
_refine_ls_restr.dev_ideal_target 
_refine_ls_restr.weight 
_refine_ls_restr.pdbx_restraint_function 
r_bond_refined_d         'X-RAY DIFFRACTION' 1282 0.017  0.022  ? ? 
r_bond_other_d           'X-RAY DIFFRACTION' 859  0.002  0.020  ? ? 
r_angle_refined_deg      'X-RAY DIFFRACTION' 1752 1.642  1.950  ? ? 
r_angle_other_deg        'X-RAY DIFFRACTION' 2096 0.984  3.000  ? ? 
r_dihedral_angle_1_deg   'X-RAY DIFFRACTION' 166  5.512  5.000  ? ? 
r_dihedral_angle_2_deg   'X-RAY DIFFRACTION' 64   38.678 24.688 ? ? 
r_dihedral_angle_3_deg   'X-RAY DIFFRACTION' 199  12.593 15.000 ? ? 
r_dihedral_angle_4_deg   'X-RAY DIFFRACTION' 10   17.631 15.000 ? ? 
r_chiral_restr           'X-RAY DIFFRACTION' 192  0.103  0.200  ? ? 
r_gen_planes_refined     'X-RAY DIFFRACTION' 1488 0.008  0.020  ? ? 
r_gen_planes_other       'X-RAY DIFFRACTION' 263  0.002  0.020  ? ? 
r_nbd_refined            'X-RAY DIFFRACTION' 259  0.225  0.200  ? ? 
r_nbd_other              'X-RAY DIFFRACTION' 940  0.201  0.200  ? ? 
r_nbtor_refined          'X-RAY DIFFRACTION' 635  0.182  0.200  ? ? 
r_nbtor_other            'X-RAY DIFFRACTION' 701  0.087  0.200  ? ? 
r_xyhbond_nbd_refined    'X-RAY DIFFRACTION' 159  0.189  0.200  ? ? 
r_symmetry_vdw_refined   'X-RAY DIFFRACTION' 15   0.176  0.200  ? ? 
r_symmetry_vdw_other     'X-RAY DIFFRACTION' 65   0.356  0.200  ? ? 
r_symmetry_hbond_refined 'X-RAY DIFFRACTION' 21   0.255  0.200  ? ? 
r_mcbond_it              'X-RAY DIFFRACTION' 937  1.893  3.000  ? ? 
r_mcbond_other           'X-RAY DIFFRACTION' 317  0.502  3.000  ? ? 
r_mcangle_it             'X-RAY DIFFRACTION' 1298 2.176  4.000  ? ? 
r_scbond_it              'X-RAY DIFFRACTION' 536  3.079  5.000  ? ? 
r_scangle_it             'X-RAY DIFFRACTION' 454  4.725  6.000  ? ? 
# 
_refine_ls_shell.d_res_high                       1.400 
_refine_ls_shell.d_res_low                        1.436 
_refine_ls_shell.pdbx_total_number_of_bins_used   20 
_refine_ls_shell.percent_reflns_obs               96.450 
_refine_ls_shell.number_reflns_R_work             2342 
_refine_ls_shell.R_factor_all                     ? 
_refine_ls_shell.R_factor_R_work                  0.310 
_refine_ls_shell.R_factor_R_free                  0.413 
_refine_ls_shell.percent_reflns_R_free            ? 
_refine_ls_shell.number_reflns_R_free             129 
_refine_ls_shell.R_factor_R_free_error            ? 
_refine_ls_shell.number_reflns_all                2471 
_refine_ls_shell.number_reflns_obs                ? 
_refine_ls_shell.redundancy_reflns_obs            ? 
_refine_ls_shell.pdbx_refine_id                   'X-RAY DIFFRACTION' 
# 
_struct.entry_id                  3KKG 
_struct.title                     
'Crystal structure of Putative SnoaL-like polyketide cyclase (YP_509242.1) from Jannaschia Sp. CCS1 at 1.40 A resolution' 
_struct.pdbx_model_details        ? 
_struct.pdbx_CASP_flag            ? 
_struct.pdbx_model_type_details   ? 
# 
_struct_keywords.text            
;Putative SnoaL-like polyketide cyclase, Structural Genomics, Joint Center for Structural Genomics, JCSG, Protein Structure Initiative, PSI-2, LYASE
;
_struct_keywords.pdbx_keywords   LYASE 
_struct_keywords.entry_id        3KKG 
# 
loop_
_struct_asym.id 
_struct_asym.pdbx_blank_PDB_chainid_flag 
_struct_asym.pdbx_modified 
_struct_asym.entity_id 
_struct_asym.details 
A N N 1 ? 
B N N 2 ? 
C N N 3 ? 
D N N 3 ? 
E N N 4 ? 
F N N 5 ? 
# 
_struct_ref.id                         1 
_struct_ref.db_name                    UNP 
_struct_ref.db_code                    Q28SU5_JANSC 
_struct_ref.pdbx_db_accession          Q28SU5 
_struct_ref.entity_id                  1 
_struct_ref.pdbx_seq_one_letter_code   
;QDRSPIETQNVETVLRLFDEGWGAQDGWRDVWRETMTPGFRSIFHSNQAVEGIEQAIAFNAVLFEGFPRLEVVVENVTVE
GDNVVVQARLTGAQDGPFLGVPPSGQMVDVPDVTLFTLADGQVIEMRYFTDLLAVMTAISAPPEN
;
_struct_ref.pdbx_align_begin           28 
_struct_ref.pdbx_db_isoform            ? 
# 
_struct_ref_seq.align_id                      1 
_struct_ref_seq.ref_id                        1 
_struct_ref_seq.pdbx_PDB_id_code              3KKG 
_struct_ref_seq.pdbx_strand_id                A 
_struct_ref_seq.seq_align_beg                 2 
_struct_ref_seq.pdbx_seq_align_beg_ins_code   ? 
_struct_ref_seq.seq_align_end                 146 
_struct_ref_seq.pdbx_seq_align_end_ins_code   ? 
_struct_ref_seq.pdbx_db_accession             Q28SU5 
_struct_ref_seq.db_align_beg                  28 
_struct_ref_seq.pdbx_db_align_beg_ins_code    ? 
_struct_ref_seq.db_align_end                  172 
_struct_ref_seq.pdbx_db_align_end_ins_code    ? 
_struct_ref_seq.pdbx_auth_seq_align_beg       28 
_struct_ref_seq.pdbx_auth_seq_align_end       172 
# 
_struct_ref_seq_dif.align_id                     1 
_struct_ref_seq_dif.pdbx_pdb_id_code             3KKG 
_struct_ref_seq_dif.mon_id                       GLY 
_struct_ref_seq_dif.pdbx_pdb_strand_id           A 
_struct_ref_seq_dif.seq_num                      1 
_struct_ref_seq_dif.pdbx_pdb_ins_code            ? 
_struct_ref_seq_dif.pdbx_seq_db_name             UNP 
_struct_ref_seq_dif.pdbx_seq_db_accession_code   Q28SU5 
_struct_ref_seq_dif.db_mon_id                    ? 
_struct_ref_seq_dif.pdbx_seq_db_seq_num          ? 
_struct_ref_seq_dif.details                      'expression tag' 
_struct_ref_seq_dif.pdbx_auth_seq_num            0 
_struct_ref_seq_dif.pdbx_ordinal                 1 
# 
_pdbx_struct_assembly.id                   1 
_pdbx_struct_assembly.details              author_and_software_defined_assembly 
_pdbx_struct_assembly.method_details       PISA 
_pdbx_struct_assembly.oligomeric_details   dimeric 
_pdbx_struct_assembly.oligomeric_count     2 
# 
loop_
_pdbx_struct_assembly_prop.biol_id 
_pdbx_struct_assembly_prop.type 
_pdbx_struct_assembly_prop.value 
_pdbx_struct_assembly_prop.details 
1 'ABSA (A^2)' 4340  ? 
1 MORE         -16   ? 
1 'SSA (A^2)'  13600 ? 
# 
_pdbx_struct_assembly_gen.assembly_id       1 
_pdbx_struct_assembly_gen.oper_expression   1,2 
_pdbx_struct_assembly_gen.asym_id_list      A,B,C,D,E,F 
# 
_pdbx_struct_assembly_auth_evidence.id                     1 
_pdbx_struct_assembly_auth_evidence.assembly_id            1 
_pdbx_struct_assembly_auth_evidence.experimental_support   'gel filtration' 
_pdbx_struct_assembly_auth_evidence.details                ? 
# 
loop_
_pdbx_struct_oper_list.id 
_pdbx_struct_oper_list.type 
_pdbx_struct_oper_list.name 
_pdbx_struct_oper_list.symmetry_operation 
_pdbx_struct_oper_list.matrix[1][1] 
_pdbx_struct_oper_list.matrix[1][2] 
_pdbx_struct_oper_list.matrix[1][3] 
_pdbx_struct_oper_list.vector[1] 
_pdbx_struct_oper_list.matrix[2][1] 
_pdbx_struct_oper_list.matrix[2][2] 
_pdbx_struct_oper_list.matrix[2][3] 
_pdbx_struct_oper_list.vector[2] 
_pdbx_struct_oper_list.matrix[3][1] 
_pdbx_struct_oper_list.matrix[3][2] 
_pdbx_struct_oper_list.matrix[3][3] 
_pdbx_struct_oper_list.vector[3] 
1 'identity operation'         1_555  x,y,z            1.0000000000  0.0000000000  0.0000000000 0.0000000000   0.0000000000  1.0000000000 0.0000000000  0.0000000000   0.0000000000 0.0000000000  1.0000000000  0.0000000000  
2 'crystal symmetry operation' 10_665 -y+1,-x+1,-z+1/6 -0.4524586824 -0.7537369468 0.4766148925 -16.7098435873 -0.7537369468 0.0375826750 -0.6561007222 -15.2833744292 0.4766148925 -0.6561007222 -0.5851239926 -4.9732273210 
# 
_struct_biol.id        1 
_struct_biol.details   
;ANALYTICAL SIZE EXCLUSION CHROMATOGRAPHY SUPPORTS THE
ASSIGNMENT OF A DIMER AS A SIGNIFICANT OLIGOMERIZATION STATE IN
SOLUTION.
;
# 
loop_
_struct_conf.conf_type_id 
_struct_conf.id 
_struct_conf.pdbx_PDB_helix_id 
_struct_conf.beg_label_comp_id 
_struct_conf.beg_label_asym_id 
_struct_conf.beg_label_seq_id 
_struct_conf.pdbx_beg_PDB_ins_code 
_struct_conf.end_label_comp_id 
_struct_conf.end_label_asym_id 
_struct_conf.end_label_seq_id 
_struct_conf.pdbx_end_PDB_ins_code 
_struct_conf.beg_auth_comp_id 
_struct_conf.beg_auth_asym_id 
_struct_conf.beg_auth_seq_id 
_struct_conf.end_auth_comp_id 
_struct_conf.end_auth_asym_id 
_struct_conf.end_auth_seq_id 
_struct_conf.pdbx_PDB_helix_class 
_struct_conf.details 
_struct_conf.pdbx_PDB_helix_length 
HELX_P HELX_P1 1 SER A 5   ? ARG A 17  ? SER A 31  ARG A 43  1 ? 13 
HELX_P HELX_P2 2 LEU A 18  ? ASP A 20  ? LEU A 44  ASP A 46  5 ? 3  
HELX_P HELX_P3 3 GLY A 28  ? THR A 36  ? GLY A 54  THR A 62  1 ? 9  
HELX_P HELX_P4 4 GLY A 53  ? PHE A 68  ? GLY A 79  PHE A 94  1 ? 16 
HELX_P HELX_P5 5 ASP A 132 ? SER A 141 ? ASP A 158 SER A 167 1 ? 10 
# 
_struct_conf_type.id          HELX_P 
_struct_conf_type.criteria    ? 
_struct_conf_type.reference   ? 
# 
loop_
_struct_conn.id 
_struct_conn.conn_type_id 
_struct_conn.pdbx_leaving_atom_flag 
_struct_conn.pdbx_PDB_id 
_struct_conn.ptnr1_label_asym_id 
_struct_conn.ptnr1_label_comp_id 
_struct_conn.ptnr1_label_seq_id 
_struct_conn.ptnr1_label_atom_id 
_struct_conn.pdbx_ptnr1_label_alt_id 
_struct_conn.pdbx_ptnr1_PDB_ins_code 
_struct_conn.pdbx_ptnr1_standard_comp_id 
_struct_conn.ptnr1_symmetry 
_struct_conn.ptnr2_label_asym_id 
_struct_conn.ptnr2_label_comp_id 
_struct_conn.ptnr2_label_seq_id 
_struct_conn.ptnr2_label_atom_id 
_struct_conn.pdbx_ptnr2_label_alt_id 
_struct_conn.pdbx_ptnr2_PDB_ins_code 
_struct_conn.ptnr1_auth_asym_id 
_struct_conn.ptnr1_auth_comp_id 
_struct_conn.ptnr1_auth_seq_id 
_struct_conn.ptnr2_auth_asym_id 
_struct_conn.ptnr2_auth_comp_id 
_struct_conn.ptnr2_auth_seq_id 
_struct_conn.ptnr2_symmetry 
_struct_conn.pdbx_ptnr3_label_atom_id 
_struct_conn.pdbx_ptnr3_label_seq_id 
_struct_conn.pdbx_ptnr3_label_comp_id 
_struct_conn.pdbx_ptnr3_label_asym_id 
_struct_conn.pdbx_ptnr3_label_alt_id 
_struct_conn.pdbx_ptnr3_PDB_ins_code 
_struct_conn.details 
_struct_conn.pdbx_dist_value 
_struct_conn.pdbx_value_order 
_struct_conn.pdbx_role 
covale1  covale both ? A THR 36  C ? ? ? 1_555 A MSE 37  N A ? A THR 62  A MSE 63  1_555 ? ? ? ? ? ? ? 1.337 ? ? 
covale2  covale both ? A THR 36  C ? ? ? 1_555 A MSE 37  N B ? A THR 62  A MSE 63  1_555 ? ? ? ? ? ? ? 1.314 ? ? 
covale3  covale both ? A MSE 37  C A ? ? 1_555 A THR 38  N ? ? A MSE 63  A THR 64  1_555 ? ? ? ? ? ? ? 1.333 ? ? 
covale4  covale both ? A MSE 37  C B ? ? 1_555 A THR 38  N ? ? A MSE 63  A THR 64  1_555 ? ? ? ? ? ? ? 1.326 ? ? 
covale5  covale both ? A GLN 107 C A ? ? 1_555 A MSE 108 N A ? A GLN 133 A MSE 134 1_555 ? ? ? ? ? ? ? 1.321 ? ? 
covale6  covale both ? A GLN 107 C B ? ? 1_555 A MSE 108 N B ? A GLN 133 A MSE 134 1_555 ? ? ? ? ? ? ? 1.333 ? ? 
covale7  covale both ? A MSE 108 C A ? ? 1_555 A VAL 109 N ? ? A MSE 134 A VAL 135 1_555 ? ? ? ? ? ? ? 1.325 ? ? 
covale8  covale both ? A MSE 108 C B ? ? 1_555 A VAL 109 N ? ? A MSE 134 A VAL 135 1_555 ? ? ? ? ? ? ? 1.348 ? ? 
covale9  covale both ? A GLU 126 C ? ? ? 1_555 A MSE 127 N ? ? A GLU 152 A MSE 153 1_555 ? ? ? ? ? ? ? 1.322 ? ? 
covale10 covale both ? A MSE 127 C ? ? ? 1_555 A ARG 128 N ? ? A MSE 153 A ARG 154 1_555 ? ? ? ? ? ? ? 1.330 ? ? 
covale11 covale both ? A VAL 136 C ? ? ? 1_555 A MSE 137 N ? ? A VAL 162 A MSE 163 1_555 ? ? ? ? ? ? ? 1.323 ? ? 
covale12 covale both ? A MSE 137 C ? ? ? 1_555 A THR 138 N ? ? A MSE 163 A THR 164 1_555 ? ? ? ? ? ? ? 1.329 ? ? 
# 
_struct_conn_type.id          covale 
_struct_conn_type.criteria    ? 
_struct_conn_type.reference   ? 
# 
loop_
_pdbx_modification_feature.ordinal 
_pdbx_modification_feature.label_comp_id 
_pdbx_modification_feature.label_asym_id 
_pdbx_modification_feature.label_seq_id 
_pdbx_modification_feature.label_alt_id 
_pdbx_modification_feature.modified_residue_label_comp_id 
_pdbx_modification_feature.modified_residue_label_asym_id 
_pdbx_modification_feature.modified_residue_label_seq_id 
_pdbx_modification_feature.modified_residue_label_alt_id 
_pdbx_modification_feature.auth_comp_id 
_pdbx_modification_feature.auth_asym_id 
_pdbx_modification_feature.auth_seq_id 
_pdbx_modification_feature.PDB_ins_code 
_pdbx_modification_feature.symmetry 
_pdbx_modification_feature.modified_residue_auth_comp_id 
_pdbx_modification_feature.modified_residue_auth_asym_id 
_pdbx_modification_feature.modified_residue_auth_seq_id 
_pdbx_modification_feature.modified_residue_PDB_ins_code 
_pdbx_modification_feature.modified_residue_symmetry 
_pdbx_modification_feature.comp_id_linking_atom 
_pdbx_modification_feature.modified_residue_id_linking_atom 
_pdbx_modification_feature.modified_residue_id 
_pdbx_modification_feature.ref_pcm_id 
_pdbx_modification_feature.ref_comp_id 
_pdbx_modification_feature.type 
_pdbx_modification_feature.category 
1 MSE A 37  A . . . . MSE A 63  ? 1_555 . . . . . . . MET 1 MSE Selenomethionine 'Named protein modification' 
2 MSE A 37  B . . . . MSE A 63  ? 1_555 . . . . . . . MET 1 MSE Selenomethionine 'Named protein modification' 
3 MSE A 108 A . . . . MSE A 134 ? 1_555 . . . . . . . MET 1 MSE Selenomethionine 'Named protein modification' 
4 MSE A 108 B . . . . MSE A 134 ? 1_555 . . . . . . . MET 1 MSE Selenomethionine 'Named protein modification' 
5 MSE A 127 ? . . . . MSE A 153 ? 1_555 . . . . . . . MET 1 MSE Selenomethionine 'Named protein modification' 
6 MSE A 137 ? . . . . MSE A 163 ? 1_555 . . . . . . . MET 1 MSE Selenomethionine 'Named protein modification' 
# 
_struct_sheet.id               A 
_struct_sheet.type             ? 
_struct_sheet.number_strands   6 
_struct_sheet.details          ? 
# 
loop_
_struct_sheet_order.sheet_id 
_struct_sheet_order.range_id_1 
_struct_sheet_order.range_id_2 
_struct_sheet_order.offset 
_struct_sheet_order.sense 
A 1 2 ? anti-parallel 
A 2 3 ? parallel      
A 3 4 ? anti-parallel 
A 4 5 ? anti-parallel 
A 5 6 ? anti-parallel 
# 
loop_
_struct_sheet_range.sheet_id 
_struct_sheet_range.id 
_struct_sheet_range.beg_label_comp_id 
_struct_sheet_range.beg_label_asym_id 
_struct_sheet_range.beg_label_seq_id 
_struct_sheet_range.pdbx_beg_PDB_ins_code 
_struct_sheet_range.end_label_comp_id 
_struct_sheet_range.end_label_asym_id 
_struct_sheet_range.end_label_seq_id 
_struct_sheet_range.pdbx_end_PDB_ins_code 
_struct_sheet_range.beg_auth_comp_id 
_struct_sheet_range.beg_auth_asym_id 
_struct_sheet_range.beg_auth_seq_id 
_struct_sheet_range.end_auth_comp_id 
_struct_sheet_range.end_auth_asym_id 
_struct_sheet_range.end_auth_seq_id 
A 1 VAL A 51  ? GLU A 52  ? VAL A 77  GLU A 78  
A 2 MSE A 37  ? PHE A 45  ? MSE A 63  PHE A 71  
A 3 GLN A 123 ? THR A 131 ? GLN A 149 THR A 157 
A 4 MSE A 108 ? ALA A 120 ? MSE A 134 ALA A 146 
A 5 ASN A 84  ? ALA A 94  ? ASN A 110 ALA A 120 
A 6 GLU A 72  ? GLU A 81  ? GLU A 98  GLU A 107 
# 
loop_
_pdbx_struct_sheet_hbond.sheet_id 
_pdbx_struct_sheet_hbond.range_id_1 
_pdbx_struct_sheet_hbond.range_id_2 
_pdbx_struct_sheet_hbond.range_1_label_atom_id 
_pdbx_struct_sheet_hbond.range_1_label_comp_id 
_pdbx_struct_sheet_hbond.range_1_label_asym_id 
_pdbx_struct_sheet_hbond.range_1_label_seq_id 
_pdbx_struct_sheet_hbond.range_1_PDB_ins_code 
_pdbx_struct_sheet_hbond.range_1_auth_atom_id 
_pdbx_struct_sheet_hbond.range_1_auth_comp_id 
_pdbx_struct_sheet_hbond.range_1_auth_asym_id 
_pdbx_struct_sheet_hbond.range_1_auth_seq_id 
_pdbx_struct_sheet_hbond.range_2_label_atom_id 
_pdbx_struct_sheet_hbond.range_2_label_comp_id 
_pdbx_struct_sheet_hbond.range_2_label_asym_id 
_pdbx_struct_sheet_hbond.range_2_label_seq_id 
_pdbx_struct_sheet_hbond.range_2_PDB_ins_code 
_pdbx_struct_sheet_hbond.range_2_auth_atom_id 
_pdbx_struct_sheet_hbond.range_2_auth_comp_id 
_pdbx_struct_sheet_hbond.range_2_auth_asym_id 
_pdbx_struct_sheet_hbond.range_2_auth_seq_id 
A 1 2 O VAL A 51  ? O VAL A 77  N SER A 43  ? N SER A 69  
A 2 3 N ILE A 44  ? N ILE A 70  O MSE A 127 ? O MSE A 153 
A 3 4 O ARG A 128 ? O ARG A 154 N LEU A 116 ? N LEU A 142 
A 4 5 O PHE A 117 ? O PHE A 143 N VAL A 85  ? N VAL A 111 
A 5 6 O GLN A 88  ? O GLN A 114 N GLU A 76  ? N GLU A 102 
# 
loop_
_struct_site.id 
_struct_site.pdbx_evidence_code 
_struct_site.pdbx_auth_asym_id 
_struct_site.pdbx_auth_comp_id 
_struct_site.pdbx_auth_seq_id 
_struct_site.pdbx_auth_ins_code 
_struct_site.pdbx_num_residues 
_struct_site.details 
AC1 Software A CL  201 ? 4 'BINDING SITE FOR RESIDUE CL A 201'  
AC2 Software A PEG 202 ? 2 'BINDING SITE FOR RESIDUE PEG A 202' 
AC3 Software A PEG 203 ? 9 'BINDING SITE FOR RESIDUE PEG A 203' 
AC4 Software A PGE 204 ? 3 'BINDING SITE FOR RESIDUE PGE A 204' 
# 
loop_
_struct_site_gen.id 
_struct_site_gen.site_id 
_struct_site_gen.pdbx_num_res 
_struct_site_gen.label_comp_id 
_struct_site_gen.label_asym_id 
_struct_site_gen.label_seq_id 
_struct_site_gen.pdbx_auth_ins_code 
_struct_site_gen.auth_comp_id 
_struct_site_gen.auth_asym_id 
_struct_site_gen.auth_seq_id 
_struct_site_gen.label_atom_id 
_struct_site_gen.label_alt_id 
_struct_site_gen.symmetry 
_struct_site_gen.details 
1  AC1 4 GLY A 28  ? GLY A 54  . ? 1_555  ? 
2  AC1 4 TRP A 29  ? TRP A 55  . ? 1_555  ? 
3  AC1 4 ARG A 30  ? ARG A 56  . ? 1_555  ? 
4  AC1 4 HOH F .   ? HOH A 516 . ? 1_555  ? 
5  AC2 2 TYR A 129 ? TYR A 155 . ? 1_555  ? 
6  AC2 2 HOH F .   ? HOH A 440 . ? 1_555  ? 
7  AC3 9 GLY A 1   ? GLY A 0   . ? 10_665 ? 
8  AC3 9 GLN A 2   ? GLN A 28  . ? 10_665 ? 
9  AC3 9 SER A 5   ? SER A 31  . ? 1_555  ? 
10 AC3 9 GLU A 8   ? GLU A 34  . ? 1_555  ? 
11 AC3 9 ARG A 70  ? ARG A 96  . ? 5_565  ? 
12 AC3 9 GLY A 82  ? GLY A 108 . ? 1_555  ? 
13 AC3 9 HOH F .   ? HOH A 449 . ? 1_555  ? 
14 AC3 9 HOH F .   ? HOH A 475 . ? 1_555  ? 
15 AC3 9 HOH F .   ? HOH A 546 . ? 1_555  ? 
16 AC4 3 ASN A 48  ? ASN A 74  . ? 1_555  ? 
17 AC4 3 PHE A 60  ? PHE A 86  . ? 1_555  ? 
18 AC4 3 LEU A 100 ? LEU A 126 . ? 1_555  ? 
# 
_pdbx_entry_details.entry_id                   3KKG 
_pdbx_entry_details.compound_details           ? 
_pdbx_entry_details.source_details             ? 
_pdbx_entry_details.nonpolymer_details         ? 
_pdbx_entry_details.sequence_details           
;THE CONSTRUCT (28-172) WAS EXPRESSED WITH A PURIFICATION TAG MGSDKIHHHHHHENLYFQG. THE TAG WAS REMOVED WITH TEV PROTEASE LEAVING ONLY A GLYCINE (0) FOLLOWED BY THE TARGET SEQUENCE.
;
_pdbx_entry_details.has_ligand_of_interest     ? 
_pdbx_entry_details.has_protein_modification   Y 
# 
loop_
_pdbx_validate_torsion.id 
_pdbx_validate_torsion.PDB_model_num 
_pdbx_validate_torsion.auth_comp_id 
_pdbx_validate_torsion.auth_asym_id 
_pdbx_validate_torsion.auth_seq_id 
_pdbx_validate_torsion.PDB_ins_code 
_pdbx_validate_torsion.label_alt_id 
_pdbx_validate_torsion.phi 
_pdbx_validate_torsion.psi 
1 1 ASP A 46  ? ? -130.28 -95.47  
2 1 HIS A 72  ? ? 54.89   -129.90 
3 1 THR A 157 ? ? -128.92 -168.00 
# 
_pdbx_SG_project.project_name          'PSI, Protein Structure Initiative' 
_pdbx_SG_project.full_name_of_center   'Joint Center for Structural Genomics' 
_pdbx_SG_project.id                    1 
_pdbx_SG_project.initial_of_center     JCSG 
# 
loop_
_pdbx_struct_mod_residue.id 
_pdbx_struct_mod_residue.label_asym_id 
_pdbx_struct_mod_residue.label_comp_id 
_pdbx_struct_mod_residue.label_seq_id 
_pdbx_struct_mod_residue.auth_asym_id 
_pdbx_struct_mod_residue.auth_comp_id 
_pdbx_struct_mod_residue.auth_seq_id 
_pdbx_struct_mod_residue.PDB_ins_code 
_pdbx_struct_mod_residue.parent_comp_id 
_pdbx_struct_mod_residue.details 
1 A MSE 37  A MSE 63  ? MET SELENOMETHIONINE 
2 A MSE 108 A MSE 134 ? MET SELENOMETHIONINE 
3 A MSE 127 A MSE 153 ? MET SELENOMETHIONINE 
4 A MSE 137 A MSE 163 ? MET SELENOMETHIONINE 
# 
loop_
_pdbx_struct_special_symmetry.id 
_pdbx_struct_special_symmetry.PDB_model_num 
_pdbx_struct_special_symmetry.auth_asym_id 
_pdbx_struct_special_symmetry.auth_comp_id 
_pdbx_struct_special_symmetry.auth_seq_id 
_pdbx_struct_special_symmetry.PDB_ins_code 
_pdbx_struct_special_symmetry.label_asym_id 
_pdbx_struct_special_symmetry.label_comp_id 
_pdbx_struct_special_symmetry.label_seq_id 
1 1 A HOH 205 ? F HOH . 
2 1 A HOH 210 ? F HOH . 
# 
_pdbx_refine_tls.pdbx_refine_id   'X-RAY DIFFRACTION' 
_pdbx_refine_tls.id               1 
_pdbx_refine_tls.details          ? 
_pdbx_refine_tls.method           refined 
_pdbx_refine_tls.origin_x         -0.1919 
_pdbx_refine_tls.origin_y         0.2970 
_pdbx_refine_tls.origin_z         0.0253 
_pdbx_refine_tls.T[1][1]          -0.0172 
_pdbx_refine_tls.T[2][2]          -0.0497 
_pdbx_refine_tls.T[3][3]          -0.0746 
_pdbx_refine_tls.T[1][2]          -0.0621 
_pdbx_refine_tls.T[1][3]          -0.0468 
_pdbx_refine_tls.T[2][3]          0.0390 
_pdbx_refine_tls.L[1][1]          2.4643 
_pdbx_refine_tls.L[2][2]          1.3563 
_pdbx_refine_tls.L[3][3]          0.8827 
_pdbx_refine_tls.L[1][2]          -0.8036 
_pdbx_refine_tls.L[1][3]          0.5129 
_pdbx_refine_tls.L[2][3]          -0.8665 
_pdbx_refine_tls.S[1][1]          -0.0964 
_pdbx_refine_tls.S[2][2]          -0.1107 
_pdbx_refine_tls.S[3][3]          0.2071 
_pdbx_refine_tls.S[1][2]          0.1222 
_pdbx_refine_tls.S[1][3]          0.2086 
_pdbx_refine_tls.S[2][3]          -0.1580 
_pdbx_refine_tls.S[2][1]          0.3355 
_pdbx_refine_tls.S[3][1]          -0.2888 
_pdbx_refine_tls.S[3][2]          0.1749 
# 
_pdbx_refine_tls_group.pdbx_refine_id      'X-RAY DIFFRACTION' 
_pdbx_refine_tls_group.id                  1 
_pdbx_refine_tls_group.refine_tls_id       1 
_pdbx_refine_tls_group.beg_auth_asym_id    A 
_pdbx_refine_tls_group.beg_auth_seq_id     0 
_pdbx_refine_tls_group.end_auth_asym_id    A 
_pdbx_refine_tls_group.end_auth_seq_id     170 
_pdbx_refine_tls_group.selection_details   ? 
_pdbx_refine_tls_group.beg_label_asym_id   . 
_pdbx_refine_tls_group.beg_label_seq_id    . 
_pdbx_refine_tls_group.end_label_asym_id   . 
_pdbx_refine_tls_group.end_label_seq_id    . 
_pdbx_refine_tls_group.selection           ? 
# 
_phasing.method   MAD 
# 
loop_
_pdbx_unobs_or_zero_occ_residues.id 
_pdbx_unobs_or_zero_occ_residues.PDB_model_num 
_pdbx_unobs_or_zero_occ_residues.polymer_flag 
_pdbx_unobs_or_zero_occ_residues.occupancy_flag 
_pdbx_unobs_or_zero_occ_residues.auth_asym_id 
_pdbx_unobs_or_zero_occ_residues.auth_comp_id 
_pdbx_unobs_or_zero_occ_residues.auth_seq_id 
_pdbx_unobs_or_zero_occ_residues.PDB_ins_code 
_pdbx_unobs_or_zero_occ_residues.label_asym_id 
_pdbx_unobs_or_zero_occ_residues.label_comp_id 
_pdbx_unobs_or_zero_occ_residues.label_seq_id 
1 1 Y 1 A GLU 171 ? A GLU 145 
2 1 Y 1 A ASN 172 ? A ASN 146 
# 
loop_
_chem_comp_atom.comp_id 
_chem_comp_atom.atom_id 
_chem_comp_atom.type_symbol 
_chem_comp_atom.pdbx_aromatic_flag 
_chem_comp_atom.pdbx_stereo_config 
_chem_comp_atom.pdbx_ordinal 
ALA N    N  N N 1   
ALA CA   C  N S 2   
ALA C    C  N N 3   
ALA O    O  N N 4   
ALA CB   C  N N 5   
ALA OXT  O  N N 6   
ALA H    H  N N 7   
ALA H2   H  N N 8   
ALA HA   H  N N 9   
ALA HB1  H  N N 10  
ALA HB2  H  N N 11  
ALA HB3  H  N N 12  
ALA HXT  H  N N 13  
ARG N    N  N N 14  
ARG CA   C  N S 15  
ARG C    C  N N 16  
ARG O    O  N N 17  
ARG CB   C  N N 18  
ARG CG   C  N N 19  
ARG CD   C  N N 20  
ARG NE   N  N N 21  
ARG CZ   C  N N 22  
ARG NH1  N  N N 23  
ARG NH2  N  N N 24  
ARG OXT  O  N N 25  
ARG H    H  N N 26  
ARG H2   H  N N 27  
ARG HA   H  N N 28  
ARG HB2  H  N N 29  
ARG HB3  H  N N 30  
ARG HG2  H  N N 31  
ARG HG3  H  N N 32  
ARG HD2  H  N N 33  
ARG HD3  H  N N 34  
ARG HE   H  N N 35  
ARG HH11 H  N N 36  
ARG HH12 H  N N 37  
ARG HH21 H  N N 38  
ARG HH22 H  N N 39  
ARG HXT  H  N N 40  
ASN N    N  N N 41  
ASN CA   C  N S 42  
ASN C    C  N N 43  
ASN O    O  N N 44  
ASN CB   C  N N 45  
ASN CG   C  N N 46  
ASN OD1  O  N N 47  
ASN ND2  N  N N 48  
ASN OXT  O  N N 49  
ASN H    H  N N 50  
ASN H2   H  N N 51  
ASN HA   H  N N 52  
ASN HB2  H  N N 53  
ASN HB3  H  N N 54  
ASN HD21 H  N N 55  
ASN HD22 H  N N 56  
ASN HXT  H  N N 57  
ASP N    N  N N 58  
ASP CA   C  N S 59  
ASP C    C  N N 60  
ASP O    O  N N 61  
ASP CB   C  N N 62  
ASP CG   C  N N 63  
ASP OD1  O  N N 64  
ASP OD2  O  N N 65  
ASP OXT  O  N N 66  
ASP H    H  N N 67  
ASP H2   H  N N 68  
ASP HA   H  N N 69  
ASP HB2  H  N N 70  
ASP HB3  H  N N 71  
ASP HD2  H  N N 72  
ASP HXT  H  N N 73  
CL  CL   CL N N 74  
GLN N    N  N N 75  
GLN CA   C  N S 76  
GLN C    C  N N 77  
GLN O    O  N N 78  
GLN CB   C  N N 79  
GLN CG   C  N N 80  
GLN CD   C  N N 81  
GLN OE1  O  N N 82  
GLN NE2  N  N N 83  
GLN OXT  O  N N 84  
GLN H    H  N N 85  
GLN H2   H  N N 86  
GLN HA   H  N N 87  
GLN HB2  H  N N 88  
GLN HB3  H  N N 89  
GLN HG2  H  N N 90  
GLN HG3  H  N N 91  
GLN HE21 H  N N 92  
GLN HE22 H  N N 93  
GLN HXT  H  N N 94  
GLU N    N  N N 95  
GLU CA   C  N S 96  
GLU C    C  N N 97  
GLU O    O  N N 98  
GLU CB   C  N N 99  
GLU CG   C  N N 100 
GLU CD   C  N N 101 
GLU OE1  O  N N 102 
GLU OE2  O  N N 103 
GLU OXT  O  N N 104 
GLU H    H  N N 105 
GLU H2   H  N N 106 
GLU HA   H  N N 107 
GLU HB2  H  N N 108 
GLU HB3  H  N N 109 
GLU HG2  H  N N 110 
GLU HG3  H  N N 111 
GLU HE2  H  N N 112 
GLU HXT  H  N N 113 
GLY N    N  N N 114 
GLY CA   C  N N 115 
GLY C    C  N N 116 
GLY O    O  N N 117 
GLY OXT  O  N N 118 
GLY H    H  N N 119 
GLY H2   H  N N 120 
GLY HA2  H  N N 121 
GLY HA3  H  N N 122 
GLY HXT  H  N N 123 
HIS N    N  N N 124 
HIS CA   C  N S 125 
HIS C    C  N N 126 
HIS O    O  N N 127 
HIS CB   C  N N 128 
HIS CG   C  Y N 129 
HIS ND1  N  Y N 130 
HIS CD2  C  Y N 131 
HIS CE1  C  Y N 132 
HIS NE2  N  Y N 133 
HIS OXT  O  N N 134 
HIS H    H  N N 135 
HIS H2   H  N N 136 
HIS HA   H  N N 137 
HIS HB2  H  N N 138 
HIS HB3  H  N N 139 
HIS HD1  H  N N 140 
HIS HD2  H  N N 141 
HIS HE1  H  N N 142 
HIS HE2  H  N N 143 
HIS HXT  H  N N 144 
HOH O    O  N N 145 
HOH H1   H  N N 146 
HOH H2   H  N N 147 
ILE N    N  N N 148 
ILE CA   C  N S 149 
ILE C    C  N N 150 
ILE O    O  N N 151 
ILE CB   C  N S 152 
ILE CG1  C  N N 153 
ILE CG2  C  N N 154 
ILE CD1  C  N N 155 
ILE OXT  O  N N 156 
ILE H    H  N N 157 
ILE H2   H  N N 158 
ILE HA   H  N N 159 
ILE HB   H  N N 160 
ILE HG12 H  N N 161 
ILE HG13 H  N N 162 
ILE HG21 H  N N 163 
ILE HG22 H  N N 164 
ILE HG23 H  N N 165 
ILE HD11 H  N N 166 
ILE HD12 H  N N 167 
ILE HD13 H  N N 168 
ILE HXT  H  N N 169 
LEU N    N  N N 170 
LEU CA   C  N S 171 
LEU C    C  N N 172 
LEU O    O  N N 173 
LEU CB   C  N N 174 
LEU CG   C  N N 175 
LEU CD1  C  N N 176 
LEU CD2  C  N N 177 
LEU OXT  O  N N 178 
LEU H    H  N N 179 
LEU H2   H  N N 180 
LEU HA   H  N N 181 
LEU HB2  H  N N 182 
LEU HB3  H  N N 183 
LEU HG   H  N N 184 
LEU HD11 H  N N 185 
LEU HD12 H  N N 186 
LEU HD13 H  N N 187 
LEU HD21 H  N N 188 
LEU HD22 H  N N 189 
LEU HD23 H  N N 190 
LEU HXT  H  N N 191 
MSE N    N  N N 192 
MSE CA   C  N S 193 
MSE C    C  N N 194 
MSE O    O  N N 195 
MSE OXT  O  N N 196 
MSE CB   C  N N 197 
MSE CG   C  N N 198 
MSE SE   SE N N 199 
MSE CE   C  N N 200 
MSE H    H  N N 201 
MSE H2   H  N N 202 
MSE HA   H  N N 203 
MSE HXT  H  N N 204 
MSE HB2  H  N N 205 
MSE HB3  H  N N 206 
MSE HG2  H  N N 207 
MSE HG3  H  N N 208 
MSE HE1  H  N N 209 
MSE HE2  H  N N 210 
MSE HE3  H  N N 211 
PEG C1   C  N N 212 
PEG O1   O  N N 213 
PEG C2   C  N N 214 
PEG O2   O  N N 215 
PEG C3   C  N N 216 
PEG C4   C  N N 217 
PEG O4   O  N N 218 
PEG H11  H  N N 219 
PEG H12  H  N N 220 
PEG HO1  H  N N 221 
PEG H21  H  N N 222 
PEG H22  H  N N 223 
PEG H31  H  N N 224 
PEG H32  H  N N 225 
PEG H41  H  N N 226 
PEG H42  H  N N 227 
PEG HO4  H  N N 228 
PGE C1   C  N N 229 
PGE O1   O  N N 230 
PGE C2   C  N N 231 
PGE O2   O  N N 232 
PGE C3   C  N N 233 
PGE C4   C  N N 234 
PGE O4   O  N N 235 
PGE C6   C  N N 236 
PGE C5   C  N N 237 
PGE O3   O  N N 238 
PGE H1   H  N N 239 
PGE H12  H  N N 240 
PGE HO1  H  N N 241 
PGE H2   H  N N 242 
PGE H22  H  N N 243 
PGE H3   H  N N 244 
PGE H32  H  N N 245 
PGE H4   H  N N 246 
PGE H42  H  N N 247 
PGE HO4  H  N N 248 
PGE H6   H  N N 249 
PGE H62  H  N N 250 
PGE H5   H  N N 251 
PGE H52  H  N N 252 
PHE N    N  N N 253 
PHE CA   C  N S 254 
PHE C    C  N N 255 
PHE O    O  N N 256 
PHE CB   C  N N 257 
PHE CG   C  Y N 258 
PHE CD1  C  Y N 259 
PHE CD2  C  Y N 260 
PHE CE1  C  Y N 261 
PHE CE2  C  Y N 262 
PHE CZ   C  Y N 263 
PHE OXT  O  N N 264 
PHE H    H  N N 265 
PHE H2   H  N N 266 
PHE HA   H  N N 267 
PHE HB2  H  N N 268 
PHE HB3  H  N N 269 
PHE HD1  H  N N 270 
PHE HD2  H  N N 271 
PHE HE1  H  N N 272 
PHE HE2  H  N N 273 
PHE HZ   H  N N 274 
PHE HXT  H  N N 275 
PRO N    N  N N 276 
PRO CA   C  N S 277 
PRO C    C  N N 278 
PRO O    O  N N 279 
PRO CB   C  N N 280 
PRO CG   C  N N 281 
PRO CD   C  N N 282 
PRO OXT  O  N N 283 
PRO H    H  N N 284 
PRO HA   H  N N 285 
PRO HB2  H  N N 286 
PRO HB3  H  N N 287 
PRO HG2  H  N N 288 
PRO HG3  H  N N 289 
PRO HD2  H  N N 290 
PRO HD3  H  N N 291 
PRO HXT  H  N N 292 
SER N    N  N N 293 
SER CA   C  N S 294 
SER C    C  N N 295 
SER O    O  N N 296 
SER CB   C  N N 297 
SER OG   O  N N 298 
SER OXT  O  N N 299 
SER H    H  N N 300 
SER H2   H  N N 301 
SER HA   H  N N 302 
SER HB2  H  N N 303 
SER HB3  H  N N 304 
SER HG   H  N N 305 
SER HXT  H  N N 306 
THR N    N  N N 307 
THR CA   C  N S 308 
THR C    C  N N 309 
THR O    O  N N 310 
THR CB   C  N R 311 
THR OG1  O  N N 312 
THR CG2  C  N N 313 
THR OXT  O  N N 314 
THR H    H  N N 315 
THR H2   H  N N 316 
THR HA   H  N N 317 
THR HB   H  N N 318 
THR HG1  H  N N 319 
THR HG21 H  N N 320 
THR HG22 H  N N 321 
THR HG23 H  N N 322 
THR HXT  H  N N 323 
TRP N    N  N N 324 
TRP CA   C  N S 325 
TRP C    C  N N 326 
TRP O    O  N N 327 
TRP CB   C  N N 328 
TRP CG   C  Y N 329 
TRP CD1  C  Y N 330 
TRP CD2  C  Y N 331 
TRP NE1  N  Y N 332 
TRP CE2  C  Y N 333 
TRP CE3  C  Y N 334 
TRP CZ2  C  Y N 335 
TRP CZ3  C  Y N 336 
TRP CH2  C  Y N 337 
TRP OXT  O  N N 338 
TRP H    H  N N 339 
TRP H2   H  N N 340 
TRP HA   H  N N 341 
TRP HB2  H  N N 342 
TRP HB3  H  N N 343 
TRP HD1  H  N N 344 
TRP HE1  H  N N 345 
TRP HE3  H  N N 346 
TRP HZ2  H  N N 347 
TRP HZ3  H  N N 348 
TRP HH2  H  N N 349 
TRP HXT  H  N N 350 
TYR N    N  N N 351 
TYR CA   C  N S 352 
TYR C    C  N N 353 
TYR O    O  N N 354 
TYR CB   C  N N 355 
TYR CG   C  Y N 356 
TYR CD1  C  Y N 357 
TYR CD2  C  Y N 358 
TYR CE1  C  Y N 359 
TYR CE2  C  Y N 360 
TYR CZ   C  Y N 361 
TYR OH   O  N N 362 
TYR OXT  O  N N 363 
TYR H    H  N N 364 
TYR H2   H  N N 365 
TYR HA   H  N N 366 
TYR HB2  H  N N 367 
TYR HB3  H  N N 368 
TYR HD1  H  N N 369 
TYR HD2  H  N N 370 
TYR HE1  H  N N 371 
TYR HE2  H  N N 372 
TYR HH   H  N N 373 
TYR HXT  H  N N 374 
VAL N    N  N N 375 
VAL CA   C  N S 376 
VAL C    C  N N 377 
VAL O    O  N N 378 
VAL CB   C  N N 379 
VAL CG1  C  N N 380 
VAL CG2  C  N N 381 
VAL OXT  O  N N 382 
VAL H    H  N N 383 
VAL H2   H  N N 384 
VAL HA   H  N N 385 
VAL HB   H  N N 386 
VAL HG11 H  N N 387 
VAL HG12 H  N N 388 
VAL HG13 H  N N 389 
VAL HG21 H  N N 390 
VAL HG22 H  N N 391 
VAL HG23 H  N N 392 
VAL HXT  H  N N 393 
# 
loop_
_chem_comp_bond.comp_id 
_chem_comp_bond.atom_id_1 
_chem_comp_bond.atom_id_2 
_chem_comp_bond.value_order 
_chem_comp_bond.pdbx_aromatic_flag 
_chem_comp_bond.pdbx_stereo_config 
_chem_comp_bond.pdbx_ordinal 
ALA N   CA   sing N N 1   
ALA N   H    sing N N 2   
ALA N   H2   sing N N 3   
ALA CA  C    sing N N 4   
ALA CA  CB   sing N N 5   
ALA CA  HA   sing N N 6   
ALA C   O    doub N N 7   
ALA C   OXT  sing N N 8   
ALA CB  HB1  sing N N 9   
ALA CB  HB2  sing N N 10  
ALA CB  HB3  sing N N 11  
ALA OXT HXT  sing N N 12  
ARG N   CA   sing N N 13  
ARG N   H    sing N N 14  
ARG N   H2   sing N N 15  
ARG CA  C    sing N N 16  
ARG CA  CB   sing N N 17  
ARG CA  HA   sing N N 18  
ARG C   O    doub N N 19  
ARG C   OXT  sing N N 20  
ARG CB  CG   sing N N 21  
ARG CB  HB2  sing N N 22  
ARG CB  HB3  sing N N 23  
ARG CG  CD   sing N N 24  
ARG CG  HG2  sing N N 25  
ARG CG  HG3  sing N N 26  
ARG CD  NE   sing N N 27  
ARG CD  HD2  sing N N 28  
ARG CD  HD3  sing N N 29  
ARG NE  CZ   sing N N 30  
ARG NE  HE   sing N N 31  
ARG CZ  NH1  sing N N 32  
ARG CZ  NH2  doub N N 33  
ARG NH1 HH11 sing N N 34  
ARG NH1 HH12 sing N N 35  
ARG NH2 HH21 sing N N 36  
ARG NH2 HH22 sing N N 37  
ARG OXT HXT  sing N N 38  
ASN N   CA   sing N N 39  
ASN N   H    sing N N 40  
ASN N   H2   sing N N 41  
ASN CA  C    sing N N 42  
ASN CA  CB   sing N N 43  
ASN CA  HA   sing N N 44  
ASN C   O    doub N N 45  
ASN C   OXT  sing N N 46  
ASN CB  CG   sing N N 47  
ASN CB  HB2  sing N N 48  
ASN CB  HB3  sing N N 49  
ASN CG  OD1  doub N N 50  
ASN CG  ND2  sing N N 51  
ASN ND2 HD21 sing N N 52  
ASN ND2 HD22 sing N N 53  
ASN OXT HXT  sing N N 54  
ASP N   CA   sing N N 55  
ASP N   H    sing N N 56  
ASP N   H2   sing N N 57  
ASP CA  C    sing N N 58  
ASP CA  CB   sing N N 59  
ASP CA  HA   sing N N 60  
ASP C   O    doub N N 61  
ASP C   OXT  sing N N 62  
ASP CB  CG   sing N N 63  
ASP CB  HB2  sing N N 64  
ASP CB  HB3  sing N N 65  
ASP CG  OD1  doub N N 66  
ASP CG  OD2  sing N N 67  
ASP OD2 HD2  sing N N 68  
ASP OXT HXT  sing N N 69  
GLN N   CA   sing N N 70  
GLN N   H    sing N N 71  
GLN N   H2   sing N N 72  
GLN CA  C    sing N N 73  
GLN CA  CB   sing N N 74  
GLN CA  HA   sing N N 75  
GLN C   O    doub N N 76  
GLN C   OXT  sing N N 77  
GLN CB  CG   sing N N 78  
GLN CB  HB2  sing N N 79  
GLN CB  HB3  sing N N 80  
GLN CG  CD   sing N N 81  
GLN CG  HG2  sing N N 82  
GLN CG  HG3  sing N N 83  
GLN CD  OE1  doub N N 84  
GLN CD  NE2  sing N N 85  
GLN NE2 HE21 sing N N 86  
GLN NE2 HE22 sing N N 87  
GLN OXT HXT  sing N N 88  
GLU N   CA   sing N N 89  
GLU N   H    sing N N 90  
GLU N   H2   sing N N 91  
GLU CA  C    sing N N 92  
GLU CA  CB   sing N N 93  
GLU CA  HA   sing N N 94  
GLU C   O    doub N N 95  
GLU C   OXT  sing N N 96  
GLU CB  CG   sing N N 97  
GLU CB  HB2  sing N N 98  
GLU CB  HB3  sing N N 99  
GLU CG  CD   sing N N 100 
GLU CG  HG2  sing N N 101 
GLU CG  HG3  sing N N 102 
GLU CD  OE1  doub N N 103 
GLU CD  OE2  sing N N 104 
GLU OE2 HE2  sing N N 105 
GLU OXT HXT  sing N N 106 
GLY N   CA   sing N N 107 
GLY N   H    sing N N 108 
GLY N   H2   sing N N 109 
GLY CA  C    sing N N 110 
GLY CA  HA2  sing N N 111 
GLY CA  HA3  sing N N 112 
GLY C   O    doub N N 113 
GLY C   OXT  sing N N 114 
GLY OXT HXT  sing N N 115 
HIS N   CA   sing N N 116 
HIS N   H    sing N N 117 
HIS N   H2   sing N N 118 
HIS CA  C    sing N N 119 
HIS CA  CB   sing N N 120 
HIS CA  HA   sing N N 121 
HIS C   O    doub N N 122 
HIS C   OXT  sing N N 123 
HIS CB  CG   sing N N 124 
HIS CB  HB2  sing N N 125 
HIS CB  HB3  sing N N 126 
HIS CG  ND1  sing Y N 127 
HIS CG  CD2  doub Y N 128 
HIS ND1 CE1  doub Y N 129 
HIS ND1 HD1  sing N N 130 
HIS CD2 NE2  sing Y N 131 
HIS CD2 HD2  sing N N 132 
HIS CE1 NE2  sing Y N 133 
HIS CE1 HE1  sing N N 134 
HIS NE2 HE2  sing N N 135 
HIS OXT HXT  sing N N 136 
HOH O   H1   sing N N 137 
HOH O   H2   sing N N 138 
ILE N   CA   sing N N 139 
ILE N   H    sing N N 140 
ILE N   H2   sing N N 141 
ILE CA  C    sing N N 142 
ILE CA  CB   sing N N 143 
ILE CA  HA   sing N N 144 
ILE C   O    doub N N 145 
ILE C   OXT  sing N N 146 
ILE CB  CG1  sing N N 147 
ILE CB  CG2  sing N N 148 
ILE CB  HB   sing N N 149 
ILE CG1 CD1  sing N N 150 
ILE CG1 HG12 sing N N 151 
ILE CG1 HG13 sing N N 152 
ILE CG2 HG21 sing N N 153 
ILE CG2 HG22 sing N N 154 
ILE CG2 HG23 sing N N 155 
ILE CD1 HD11 sing N N 156 
ILE CD1 HD12 sing N N 157 
ILE CD1 HD13 sing N N 158 
ILE OXT HXT  sing N N 159 
LEU N   CA   sing N N 160 
LEU N   H    sing N N 161 
LEU N   H2   sing N N 162 
LEU CA  C    sing N N 163 
LEU CA  CB   sing N N 164 
LEU CA  HA   sing N N 165 
LEU C   O    doub N N 166 
LEU C   OXT  sing N N 167 
LEU CB  CG   sing N N 168 
LEU CB  HB2  sing N N 169 
LEU CB  HB3  sing N N 170 
LEU CG  CD1  sing N N 171 
LEU CG  CD2  sing N N 172 
LEU CG  HG   sing N N 173 
LEU CD1 HD11 sing N N 174 
LEU CD1 HD12 sing N N 175 
LEU CD1 HD13 sing N N 176 
LEU CD2 HD21 sing N N 177 
LEU CD2 HD22 sing N N 178 
LEU CD2 HD23 sing N N 179 
LEU OXT HXT  sing N N 180 
MSE N   CA   sing N N 181 
MSE N   H    sing N N 182 
MSE N   H2   sing N N 183 
MSE CA  C    sing N N 184 
MSE CA  CB   sing N N 185 
MSE CA  HA   sing N N 186 
MSE C   O    doub N N 187 
MSE C   OXT  sing N N 188 
MSE OXT HXT  sing N N 189 
MSE CB  CG   sing N N 190 
MSE CB  HB2  sing N N 191 
MSE CB  HB3  sing N N 192 
MSE CG  SE   sing N N 193 
MSE CG  HG2  sing N N 194 
MSE CG  HG3  sing N N 195 
MSE SE  CE   sing N N 196 
MSE CE  HE1  sing N N 197 
MSE CE  HE2  sing N N 198 
MSE CE  HE3  sing N N 199 
PEG C1  O1   sing N N 200 
PEG C1  C2   sing N N 201 
PEG C1  H11  sing N N 202 
PEG C1  H12  sing N N 203 
PEG O1  HO1  sing N N 204 
PEG C2  O2   sing N N 205 
PEG C2  H21  sing N N 206 
PEG C2  H22  sing N N 207 
PEG O2  C3   sing N N 208 
PEG C3  C4   sing N N 209 
PEG C3  H31  sing N N 210 
PEG C3  H32  sing N N 211 
PEG C4  O4   sing N N 212 
PEG C4  H41  sing N N 213 
PEG C4  H42  sing N N 214 
PEG O4  HO4  sing N N 215 
PGE C1  O1   sing N N 216 
PGE C1  C2   sing N N 217 
PGE C1  H1   sing N N 218 
PGE C1  H12  sing N N 219 
PGE O1  HO1  sing N N 220 
PGE C2  O2   sing N N 221 
PGE C2  H2   sing N N 222 
PGE C2  H22  sing N N 223 
PGE O2  C3   sing N N 224 
PGE C3  C4   sing N N 225 
PGE C3  H3   sing N N 226 
PGE C3  H32  sing N N 227 
PGE C4  O3   sing N N 228 
PGE C4  H4   sing N N 229 
PGE C4  H42  sing N N 230 
PGE O4  C6   sing N N 231 
PGE O4  HO4  sing N N 232 
PGE C6  C5   sing N N 233 
PGE C6  H6   sing N N 234 
PGE C6  H62  sing N N 235 
PGE C5  O3   sing N N 236 
PGE C5  H5   sing N N 237 
PGE C5  H52  sing N N 238 
PHE N   CA   sing N N 239 
PHE N   H    sing N N 240 
PHE N   H2   sing N N 241 
PHE CA  C    sing N N 242 
PHE CA  CB   sing N N 243 
PHE CA  HA   sing N N 244 
PHE C   O    doub N N 245 
PHE C   OXT  sing N N 246 
PHE CB  CG   sing N N 247 
PHE CB  HB2  sing N N 248 
PHE CB  HB3  sing N N 249 
PHE CG  CD1  doub Y N 250 
PHE CG  CD2  sing Y N 251 
PHE CD1 CE1  sing Y N 252 
PHE CD1 HD1  sing N N 253 
PHE CD2 CE2  doub Y N 254 
PHE CD2 HD2  sing N N 255 
PHE CE1 CZ   doub Y N 256 
PHE CE1 HE1  sing N N 257 
PHE CE2 CZ   sing Y N 258 
PHE CE2 HE2  sing N N 259 
PHE CZ  HZ   sing N N 260 
PHE OXT HXT  sing N N 261 
PRO N   CA   sing N N 262 
PRO N   CD   sing N N 263 
PRO N   H    sing N N 264 
PRO CA  C    sing N N 265 
PRO CA  CB   sing N N 266 
PRO CA  HA   sing N N 267 
PRO C   O    doub N N 268 
PRO C   OXT  sing N N 269 
PRO CB  CG   sing N N 270 
PRO CB  HB2  sing N N 271 
PRO CB  HB3  sing N N 272 
PRO CG  CD   sing N N 273 
PRO CG  HG2  sing N N 274 
PRO CG  HG3  sing N N 275 
PRO CD  HD2  sing N N 276 
PRO CD  HD3  sing N N 277 
PRO OXT HXT  sing N N 278 
SER N   CA   sing N N 279 
SER N   H    sing N N 280 
SER N   H2   sing N N 281 
SER CA  C    sing N N 282 
SER CA  CB   sing N N 283 
SER CA  HA   sing N N 284 
SER C   O    doub N N 285 
SER C   OXT  sing N N 286 
SER CB  OG   sing N N 287 
SER CB  HB2  sing N N 288 
SER CB  HB3  sing N N 289 
SER OG  HG   sing N N 290 
SER OXT HXT  sing N N 291 
THR N   CA   sing N N 292 
THR N   H    sing N N 293 
THR N   H2   sing N N 294 
THR CA  C    sing N N 295 
THR CA  CB   sing N N 296 
THR CA  HA   sing N N 297 
THR C   O    doub N N 298 
THR C   OXT  sing N N 299 
THR CB  OG1  sing N N 300 
THR CB  CG2  sing N N 301 
THR CB  HB   sing N N 302 
THR OG1 HG1  sing N N 303 
THR CG2 HG21 sing N N 304 
THR CG2 HG22 sing N N 305 
THR CG2 HG23 sing N N 306 
THR OXT HXT  sing N N 307 
TRP N   CA   sing N N 308 
TRP N   H    sing N N 309 
TRP N   H2   sing N N 310 
TRP CA  C    sing N N 311 
TRP CA  CB   sing N N 312 
TRP CA  HA   sing N N 313 
TRP C   O    doub N N 314 
TRP C   OXT  sing N N 315 
TRP CB  CG   sing N N 316 
TRP CB  HB2  sing N N 317 
TRP CB  HB3  sing N N 318 
TRP CG  CD1  doub Y N 319 
TRP CG  CD2  sing Y N 320 
TRP CD1 NE1  sing Y N 321 
TRP CD1 HD1  sing N N 322 
TRP CD2 CE2  doub Y N 323 
TRP CD2 CE3  sing Y N 324 
TRP NE1 CE2  sing Y N 325 
TRP NE1 HE1  sing N N 326 
TRP CE2 CZ2  sing Y N 327 
TRP CE3 CZ3  doub Y N 328 
TRP CE3 HE3  sing N N 329 
TRP CZ2 CH2  doub Y N 330 
TRP CZ2 HZ2  sing N N 331 
TRP CZ3 CH2  sing Y N 332 
TRP CZ3 HZ3  sing N N 333 
TRP CH2 HH2  sing N N 334 
TRP OXT HXT  sing N N 335 
TYR N   CA   sing N N 336 
TYR N   H    sing N N 337 
TYR N   H2   sing N N 338 
TYR CA  C    sing N N 339 
TYR CA  CB   sing N N 340 
TYR CA  HA   sing N N 341 
TYR C   O    doub N N 342 
TYR C   OXT  sing N N 343 
TYR CB  CG   sing N N 344 
TYR CB  HB2  sing N N 345 
TYR CB  HB3  sing N N 346 
TYR CG  CD1  doub Y N 347 
TYR CG  CD2  sing Y N 348 
TYR CD1 CE1  sing Y N 349 
TYR CD1 HD1  sing N N 350 
TYR CD2 CE2  doub Y N 351 
TYR CD2 HD2  sing N N 352 
TYR CE1 CZ   doub Y N 353 
TYR CE1 HE1  sing N N 354 
TYR CE2 CZ   sing Y N 355 
TYR CE2 HE2  sing N N 356 
TYR CZ  OH   sing N N 357 
TYR OH  HH   sing N N 358 
TYR OXT HXT  sing N N 359 
VAL N   CA   sing N N 360 
VAL N   H    sing N N 361 
VAL N   H2   sing N N 362 
VAL CA  C    sing N N 363 
VAL CA  CB   sing N N 364 
VAL CA  HA   sing N N 365 
VAL C   O    doub N N 366 
VAL C   OXT  sing N N 367 
VAL CB  CG1  sing N N 368 
VAL CB  CG2  sing N N 369 
VAL CB  HB   sing N N 370 
VAL CG1 HG11 sing N N 371 
VAL CG1 HG12 sing N N 372 
VAL CG1 HG13 sing N N 373 
VAL CG2 HG21 sing N N 374 
VAL CG2 HG22 sing N N 375 
VAL CG2 HG23 sing N N 376 
VAL OXT HXT  sing N N 377 
# 
_atom_sites.entry_id                    3KKG 
_atom_sites.fract_transf_matrix[1][1]   0.01072259 
_atom_sites.fract_transf_matrix[1][2]   0.00425580 
_atom_sites.fract_transf_matrix[1][3]   0.01663717 
_atom_sites.fract_transf_matrix[2][1]   0.00012959 
_atom_sites.fract_transf_matrix[2][2]   0.01883732 
_atom_sites.fract_transf_matrix[2][3]   0.00741610 
_atom_sites.fract_transf_matrix[3][1]   -0.00438373 
_atom_sites.fract_transf_matrix[3][2]   -0.00120332 
_atom_sites.fract_transf_matrix[3][3]   0.00313311 
_atom_sites.fract_transf_vector[1]      0.749680 
_atom_sites.fract_transf_vector[2]      0.577282 
_atom_sites.fract_transf_vector[3]      0.045309 
# 
loop_
_atom_type.symbol 
C  
CL 
N  
O  
SE 
# 
loop_
_atom_site.group_PDB 
_atom_site.id 
_atom_site.type_symbol 
_atom_site.label_atom_id 
_atom_site.label_alt_id 
_atom_site.label_comp_id 
_atom_site.label_asym_id 
_atom_site.label_entity_id 
_atom_site.label_seq_id 
_atom_site.pdbx_PDB_ins_code 
_atom_site.Cartn_x 
_atom_site.Cartn_y 
_atom_site.Cartn_z 
_atom_site.occupancy 
_atom_site.B_iso_or_equiv 
_atom_site.pdbx_formal_charge 
_atom_site.auth_seq_id 
_atom_site.auth_comp_id 
_atom_site.auth_asym_id 
_atom_site.auth_atom_id 
_atom_site.pdbx_PDB_model_num 
ATOM   1    N  N   . GLY A 1 1   ? -18.422 5.727   -21.894 1.00 37.67 ? 0   GLY A N   1 
ATOM   2    C  CA  . GLY A 1 1   ? -18.642 5.714   -20.413 1.00 35.94 ? 0   GLY A CA  1 
ATOM   3    C  C   . GLY A 1 1   ? -18.743 7.103   -19.801 1.00 35.32 ? 0   GLY A C   1 
ATOM   4    O  O   . GLY A 1 1   ? -18.180 8.085   -20.301 1.00 38.85 ? 0   GLY A O   1 
ATOM   5    N  N   . GLN A 1 2   ? -19.402 7.160   -18.656 1.00 28.51 ? 28  GLN A N   1 
ATOM   6    C  CA  . GLN A 1 2   ? -19.622 8.380   -17.921 1.00 27.79 ? 28  GLN A CA  1 
ATOM   7    C  C   . GLN A 1 2   ? -18.287 8.809   -17.362 1.00 23.22 ? 28  GLN A C   1 
ATOM   8    O  O   . GLN A 1 2   ? -17.587 8.022   -16.728 1.00 28.07 ? 28  GLN A O   1 
ATOM   9    C  CB  . GLN A 1 2   ? -20.636 8.116   -16.816 1.00 29.63 ? 28  GLN A CB  1 
ATOM   10   C  CG  . GLN A 1 2   ? -20.716 9.110   -15.699 1.00 30.70 ? 28  GLN A CG  1 
ATOM   11   C  CD  . GLN A 1 2   ? -21.777 8.652   -14.711 1.00 33.09 ? 28  GLN A CD  1 
ATOM   12   O  OE1 . GLN A 1 2   ? -21.504 8.031   -13.623 1.00 32.01 ? 28  GLN A OE1 1 
ATOM   13   N  NE2 . GLN A 1 2   ? -23.000 8.884   -15.127 1.00 32.65 ? 28  GLN A NE2 1 
ATOM   14   N  N   . ASP A 1 3   ? -17.937 10.055  -17.583 1.00 23.30 ? 29  ASP A N   1 
ATOM   15   C  CA  . ASP A 1 3   ? -16.684 10.594  -17.121 1.00 22.38 ? 29  ASP A CA  1 
ATOM   16   C  C   . ASP A 1 3   ? -16.711 10.791  -15.613 1.00 21.89 ? 29  ASP A C   1 
ATOM   17   O  O   . ASP A 1 3   ? -17.768 11.031  -15.020 1.00 21.94 ? 29  ASP A O   1 
ATOM   18   C  CB  . ASP A 1 3   ? -16.406 11.951  -17.722 1.00 25.43 ? 29  ASP A CB  1 
ATOM   19   C  CG  . ASP A 1 3   ? -16.083 11.906  -19.214 1.00 28.94 ? 29  ASP A CG  1 
ATOM   20   O  OD1 . ASP A 1 3   ? -16.015 10.808  -19.856 1.00 28.27 ? 29  ASP A OD1 1 
ATOM   21   O  OD2 . ASP A 1 3   ? -15.871 13.032  -19.715 1.00 34.91 ? 29  ASP A OD2 1 
ATOM   22   N  N   . ARG A 1 4   ? -15.523 10.729  -15.039 1.00 20.20 ? 30  ARG A N   1 
ATOM   23   C  CA  . ARG A 1 4   ? -15.342 11.005  -13.624 1.00 18.77 ? 30  ARG A CA  1 
ATOM   24   C  C   . ARG A 1 4   ? -15.790 12.415  -13.294 1.00 18.83 ? 30  ARG A C   1 
ATOM   25   O  O   . ARG A 1 4   ? -15.517 13.357  -14.020 1.00 20.12 ? 30  ARG A O   1 
ATOM   26   C  CB  . ARG A 1 4   ? -13.868 10.858  -13.251 1.00 18.64 ? 30  ARG A CB  1 
ATOM   27   C  CG  . ARG A 1 4   ? -13.441 9.396   -13.245 1.00 18.51 ? 30  ARG A CG  1 
ATOM   28   C  CD  . ARG A 1 4   ? -11.954 9.165   -13.082 1.00 18.81 ? 30  ARG A CD  1 
ATOM   29   N  NE  . ARG A 1 4   ? -11.718 7.752   -13.029 1.00 18.29 ? 30  ARG A NE  1 
ATOM   30   C  CZ  . ARG A 1 4   ? -10.543 7.170   -13.122 1.00 18.21 ? 30  ARG A CZ  1 
ATOM   31   N  NH1 . ARG A 1 4   ? -9.442  7.927   -13.214 1.00 16.89 ? 30  ARG A NH1 1 
ATOM   32   N  NH2 . ARG A 1 4   ? -10.442 5.852   -13.095 1.00 18.71 ? 30  ARG A NH2 1 
ATOM   33   N  N   . SER A 1 5   ? -16.454 12.537  -12.155 1.00 19.34 ? 31  SER A N   1 
ATOM   34   C  CA  . SER A 1 5   ? -16.771 13.854  -11.647 1.00 19.59 ? 31  SER A CA  1 
ATOM   35   C  C   . SER A 1 5   ? -15.490 14.560  -11.205 1.00 19.47 ? 31  SER A C   1 
ATOM   36   O  O   . SER A 1 5   ? -14.424 13.925  -11.027 1.00 19.61 ? 31  SER A O   1 
ATOM   37   C  CB  . SER A 1 5   ? -17.725 13.780  -10.460 1.00 19.74 ? 31  SER A CB  1 
ATOM   38   O  OG  . SER A 1 5   ? -17.060 13.246  -9.305  1.00 20.21 ? 31  SER A OG  1 
ATOM   39   N  N   . PRO A 1 6   ? -15.547 15.871  -11.021 1.00 19.90 ? 32  PRO A N   1 
ATOM   40   C  CA  . PRO A 1 6   ? -14.388 16.574  -10.495 1.00 20.71 ? 32  PRO A CA  1 
ATOM   41   C  C   . PRO A 1 6   ? -13.855 15.992  -9.196  1.00 19.59 ? 32  PRO A C   1 
ATOM   42   O  O   . PRO A 1 6   ? -12.642 15.900  -9.024  1.00 20.43 ? 32  PRO A O   1 
ATOM   43   C  CB  . PRO A 1 6   ? -14.914 18.016  -10.303 1.00 21.42 ? 32  PRO A CB  1 
ATOM   44   C  CG  . PRO A 1 6   ? -15.986 18.148  -11.308 1.00 21.63 ? 32  PRO A CG  1 
ATOM   45   C  CD  . PRO A 1 6   ? -16.636 16.816  -11.398 1.00 21.50 ? 32  PRO A CD  1 
ATOM   46   N  N   . ILE A 1 7   ? -14.741 15.643  -8.276  1.00 18.96 ? 33  ILE A N   1 
ATOM   47   C  CA  . ILE A 1 7   ? -14.283 15.114  -6.995  1.00 19.78 ? 33  ILE A CA  1 
ATOM   48   C  C   . ILE A 1 7   ? -13.648 13.742  -7.227  1.00 19.31 ? 33  ILE A C   1 
ATOM   49   O  O   . ILE A 1 7   ? -12.615 13.400  -6.623  1.00 17.62 ? 33  ILE A O   1 
ATOM   50   C  CB  . ILE A 1 7   ? -15.454 15.027  -5.985  1.00 22.06 ? 33  ILE A CB  1 
ATOM   51   C  CG1 . ILE A 1 7   ? -15.842 16.413  -5.512  1.00 23.70 ? 33  ILE A CG1 1 
ATOM   52   C  CG2 . ILE A 1 7   ? -15.061 14.204  -4.734  1.00 21.10 ? 33  ILE A CG2 1 
ATOM   53   C  CD1 . ILE A 1 7   ? -17.204 16.450  -4.875  1.00 28.71 ? 33  ILE A CD1 1 
ATOM   54   N  N   . GLU A 1 8   ? -14.286 12.921  -8.069  1.00 18.12 ? 34  GLU A N   1 
ATOM   55   C  CA  . GLU A 1 8   ? -13.716 11.596  -8.354  1.00 16.82 ? 34  GLU A CA  1 
ATOM   56   C  C   . GLU A 1 8   ? -12.318 11.693  -8.947  1.00 17.92 ? 34  GLU A C   1 
ATOM   57   O  O   . GLU A 1 8   ? -11.388 10.984  -8.558  1.00 16.82 ? 34  GLU A O   1 
ATOM   58   C  CB  . GLU A 1 8   ? -14.621 10.811  -9.296  1.00 16.96 ? 34  GLU A CB  1 
ATOM   59   C  CG  . GLU A 1 8   ? -15.891 10.299  -8.598  1.00 18.07 ? 34  GLU A CG  1 
ATOM   60   C  CD  . GLU A 1 8   ? -16.846 9.586   -9.555  1.00 21.29 ? 34  GLU A CD  1 
ATOM   61   O  OE1 . GLU A 1 8   ? -16.884 9.970   -10.738 1.00 20.27 ? 34  GLU A OE1 1 
ATOM   62   O  OE2 . GLU A 1 8   ? -17.593 8.698   -9.119  1.00 24.69 ? 34  GLU A OE2 1 
ATOM   63   N  N   B THR A 1 9   ? -12.190 12.576  -9.929  0.38 17.46 ? 35  THR A N   1 
ATOM   64   N  N   C THR A 1 9   ? -12.160 12.546  -9.955  0.62 18.59 ? 35  THR A N   1 
ATOM   65   C  CA  B THR A 1 9   ? -10.913 12.802  -10.577 0.38 16.04 ? 35  THR A CA  1 
ATOM   66   C  CA  C THR A 1 9   ? -10.846 12.663  -10.559 0.62 18.30 ? 35  THR A CA  1 
ATOM   67   C  C   B THR A 1 9   ? -9.835  13.229  -9.587  0.38 17.15 ? 35  THR A C   1 
ATOM   68   C  C   C THR A 1 9   ? -9.801  13.207  -9.563  0.62 18.28 ? 35  THR A C   1 
ATOM   69   O  O   B THR A 1 9   ? -8.732  12.695  -9.596  0.38 15.94 ? 35  THR A O   1 
ATOM   70   O  O   C THR A 1 9   ? -8.668  12.739  -9.552  0.62 18.55 ? 35  THR A O   1 
ATOM   71   C  CB  B THR A 1 9   ? -11.076 13.781  -11.758 0.38 16.81 ? 35  THR A CB  1 
ATOM   72   C  CB  C THR A 1 9   ? -10.855 13.446  -11.893 0.62 19.34 ? 35  THR A CB  1 
ATOM   73   O  OG1 B THR A 1 9   ? -11.592 13.024  -12.852 0.38 15.80 ? 35  THR A OG1 1 
ATOM   74   O  OG1 C THR A 1 9   ? -9.566  13.329  -12.506 0.62 24.68 ? 35  THR A OG1 1 
ATOM   75   C  CG2 B THR A 1 9   ? -9.750  14.450  -12.155 0.38 15.08 ? 35  THR A CG2 1 
ATOM   76   C  CG2 C THR A 1 9   ? -11.184 14.885  -11.649 0.62 21.75 ? 35  THR A CG2 1 
ATOM   77   N  N   . GLN A 1 10  ? -10.178 14.171  -8.724  1.00 17.80 ? 36  GLN A N   1 
ATOM   78   C  CA  . GLN A 1 10  ? -9.235  14.657  -7.717  1.00 17.69 ? 36  GLN A CA  1 
ATOM   79   C  C   . GLN A 1 10  ? -8.904  13.580  -6.685  1.00 17.55 ? 36  GLN A C   1 
ATOM   80   O  O   . GLN A 1 10  ? -7.749  13.436  -6.272  1.00 17.87 ? 36  GLN A O   1 
ATOM   81   C  CB  . GLN A 1 10  ? -9.733  15.914  -7.030  1.00 18.34 ? 36  GLN A CB  1 
ATOM   82   C  CG  . GLN A 1 10  ? -8.660  16.514  -6.099  1.00 20.02 ? 36  GLN A CG  1 
ATOM   83   C  CD  . GLN A 1 10  ? -7.349  16.845  -6.819  1.00 23.93 ? 36  GLN A CD  1 
ATOM   84   O  OE1 . GLN A 1 10  ? -7.334  17.724  -7.707  1.00 27.01 ? 36  GLN A OE1 1 
ATOM   85   N  NE2 . GLN A 1 10  ? -6.259  16.153  -6.460  1.00 24.31 ? 36  GLN A NE2 1 
ATOM   86   N  N   . ASN A 1 11  ? -9.907  12.760  -6.342  1.00 17.69 ? 37  ASN A N   1 
ATOM   87   C  CA  . ASN A 1 11  ? -9.674  11.660  -5.410  1.00 16.29 ? 37  ASN A CA  1 
ATOM   88   C  C   . ASN A 1 11  ? -8.639  10.723  -6.011  1.00 16.52 ? 37  ASN A C   1 
ATOM   89   O  O   . ASN A 1 11  ? -7.730  10.242  -5.299  1.00 17.17 ? 37  ASN A O   1 
ATOM   90   C  CB  . ASN A 1 11  ? -10.974 10.930  -5.176  1.00 15.28 ? 37  ASN A CB  1 
ATOM   91   C  CG  . ASN A 1 11  ? -11.871 11.608  -4.126  1.00 19.07 ? 37  ASN A CG  1 
ATOM   92   O  OD1 . ASN A 1 11  ? -11.466 12.534  -3.436  1.00 19.62 ? 37  ASN A OD1 1 
ATOM   93   N  ND2 . ASN A 1 11  ? -13.108 11.082  -4.005  1.00 18.18 ? 37  ASN A ND2 1 
ATOM   94   N  N   . VAL A 1 12  ? -8.797  10.406  -7.313  1.00 16.99 ? 38  VAL A N   1 
ATOM   95   C  CA  . VAL A 1 12  ? -7.835  9.517   -7.982  1.00 16.21 ? 38  VAL A CA  1 
ATOM   96   C  C   . VAL A 1 12  ? -6.431  10.103  -8.019  1.00 16.21 ? 38  VAL A C   1 
ATOM   97   O  O   . VAL A 1 12  ? -5.427  9.422   -7.771  1.00 16.53 ? 38  VAL A O   1 
ATOM   98   C  CB  . VAL A 1 12  ? -8.334  9.110   -9.395  1.00 15.59 ? 38  VAL A CB  1 
ATOM   99   C  CG1 . VAL A 1 12  ? -7.220  8.392   -10.168 1.00 18.12 ? 38  VAL A CG1 1 
ATOM   100  C  CG2 . VAL A 1 12  ? -9.564  8.156   -9.267  1.00 17.74 ? 38  VAL A CG2 1 
ATOM   101  N  N   . GLU A 1 13  ? -6.380  11.371  -8.402  1.00 16.17 ? 39  GLU A N   1 
ATOM   102  C  CA  . GLU A 1 13  ? -5.073  12.028  -8.470  1.00 17.47 ? 39  GLU A CA  1 
ATOM   103  C  C   . GLU A 1 13  ? -4.356  11.979  -7.116  1.00 17.36 ? 39  GLU A C   1 
ATOM   104  O  O   . GLU A 1 13  ? -3.139  11.669  -7.009  1.00 18.06 ? 39  GLU A O   1 
ATOM   105  C  CB  . GLU A 1 13  ? -5.218  13.459  -8.983  1.00 18.35 ? 39  GLU A CB  1 
ATOM   106  C  CG  . GLU A 1 13  ? -5.673  13.538  -10.468 1.00 23.08 ? 39  GLU A CG  1 
ATOM   107  C  CD  . GLU A 1 13  ? -5.814  14.975  -10.986 1.00 27.37 ? 39  GLU A CD  1 
ATOM   108  O  OE1 . GLU A 1 13  ? -5.107  15.858  -10.461 1.00 38.02 ? 39  GLU A OE1 1 
ATOM   109  O  OE2 . GLU A 1 13  ? -6.554  15.193  -11.963 1.00 30.63 ? 39  GLU A OE2 1 
ATOM   110  N  N   . THR A 1 14  ? -5.090  12.287  -6.071  1.00 16.68 ? 40  THR A N   1 
ATOM   111  C  CA  . THR A 1 14  ? -4.540  12.255  -4.715  1.00 16.16 ? 40  THR A CA  1 
ATOM   112  C  C   . THR A 1 14  ? -4.071  10.853  -4.335  1.00 15.21 ? 40  THR A C   1 
ATOM   113  O  O   . THR A 1 14  ? -2.939  10.691  -3.838  1.00 18.85 ? 40  THR A O   1 
ATOM   114  C  CB  . THR A 1 14  ? -5.565  12.819  -3.731  1.00 18.93 ? 40  THR A CB  1 
ATOM   115  O  OG1 . THR A 1 14  ? -5.740  14.214  -4.018  1.00 19.14 ? 40  THR A OG1 1 
ATOM   116  C  CG2 . THR A 1 14  ? -5.169  12.581  -2.234  1.00 18.69 ? 40  THR A CG2 1 
ATOM   117  N  N   . VAL A 1 15  ? -4.898  9.843   -4.572  1.00 16.67 ? 41  VAL A N   1 
ATOM   118  C  CA  . VAL A 1 15  ? -4.507  8.480   -4.233  1.00 16.04 ? 41  VAL A CA  1 
ATOM   119  C  C   . VAL A 1 15  ? -3.315  7.970   -5.036  1.00 17.03 ? 41  VAL A C   1 
ATOM   120  O  O   . VAL A 1 15  ? -2.412  7.298   -4.515  1.00 17.76 ? 41  VAL A O   1 
ATOM   121  C  CB  . VAL A 1 15  ? -5.706  7.512   -4.400  1.00 17.93 ? 41  VAL A CB  1 
ATOM   122  C  CG1 . VAL A 1 15  ? -5.221  6.108   -4.488  1.00 19.26 ? 41  VAL A CG1 1 
ATOM   123  C  CG2 . VAL A 1 15  ? -6.712  7.763   -3.278  1.00 19.86 ? 41  VAL A CG2 1 
ATOM   124  N  N   . LEU A 1 16  ? -3.272  8.315   -6.325  1.00 16.89 ? 42  LEU A N   1 
ATOM   125  C  CA  . LEU A 1 16  ? -2.203  7.782   -7.159  1.00 17.06 ? 42  LEU A CA  1 
ATOM   126  C  C   . LEU A 1 16  ? -0.794  8.284   -6.742  1.00 16.75 ? 42  LEU A C   1 
ATOM   127  O  O   . LEU A 1 16  ? 0.223   7.626   -7.020  1.00 17.35 ? 42  LEU A O   1 
ATOM   128  C  CB  . LEU A 1 16  ? -2.473  7.978   -8.651  1.00 16.69 ? 42  LEU A CB  1 
ATOM   129  C  CG  . LEU A 1 16  ? -3.450  6.981   -9.251  1.00 17.12 ? 42  LEU A CG  1 
ATOM   130  C  CD1 . LEU A 1 16  ? -3.771  7.376   -10.713 1.00 17.67 ? 42  LEU A CD1 1 
ATOM   131  C  CD2 . LEU A 1 16  ? -2.936  5.547   -9.143  1.00 20.41 ? 42  LEU A CD2 1 
ATOM   132  N  N   . ARG A 1 17  ? -0.736  9.429   -6.068  1.00 17.51 ? 43  ARG A N   1 
ATOM   133  C  CA  . ARG A 1 17  ? 0.540   9.909   -5.523  1.00 17.34 ? 43  ARG A CA  1 
ATOM   134  C  C   . ARG A 1 17  ? 1.142   8.899   -4.572  1.00 17.52 ? 43  ARG A C   1 
ATOM   135  O  O   . ARG A 1 17  ? 2.368   8.784   -4.485  1.00 17.89 ? 43  ARG A O   1 
ATOM   136  C  CB  . ARG A 1 17  ? 0.371   11.242  -4.804  1.00 20.32 ? 43  ARG A CB  1 
ATOM   137  C  CG  . ARG A 1 17  ? -0.079  12.358  -5.667  1.00 21.09 ? 43  ARG A CG  1 
ATOM   138  C  CD  . ARG A 1 17  ? -0.060  13.711  -4.958  1.00 25.40 ? 43  ARG A CD  1 
ATOM   139  N  NE  . ARG A 1 17  ? 1.299   14.062  -4.532  1.00 28.43 ? 43  ARG A NE  1 
ATOM   140  C  CZ  . ARG A 1 17  ? 1.616   14.654  -3.384  1.00 33.41 ? 43  ARG A CZ  1 
ATOM   141  N  NH1 . ARG A 1 17  ? 0.690   14.989  -2.493  1.00 37.35 ? 43  ARG A NH1 1 
ATOM   142  N  NH2 . ARG A 1 17  ? 2.890   14.930  -3.132  1.00 29.90 ? 43  ARG A NH2 1 
ATOM   143  N  N   . LEU A 1 18  ? 0.294   8.099   -3.907  1.00 16.69 ? 44  LEU A N   1 
ATOM   144  C  CA  . LEU A 1 18  ? 0.778   7.110   -2.961  1.00 16.89 ? 44  LEU A CA  1 
ATOM   145  C  C   . LEU A 1 18  ? 1.482   5.933   -3.621  1.00 17.11 ? 44  LEU A C   1 
ATOM   146  O  O   . LEU A 1 18  ? 2.134   5.145   -2.957  1.00 20.21 ? 44  LEU A O   1 
ATOM   147  C  CB  . LEU A 1 18  ? -0.385  6.588   -2.117  1.00 17.61 ? 44  LEU A CB  1 
ATOM   148  C  CG  . LEU A 1 18  ? -1.133  7.650   -1.298  1.00 18.50 ? 44  LEU A CG  1 
ATOM   149  C  CD1 . LEU A 1 18  ? -2.396  7.113   -0.649  1.00 20.06 ? 44  LEU A CD1 1 
ATOM   150  C  CD2 . LEU A 1 18  ? -0.143  8.266   -0.234  1.00 18.42 ? 44  LEU A CD2 1 
ATOM   151  N  N   . PHE A 1 19  ? 1.374   5.838   -4.936  1.00 16.80 ? 45  PHE A N   1 
ATOM   152  C  CA  . PHE A 1 19  ? 2.001   4.785   -5.708  1.00 16.91 ? 45  PHE A CA  1 
ATOM   153  C  C   . PHE A 1 19  ? 3.263   5.274   -6.438  1.00 19.30 ? 45  PHE A C   1 
ATOM   154  O  O   . PHE A 1 19  ? 3.875   4.493   -7.161  1.00 18.68 ? 45  PHE A O   1 
ATOM   155  C  CB  . PHE A 1 19  ? 1.013   4.133   -6.683  1.00 18.07 ? 45  PHE A CB  1 
ATOM   156  C  CG  . PHE A 1 19  ? -0.101  3.410   -5.952  1.00 17.71 ? 45  PHE A CG  1 
ATOM   157  C  CD1 . PHE A 1 19  ? -1.200  4.104   -5.466  1.00 17.98 ? 45  PHE A CD1 1 
ATOM   158  C  CD2 . PHE A 1 19  ? 0.058   2.089   -5.620  1.00 21.25 ? 45  PHE A CD2 1 
ATOM   159  C  CE1 . PHE A 1 19  ? -2.164  3.436   -4.742  1.00 18.76 ? 45  PHE A CE1 1 
ATOM   160  C  CE2 . PHE A 1 19  ? -0.937  1.407   -4.892  1.00 24.59 ? 45  PHE A CE2 1 
ATOM   161  C  CZ  . PHE A 1 19  ? -2.017  2.108   -4.444  1.00 21.57 ? 45  PHE A CZ  1 
ATOM   162  N  N   . ASP A 1 20  ? 3.614   6.545   -6.231  1.00 18.53 ? 46  ASP A N   1 
ATOM   163  C  CA  . ASP A 1 20  ? 4.807   7.156   -6.847  1.00 19.01 ? 46  ASP A CA  1 
ATOM   164  C  C   . ASP A 1 20  ? 5.589   7.848   -5.740  1.00 17.77 ? 46  ASP A C   1 
ATOM   165  O  O   . ASP A 1 20  ? 6.385   7.198   -5.043  1.00 18.39 ? 46  ASP A O   1 
ATOM   166  C  CB  . ASP A 1 20  ? 4.380   8.078   -8.010  1.00 18.20 ? 46  ASP A CB  1 
ATOM   167  C  CG  . ASP A 1 20  ? 5.547   8.765   -8.662  1.00 19.08 ? 46  ASP A CG  1 
ATOM   168  O  OD1 . ASP A 1 20  ? 6.613   8.158   -8.706  1.00 23.32 ? 46  ASP A OD1 1 
ATOM   169  O  OD2 . ASP A 1 20  ? 5.280   9.843   -9.216  1.00 25.98 ? 46  ASP A OD2 1 
ATOM   170  N  N   . GLU A 1 21  ? 5.389   9.144   -5.546  1.00 19.31 ? 47  GLU A N   1 
ATOM   171  C  CA  . GLU A 1 21  ? 6.154   9.866   -4.518  1.00 19.30 ? 47  GLU A CA  1 
ATOM   172  C  C   . GLU A 1 21  ? 5.873   9.383   -3.075  1.00 19.14 ? 47  GLU A C   1 
ATOM   173  O  O   . GLU A 1 21  ? 6.712   9.526   -2.180  1.00 19.30 ? 47  GLU A O   1 
ATOM   174  C  CB  . GLU A 1 21  ? 5.922   11.363  -4.603  1.00 21.44 ? 47  GLU A CB  1 
ATOM   175  C  CG  . GLU A 1 21  ? 4.480   11.841  -4.570  1.00 27.06 ? 47  GLU A CG  1 
ATOM   176  C  CD  . GLU A 1 21  ? 3.862   12.079  -5.967  1.00 29.50 ? 47  GLU A CD  1 
ATOM   177  O  OE1 . GLU A 1 21  ? 3.868   11.175  -6.851  1.00 25.57 ? 47  GLU A OE1 1 
ATOM   178  O  OE2 . GLU A 1 21  ? 3.344   13.200  -6.177  1.00 36.53 ? 47  GLU A OE2 1 
ATOM   179  N  N   . GLY A 1 22  ? 4.684   8.812   -2.853  1.00 18.00 ? 48  GLY A N   1 
ATOM   180  C  CA  . GLY A 1 22  ? 4.279   8.297   -1.545  1.00 17.51 ? 48  GLY A CA  1 
ATOM   181  C  C   . GLY A 1 22  ? 4.456   6.799   -1.387  1.00 19.34 ? 48  GLY A C   1 
ATOM   182  O  O   . GLY A 1 22  ? 3.974   6.216   -0.422  1.00 19.47 ? 48  GLY A O   1 
ATOM   183  N  N   . TRP A 1 23  ? 5.138   6.165   -2.330  1.00 17.79 ? 49  TRP A N   1 
ATOM   184  C  CA  . TRP A 1 23  ? 5.394   4.699   -2.268  1.00 18.60 ? 49  TRP A CA  1 
ATOM   185  C  C   . TRP A 1 23  ? 6.542   4.431   -1.295  1.00 19.00 ? 49  TRP A C   1 
ATOM   186  O  O   . TRP A 1 23  ? 7.563   5.139   -1.340  1.00 18.38 ? 49  TRP A O   1 
ATOM   187  C  CB  . TRP A 1 23  ? 5.769   4.179   -3.644  1.00 17.23 ? 49  TRP A CB  1 
ATOM   188  C  CG  . TRP A 1 23  ? 5.982   2.712   -3.744  1.00 17.52 ? 49  TRP A CG  1 
ATOM   189  C  CD1 . TRP A 1 23  ? 7.125   2.104   -4.143  1.00 18.66 ? 49  TRP A CD1 1 
ATOM   190  C  CD2 . TRP A 1 23  ? 5.042   1.662   -3.447  1.00 19.53 ? 49  TRP A CD2 1 
ATOM   191  N  NE1 . TRP A 1 23  ? 6.960   0.739   -4.131  1.00 18.96 ? 49  TRP A NE1 1 
ATOM   192  C  CE2 . TRP A 1 23  ? 5.697   0.443   -3.707  1.00 18.94 ? 49  TRP A CE2 1 
ATOM   193  C  CE3 . TRP A 1 23  ? 3.714   1.637   -3.003  1.00 19.79 ? 49  TRP A CE3 1 
ATOM   194  C  CZ2 . TRP A 1 23  ? 5.093   -0.784  -3.513  1.00 18.32 ? 49  TRP A CZ2 1 
ATOM   195  C  CZ3 . TRP A 1 23  ? 3.106   0.416   -2.831  1.00 20.20 ? 49  TRP A CZ3 1 
ATOM   196  C  CH2 . TRP A 1 23  ? 3.813   -0.782  -3.116  1.00 18.48 ? 49  TRP A CH2 1 
ATOM   197  N  N   . GLY A 1 24  ? 6.394   3.385   -0.482  1.00 18.40 ? 50  GLY A N   1 
ATOM   198  C  CA  . GLY A 1 24  ? 7.308   3.183   0.639   1.00 19.32 ? 50  GLY A CA  1 
ATOM   199  C  C   . GLY A 1 24  ? 8.737   2.877   0.243   1.00 20.66 ? 50  GLY A C   1 
ATOM   200  O  O   . GLY A 1 24  ? 9.655   2.941   1.087   1.00 23.30 ? 50  GLY A O   1 
ATOM   201  N  N   . ALA A 1 25  ? 8.985   2.546   -1.002  1.00 19.30 ? 51  ALA A N   1 
ATOM   202  C  CA  . ALA A 1 25  ? 10.313  2.356   -1.516  1.00 22.96 ? 51  ALA A CA  1 
ATOM   203  C  C   . ALA A 1 25  ? 10.985  3.675   -1.923  1.00 23.85 ? 51  ALA A C   1 
ATOM   204  O  O   . ALA A 1 25  ? 12.159  3.651   -2.255  1.00 26.45 ? 51  ALA A O   1 
ATOM   205  C  CB  . ALA A 1 25  ? 10.347  1.403   -2.673  1.00 21.83 ? 51  ALA A CB  1 
ATOM   206  N  N   . GLN A 1 26  ? 10.244  4.791   -1.899  1.00 20.27 ? 52  GLN A N   1 
ATOM   207  C  CA  . GLN A 1 26  ? 10.702  6.090   -2.373  1.00 22.65 ? 52  GLN A CA  1 
ATOM   208  C  C   . GLN A 1 26  ? 10.996  7.016   -1.196  1.00 22.30 ? 52  GLN A C   1 
ATOM   209  O  O   . GLN A 1 26  ? 10.112  7.318   -0.368  1.00 23.72 ? 52  GLN A O   1 
ATOM   210  C  CB  . GLN A 1 26  ? 9.586   6.706   -3.235  1.00 20.75 ? 52  GLN A CB  1 
ATOM   211  C  CG  . GLN A 1 26  ? 9.843   8.118   -3.789  1.00 24.23 ? 52  GLN A CG  1 
ATOM   212  C  CD  . GLN A 1 26  ? 11.102  8.170   -4.606  1.00 29.50 ? 52  GLN A CD  1 
ATOM   213  O  OE1 . GLN A 1 26  ? 11.328  7.310   -5.466  1.00 36.89 ? 52  GLN A OE1 1 
ATOM   214  N  NE2 . GLN A 1 26  ? 11.944  9.169   -4.335  1.00 38.04 ? 52  GLN A NE2 1 
ATOM   215  N  N   . ASP A 1 27  ? 12.210  7.561   -1.173  1.00 26.09 ? 53  ASP A N   1 
ATOM   216  C  CA  . ASP A 1 27  ? 12.560  8.561   -0.183  1.00 23.42 ? 53  ASP A CA  1 
ATOM   217  C  C   . ASP A 1 27  ? 11.576  9.692   -0.182  1.00 20.47 ? 53  ASP A C   1 
ATOM   218  O  O   . ASP A 1 27  ? 11.190  10.199  -1.251  1.00 22.89 ? 53  ASP A O   1 
ATOM   219  C  CB  . ASP A 1 27  ? 13.897  9.147   -0.501  1.00 27.60 ? 53  ASP A CB  1 
ATOM   220  C  CG  . ASP A 1 27  ? 14.983  8.451   0.178   1.00 33.47 ? 53  ASP A CG  1 
ATOM   221  O  OD1 . ASP A 1 27  ? 14.865  7.258   0.545   1.00 39.59 ? 53  ASP A OD1 1 
ATOM   222  O  OD2 . ASP A 1 27  ? 15.966  9.128   0.365   1.00 33.74 ? 53  ASP A OD2 1 
ATOM   223  N  N   . GLY A 1 28  ? 11.126  10.019  1.026   1.00 19.95 ? 54  GLY A N   1 
ATOM   224  C  CA  . GLY A 1 28  ? 10.207  11.121  1.232   1.00 22.13 ? 54  GLY A CA  1 
ATOM   225  C  C   . GLY A 1 28  ? 8.748   10.742  1.292   1.00 19.52 ? 54  GLY A C   1 
ATOM   226  O  O   . GLY A 1 28  ? 7.887   11.591  1.466   1.00 22.36 ? 54  GLY A O   1 
ATOM   227  N  N   . TRP A 1 29  ? 8.450   9.435   1.222   1.00 20.55 ? 55  TRP A N   1 
ATOM   228  C  CA  . TRP A 1 29  ? 7.072   8.998   1.179   1.00 19.89 ? 55  TRP A CA  1 
ATOM   229  C  C   . TRP A 1 29  ? 6.276   9.385   2.402   1.00 19.85 ? 55  TRP A C   1 
ATOM   230  O  O   . TRP A 1 29  ? 5.083   9.644   2.298   1.00 20.04 ? 55  TRP A O   1 
ATOM   231  C  CB  . TRP A 1 29  ? 6.999   7.474   0.963   1.00 19.45 ? 55  TRP A CB  1 
ATOM   232  C  CG  . TRP A 1 29  ? 7.553   6.604   2.041   1.00 19.19 ? 55  TRP A CG  1 
ATOM   233  C  CD1 . TRP A 1 29  ? 8.820   6.154   2.139   1.00 20.29 ? 55  TRP A CD1 1 
ATOM   234  C  CD2 . TRP A 1 29  ? 6.842   6.075   3.163   1.00 19.00 ? 55  TRP A CD2 1 
ATOM   235  N  NE1 . TRP A 1 29  ? 8.971   5.371   3.268   1.00 20.32 ? 55  TRP A NE1 1 
ATOM   236  C  CE2 . TRP A 1 29  ? 7.767   5.293   3.921   1.00 19.63 ? 55  TRP A CE2 1 
ATOM   237  C  CE3 . TRP A 1 29  ? 5.539   6.204   3.626   1.00 18.69 ? 55  TRP A CE3 1 
ATOM   238  C  CZ2 . TRP A 1 29  ? 7.406   4.624   5.103   1.00 20.83 ? 55  TRP A CZ2 1 
ATOM   239  C  CZ3 . TRP A 1 29  ? 5.166   5.511   4.792   1.00 19.33 ? 55  TRP A CZ3 1 
ATOM   240  C  CH2 . TRP A 1 29  ? 6.103   4.741   5.514   1.00 19.13 ? 55  TRP A CH2 1 
ATOM   241  N  N   . ARG A 1 30  ? 6.940   9.445   3.563   1.00 17.72 ? 56  ARG A N   1 
ATOM   242  C  CA  . ARG A 1 30  ? 6.221   9.720   4.783   1.00 19.94 ? 56  ARG A CA  1 
ATOM   243  C  C   . ARG A 1 30  ? 5.547   11.055  4.735   1.00 19.70 ? 56  ARG A C   1 
ATOM   244  O  O   . ARG A 1 30  ? 4.433   11.218  5.214   1.00 22.55 ? 56  ARG A O   1 
ATOM   245  C  CB  . ARG A 1 30  ? 7.149   9.611   5.989   1.00 20.25 ? 56  ARG A CB  1 
ATOM   246  C  CG  . ARG A 1 30  ? 7.595   8.177   6.301   1.00 19.56 ? 56  ARG A CG  1 
ATOM   247  C  CD  . ARG A 1 30  ? 8.520   8.237   7.486   1.00 20.77 ? 56  ARG A CD  1 
ATOM   248  N  NE  . ARG A 1 30  ? 9.000   6.954   7.962   1.00 23.16 ? 56  ARG A NE  1 
ATOM   249  C  CZ  . ARG A 1 30  ? 9.948   6.223   7.379   1.00 23.44 ? 56  ARG A CZ  1 
ATOM   250  N  NH1 . ARG A 1 30  ? 10.498  6.604   6.233   1.00 23.65 ? 56  ARG A NH1 1 
ATOM   251  N  NH2 . ARG A 1 30  ? 10.344  5.099   7.960   1.00 24.85 ? 56  ARG A NH2 1 
ATOM   252  N  N   . ASP A 1 31  ? 6.257   12.053  4.211   1.00 22.91 ? 57  ASP A N   1 
ATOM   253  C  CA  . ASP A 1 31  ? 5.692   13.380  4.134   1.00 21.70 ? 57  ASP A CA  1 
ATOM   254  C  C   . ASP A 1 31  ? 4.534   13.423  3.153   1.00 19.39 ? 57  ASP A C   1 
ATOM   255  O  O   . ASP A 1 31  ? 3.583   14.173  3.366   1.00 19.87 ? 57  ASP A O   1 
ATOM   256  C  CB  . ASP A 1 31  ? 6.766   14.408  3.803   1.00 25.33 ? 57  ASP A CB  1 
ATOM   257  C  CG  . ASP A 1 31  ? 7.722   14.637  4.963   1.00 28.40 ? 57  ASP A CG  1 
ATOM   258  O  OD1 . ASP A 1 31  ? 7.315   14.519  6.163   1.00 26.19 ? 57  ASP A OD1 1 
ATOM   259  O  OD2 . ASP A 1 31  ? 8.890   14.971  4.677   1.00 39.87 ? 57  ASP A OD2 1 
ATOM   260  N  N   . VAL A 1 32  ? 4.566   12.571  2.125   1.00 20.12 ? 58  VAL A N   1 
ATOM   261  C  CA  . VAL A 1 32  ? 3.434   12.474  1.191   1.00 19.05 ? 58  VAL A CA  1 
ATOM   262  C  C   . VAL A 1 32  ? 2.220   11.872  1.938   1.00 20.26 ? 58  VAL A C   1 
ATOM   263  O  O   . VAL A 1 32  ? 1.089   12.321  1.806   1.00 18.61 ? 58  VAL A O   1 
ATOM   264  C  CB  . VAL A 1 32  ? 3.760   11.633  -0.087  1.00 18.74 ? 58  VAL A CB  1 
ATOM   265  C  CG1 . VAL A 1 32  ? 2.486   11.432  -0.959  1.00 20.48 ? 58  VAL A CG1 1 
ATOM   266  C  CG2 . VAL A 1 32  ? 4.888   12.284  -0.903  1.00 22.66 ? 58  VAL A CG2 1 
ATOM   267  N  N   . TRP A 1 33  ? 2.464   10.829  2.718   1.00 17.75 ? 59  TRP A N   1 
ATOM   268  C  CA  . TRP A 1 33  ? 1.396   10.282  3.546   1.00 18.60 ? 59  TRP A CA  1 
ATOM   269  C  C   . TRP A 1 33  ? 0.819   11.352  4.497   1.00 20.04 ? 59  TRP A C   1 
ATOM   270  O  O   . TRP A 1 33  ? -0.392  11.488  4.636   1.00 19.24 ? 59  TRP A O   1 
ATOM   271  C  CB  . TRP A 1 33  ? 1.878   9.070   4.341   1.00 18.78 ? 59  TRP A CB  1 
ATOM   272  C  CG  . TRP A 1 33  ? 1.928   7.779   3.574   1.00 17.65 ? 59  TRP A CG  1 
ATOM   273  C  CD1 . TRP A 1 33  ? 2.391   7.598   2.315   1.00 18.35 ? 59  TRP A CD1 1 
ATOM   274  C  CD2 . TRP A 1 33  ? 1.502   6.492   4.029   1.00 17.47 ? 59  TRP A CD2 1 
ATOM   275  N  NE1 . TRP A 1 33  ? 2.257   6.279   1.941   1.00 18.17 ? 59  TRP A NE1 1 
ATOM   276  C  CE2 . TRP A 1 33  ? 1.720   5.582   2.971   1.00 17.03 ? 59  TRP A CE2 1 
ATOM   277  C  CE3 . TRP A 1 33  ? 0.934   6.011   5.215   1.00 17.90 ? 59  TRP A CE3 1 
ATOM   278  C  CZ2 . TRP A 1 33  ? 1.422   4.228   3.074   1.00 17.49 ? 59  TRP A CZ2 1 
ATOM   279  C  CZ3 . TRP A 1 33  ? 0.629   4.682   5.308   1.00 19.43 ? 59  TRP A CZ3 1 
ATOM   280  C  CH2 . TRP A 1 33  ? 0.900   3.805   4.269   1.00 18.10 ? 59  TRP A CH2 1 
ATOM   281  N  N   . ARG A 1 34  ? 1.693   12.124  5.138   1.00 21.09 ? 60  ARG A N   1 
ATOM   282  C  CA  . ARG A 1 34  ? 1.228   13.152  6.079   1.00 21.67 ? 60  ARG A CA  1 
ATOM   283  C  C   . ARG A 1 34  ? 0.398   14.253  5.421   1.00 21.64 ? 60  ARG A C   1 
ATOM   284  O  O   . ARG A 1 34  ? -0.505  14.792  6.046   1.00 25.46 ? 60  ARG A O   1 
ATOM   285  C  CB  . ARG A 1 34  ? 2.394   13.753  6.853   1.00 22.16 ? 60  ARG A CB  1 
ATOM   286  C  CG  . ARG A 1 34  ? 3.055   12.752  7.775   1.00 21.31 ? 60  ARG A CG  1 
ATOM   287  C  CD  . ARG A 1 34  ? 4.206   13.339  8.546   1.00 22.95 ? 60  ARG A CD  1 
ATOM   288  N  NE  . ARG A 1 34  ? 4.854   12.310  9.370   1.00 20.82 ? 60  ARG A NE  1 
ATOM   289  C  CZ  . ARG A 1 34  ? 6.094   11.846  9.198   1.00 21.28 ? 60  ARG A CZ  1 
ATOM   290  N  NH1 . ARG A 1 34  ? 6.898   12.306  8.246   1.00 25.45 ? 60  ARG A NH1 1 
ATOM   291  N  NH2 . ARG A 1 34  ? 6.543   10.902  10.002  1.00 25.45 ? 60  ARG A NH2 1 
ATOM   292  N  N   . GLU A 1 35  ? 0.675   14.563  4.161   1.00 21.89 ? 61  GLU A N   1 
ATOM   293  C  CA  . GLU A 1 35  ? -0.146  15.539  3.434   1.00 23.08 ? 61  GLU A CA  1 
ATOM   294  C  C   . GLU A 1 35  ? -1.429  14.982  2.810   1.00 22.73 ? 61  GLU A C   1 
ATOM   295  O  O   . GLU A 1 35  ? -2.352  15.725  2.503   1.00 24.41 ? 61  GLU A O   1 
ATOM   296  C  CB  . GLU A 1 35  ? 0.676   16.281  2.400   1.00 27.97 ? 61  GLU A CB  1 
ATOM   297  C  CG  . GLU A 1 35  ? 1.204   15.528  1.208   1.00 30.45 ? 61  GLU A CG  1 
ATOM   298  C  CD  . GLU A 1 35  ? 2.155   16.422  0.380   1.00 36.13 ? 61  GLU A CD  1 
ATOM   299  O  OE1 . GLU A 1 35  ? 1.712   17.514  -0.033  1.00 43.50 ? 61  GLU A OE1 1 
ATOM   300  O  OE2 . GLU A 1 35  ? 3.343   16.064  0.186   1.00 46.43 ? 61  GLU A OE2 1 
ATOM   301  N  N   . THR A 1 36  ? -1.499  13.663  2.657   1.00 20.80 ? 62  THR A N   1 
ATOM   302  C  CA  . THR A 1 36  ? -2.613  12.987  1.975   1.00 21.13 ? 62  THR A CA  1 
ATOM   303  C  C   . THR A 1 36  ? -3.668  12.401  2.929   1.00 19.72 ? 62  THR A C   1 
ATOM   304  O  O   . THR A 1 36  ? -4.868  12.388  2.655   1.00 21.27 ? 62  THR A O   1 
ATOM   305  C  CB  . THR A 1 36  ? -1.999  11.837  1.112   1.00 19.68 ? 62  THR A CB  1 
ATOM   306  O  OG1 . THR A 1 36  ? -1.118  12.439  0.142   1.00 24.49 ? 62  THR A OG1 1 
ATOM   307  C  CG2 . THR A 1 36  ? -3.065  11.070  0.338   1.00 24.07 ? 62  THR A CG2 1 
HETATM 308  N  N   A MSE A 1 37  ? -3.175  11.779  4.005   0.70 18.98 ? 63  MSE A N   1 
HETATM 309  N  N   B MSE A 1 37  ? -3.220  12.014  4.102   0.30 20.42 ? 63  MSE A N   1 
HETATM 310  C  CA  A MSE A 1 37  ? -4.030  11.109  5.003   0.70 18.50 ? 63  MSE A CA  1 
HETATM 311  C  CA  B MSE A 1 37  ? -4.076  11.256  4.963   0.30 20.65 ? 63  MSE A CA  1 
HETATM 312  C  C   A MSE A 1 37  ? -4.416  12.096  6.110   0.70 20.16 ? 63  MSE A C   1 
HETATM 313  C  C   B MSE A 1 37  ? -4.364  12.038  6.208   0.30 20.74 ? 63  MSE A C   1 
HETATM 314  O  O   A MSE A 1 37  ? -3.663  13.032  6.421   0.70 20.79 ? 63  MSE A O   1 
HETATM 315  O  O   B MSE A 1 37  ? -3.518  12.800  6.691   0.30 20.64 ? 63  MSE A O   1 
HETATM 316  C  CB  A MSE A 1 37  ? -3.304  9.925   5.661   0.70 18.65 ? 63  MSE A CB  1 
HETATM 317  C  CB  B MSE A 1 37  ? -3.388  9.961   5.275   0.30 21.01 ? 63  MSE A CB  1 
HETATM 318  C  CG  A MSE A 1 37  ? -3.289  8.613   4.885   0.70 17.09 ? 63  MSE A CG  1 
HETATM 319  C  CG  B MSE A 1 37  ? -2.740  9.402   4.044   0.30 21.98 ? 63  MSE A CG  1 
HETATM 320  SE SE  A MSE A 1 37  ? -2.183  8.616   3.231   0.53 16.76 ? 63  MSE A SE  1 
HETATM 321  SE SE  B MSE A 1 37  ? -1.754  7.940   4.627   0.22 23.16 ? 63  MSE A SE  1 
HETATM 322  C  CE  A MSE A 1 37  ? -2.000  6.667   3.033   0.70 18.97 ? 63  MSE A CE  1 
HETATM 323  C  CE  B MSE A 1 37  ? -1.771  6.853   3.009   0.30 21.66 ? 63  MSE A CE  1 
ATOM   324  N  N   . THR A 1 38  ? -5.565  11.832  6.733   1.00 19.17 ? 64  THR A N   1 
ATOM   325  C  CA  . THR A 1 38  ? -5.988  12.570  7.941   1.00 19.74 ? 64  THR A CA  1 
ATOM   326  C  C   . THR A 1 38  ? -5.236  12.011  9.152   1.00 18.48 ? 64  THR A C   1 
ATOM   327  O  O   . THR A 1 38  ? -4.679  10.927  9.123   1.00 17.85 ? 64  THR A O   1 
ATOM   328  C  CB  . THR A 1 38  ? -7.488  12.420  8.177   1.00 17.51 ? 64  THR A CB  1 
ATOM   329  O  OG1 . THR A 1 38  ? -7.807  11.033  8.367   1.00 20.18 ? 64  THR A OG1 1 
ATOM   330  C  CG2 . THR A 1 38  ? -8.264  12.999  6.980   1.00 19.17 ? 64  THR A CG2 1 
ATOM   331  N  N   . PRO A 1 39  ? -5.159  12.794  10.229  1.00 18.06 ? 65  PRO A N   1 
ATOM   332  C  CA  . PRO A 1 39  ? -4.457  12.321  11.436  1.00 18.56 ? 65  PRO A CA  1 
ATOM   333  C  C   . PRO A 1 39  ? -5.026  11.022  12.021  1.00 18.84 ? 65  PRO A C   1 
ATOM   334  O  O   . PRO A 1 39  ? -4.292  10.213  12.595  1.00 21.11 ? 65  PRO A O   1 
ATOM   335  C  CB  . PRO A 1 39  ? -4.634  13.487  12.417  1.00 17.86 ? 65  PRO A CB  1 
ATOM   336  C  CG  . PRO A 1 39  ? -4.970  14.648  11.548  1.00 19.11 ? 65  PRO A CG  1 
ATOM   337  C  CD  . PRO A 1 39  ? -5.681  14.168  10.364  1.00 18.22 ? 65  PRO A CD  1 
ATOM   338  N  N   . GLY A 1 40  ? -6.337  10.847  11.892  1.00 18.56 ? 66  GLY A N   1 
ATOM   339  C  CA  . GLY A 1 40  ? -7.019  9.648   12.374  1.00 19.19 ? 66  GLY A CA  1 
ATOM   340  C  C   . GLY A 1 40  ? -7.135  8.544   11.319  1.00 19.72 ? 66  GLY A C   1 
ATOM   341  O  O   . GLY A 1 40  ? -7.913  7.612   11.496  1.00 19.53 ? 66  GLY A O   1 
ATOM   342  N  N   . PHE A 1 41  ? -6.355  8.658   10.243  1.00 18.82 ? 67  PHE A N   1 
ATOM   343  C  CA  . PHE A 1 41  ? -6.260  7.601   9.216   1.00 18.62 ? 67  PHE A CA  1 
ATOM   344  C  C   . PHE A 1 41  ? -6.138  6.232   9.842   1.00 19.41 ? 67  PHE A C   1 
ATOM   345  O  O   . PHE A 1 41  ? -5.430  6.034   10.838  1.00 20.12 ? 67  PHE A O   1 
ATOM   346  C  CB  . PHE A 1 41  ? -5.057  7.898   8.347   1.00 20.13 ? 67  PHE A CB  1 
ATOM   347  C  CG  . PHE A 1 41  ? -4.722  6.815   7.373   1.00 17.42 ? 67  PHE A CG  1 
ATOM   348  C  CD1 . PHE A 1 41  ? -5.526  6.562   6.308   1.00 20.21 ? 67  PHE A CD1 1 
ATOM   349  C  CD2 . PHE A 1 41  ? -3.545  6.089   7.500   1.00 18.68 ? 67  PHE A CD2 1 
ATOM   350  C  CE1 . PHE A 1 41  ? -5.157  5.571   5.360   1.00 19.53 ? 67  PHE A CE1 1 
ATOM   351  C  CE2 . PHE A 1 41  ? -3.165  5.173   6.581   1.00 18.91 ? 67  PHE A CE2 1 
ATOM   352  C  CZ  . PHE A 1 41  ? -3.980  4.866   5.528   1.00 18.45 ? 67  PHE A CZ  1 
ATOM   353  N  N   . ARG A 1 42  ? -6.826  5.277   9.232   1.00 18.84 ? 68  ARG A N   1 
ATOM   354  C  CA  . ARG A 1 42  ? -6.820  3.867   9.662   1.00 20.56 ? 68  ARG A CA  1 
ATOM   355  C  C   . ARG A 1 42  ? -6.351  2.996   8.490   1.00 18.11 ? 68  ARG A C   1 
ATOM   356  O  O   . ARG A 1 42  ? -6.843  3.136   7.371   1.00 18.86 ? 68  ARG A O   1 
ATOM   357  C  CB  . ARG A 1 42  ? -8.254  3.383   9.958   1.00 23.31 ? 68  ARG A CB  1 
ATOM   358  C  CG  . ARG A 1 42  ? -8.876  3.966   11.170  1.00 30.58 ? 68  ARG A CG  1 
ATOM   359  C  CD  . ARG A 1 42  ? -10.412 3.923   11.107  1.00 31.76 ? 68  ARG A CD  1 
ATOM   360  N  NE  . ARG A 1 42  ? -10.920 2.604   10.745  1.00 39.41 ? 68  ARG A NE  1 
ATOM   361  C  CZ  . ARG A 1 42  ? -11.181 1.607   11.585  1.00 38.98 ? 68  ARG A CZ  1 
ATOM   362  N  NH1 . ARG A 1 42  ? -10.997 1.718   12.881  1.00 43.53 ? 68  ARG A NH1 1 
ATOM   363  N  NH2 . ARG A 1 42  ? -11.654 0.470   11.112  1.00 43.08 ? 68  ARG A NH2 1 
ATOM   364  N  N   A SER A 1 43  ? -5.446  2.089   8.816   0.50 17.64 ? 69  SER A N   1 
ATOM   365  N  N   B SER A 1 43  ? -5.385  2.104   8.707   0.50 18.20 ? 69  SER A N   1 
ATOM   366  C  CA  A SER A 1 43  ? -4.846  1.165   7.890   0.50 16.59 ? 69  SER A CA  1 
ATOM   367  C  CA  B SER A 1 43  ? -4.998  1.125   7.666   0.50 18.63 ? 69  SER A CA  1 
ATOM   368  C  C   A SER A 1 43  ? -5.285  -0.261  8.264   0.50 16.31 ? 69  SER A C   1 
ATOM   369  C  C   B SER A 1 43  ? -5.272  -0.297  8.128   0.50 17.84 ? 69  SER A C   1 
ATOM   370  O  O   A SER A 1 43  ? -5.266  -0.651  9.428   0.50 16.39 ? 69  SER A O   1 
ATOM   371  O  O   B SER A 1 43  ? -4.866  -0.691  9.218   0.50 19.32 ? 69  SER A O   1 
ATOM   372  C  CB  A SER A 1 43  ? -3.333  1.298   7.973   0.50 17.35 ? 69  SER A CB  1 
ATOM   373  C  CB  B SER A 1 43  ? -3.528  1.275   7.242   0.50 19.60 ? 69  SER A CB  1 
ATOM   374  O  OG  A SER A 1 43  ? -2.725  0.426   7.044   0.50 18.17 ? 69  SER A OG  1 
ATOM   375  O  OG  B SER A 1 43  ? -2.636  0.799   8.237   0.50 20.60 ? 69  SER A OG  1 
ATOM   376  N  N   A ILE A 1 44  ? -5.719  -1.022  7.278   0.50 16.56 ? 70  ILE A N   1 
ATOM   377  N  N   B ILE A 1 44  ? -5.999  -1.040  7.302   0.50 19.07 ? 70  ILE A N   1 
ATOM   378  C  CA  A ILE A 1 44  ? -6.235  -2.356  7.504   0.50 16.34 ? 70  ILE A CA  1 
ATOM   379  C  CA  B ILE A 1 44  ? -6.320  -2.435  7.560   0.50 18.36 ? 70  ILE A CA  1 
ATOM   380  C  C   A ILE A 1 44  ? -5.472  -3.283  6.548   0.50 16.59 ? 70  ILE A C   1 
ATOM   381  C  C   B ILE A 1 44  ? -5.557  -3.347  6.574   0.50 18.12 ? 70  ILE A C   1 
ATOM   382  O  O   A ILE A 1 44  ? -5.523  -3.079  5.314   0.50 16.30 ? 70  ILE A O   1 
ATOM   383  O  O   B ILE A 1 44  ? -5.718  -3.234  5.352   0.50 17.97 ? 70  ILE A O   1 
ATOM   384  C  CB  A ILE A 1 44  ? -7.750  -2.426  7.229   0.50 16.94 ? 70  ILE A CB  1 
ATOM   385  C  CB  B ILE A 1 44  ? -7.847  -2.704  7.447   0.50 20.46 ? 70  ILE A CB  1 
ATOM   386  C  CG1 A ILE A 1 44  ? -8.512  -1.589  8.268   0.50 20.88 ? 70  ILE A CG1 1 
ATOM   387  C  CG1 B ILE A 1 44  ? -8.641  -1.834  8.438   0.50 24.17 ? 70  ILE A CG1 1 
ATOM   388  C  CG2 A ILE A 1 44  ? -8.251  -3.893  7.242   0.50 17.14 ? 70  ILE A CG2 1 
ATOM   389  C  CG2 B ILE A 1 44  ? -8.171  -4.183  7.729   0.50 19.73 ? 70  ILE A CG2 1 
ATOM   390  C  CD1 A ILE A 1 44  ? -9.995  -1.382  7.940   0.50 19.70 ? 70  ILE A CD1 1 
ATOM   391  C  CD1 B ILE A 1 44  ? -9.172  -0.531  7.851   0.50 28.70 ? 70  ILE A CD1 1 
ATOM   392  N  N   . PHE A 1 45  ? -4.724  -4.225  7.114   1.00 18.03 ? 71  PHE A N   1 
ATOM   393  C  CA  . PHE A 1 45  ? -3.880  -5.119  6.347   1.00 17.22 ? 71  PHE A CA  1 
ATOM   394  C  C   . PHE A 1 45  ? -4.530  -6.481  6.366   1.00 17.52 ? 71  PHE A C   1 
ATOM   395  O  O   . PHE A 1 45  ? -4.553  -7.135  7.410   1.00 17.73 ? 71  PHE A O   1 
ATOM   396  C  CB  . PHE A 1 45  ? -2.494  -5.140  6.972   1.00 17.73 ? 71  PHE A CB  1 
ATOM   397  C  CG  . PHE A 1 45  ? -1.484  -5.948  6.242   1.00 19.00 ? 71  PHE A CG  1 
ATOM   398  C  CD1 . PHE A 1 45  ? -0.922  -5.482  5.105   1.00 19.57 ? 71  PHE A CD1 1 
ATOM   399  C  CD2 . PHE A 1 45  ? -1.062  -7.152  6.736   1.00 19.22 ? 71  PHE A CD2 1 
ATOM   400  C  CE1 . PHE A 1 45  ? 0.103   -6.183  4.466   1.00 19.49 ? 71  PHE A CE1 1 
ATOM   401  C  CE2 . PHE A 1 45  ? -0.059  -7.891  6.074   1.00 20.98 ? 71  PHE A CE2 1 
ATOM   402  C  CZ  . PHE A 1 45  ? 0.477   -7.411  4.932   1.00 20.69 ? 71  PHE A CZ  1 
ATOM   403  N  N   . HIS A 1 46  ? -5.110  -6.913  5.256   1.00 17.41 ? 72  HIS A N   1 
ATOM   404  C  CA  . HIS A 1 46  ? -5.837  -8.172  5.171   1.00 17.33 ? 72  HIS A CA  1 
ATOM   405  C  C   . HIS A 1 46  ? -6.930  -8.160  6.281   1.00 17.00 ? 72  HIS A C   1 
ATOM   406  O  O   . HIS A 1 46  ? -7.739  -7.245  6.345   1.00 18.11 ? 72  HIS A O   1 
ATOM   407  C  CB  . HIS A 1 46  ? -4.856  -9.370  5.204   1.00 19.48 ? 72  HIS A CB  1 
ATOM   408  C  CG  . HIS A 1 46  ? -3.906  -9.381  4.056   1.00 18.22 ? 72  HIS A CG  1 
ATOM   409  N  ND1 . HIS A 1 46  ? -2.741  -8.641  4.067   1.00 19.86 ? 72  HIS A ND1 1 
ATOM   410  C  CD2 . HIS A 1 46  ? -4.004  -9.894  2.804   1.00 19.51 ? 72  HIS A CD2 1 
ATOM   411  C  CE1 . HIS A 1 46  ? -2.152  -8.742  2.875   1.00 19.35 ? 72  HIS A CE1 1 
ATOM   412  N  NE2 . HIS A 1 46  ? -2.904  -9.487  2.096   1.00 18.15 ? 72  HIS A NE2 1 
ATOM   413  N  N   . SER A 1 47  ? -7.033  -9.216  7.108   1.00 18.07 ? 73  SER A N   1 
ATOM   414  C  CA  . SER A 1 47  ? -8.044  -9.278  8.163   1.00 19.26 ? 73  SER A CA  1 
ATOM   415  C  C   . SER A 1 47  ? -7.507  -8.766  9.498   1.00 18.96 ? 73  SER A C   1 
ATOM   416  O  O   . SER A 1 47  ? -8.220  -8.850  10.519  1.00 20.89 ? 73  SER A O   1 
ATOM   417  C  CB  . SER A 1 47  ? -8.599  -10.692 8.369   1.00 19.10 ? 73  SER A CB  1 
ATOM   418  O  OG  . SER A 1 47  ? -7.628  -11.524 8.943   1.00 20.42 ? 73  SER A OG  1 
ATOM   419  N  N   . ASN A 1 48  ? -6.291  -8.201  9.504   1.00 17.92 ? 74  ASN A N   1 
ATOM   420  C  CA  . ASN A 1 48  ? -5.721  -7.661  10.782  1.00 19.04 ? 74  ASN A CA  1 
ATOM   421  C  C   . ASN A 1 48  ? -6.566  -6.525  11.313  1.00 18.32 ? 74  ASN A C   1 
ATOM   422  O  O   . ASN A 1 48  ? -7.239  -5.830  10.578  1.00 21.01 ? 74  ASN A O   1 
ATOM   423  C  CB  . ASN A 1 48  ? -4.321  -7.104  10.640  1.00 20.50 ? 74  ASN A CB  1 
ATOM   424  C  CG  . ASN A 1 48  ? -3.267  -8.125  10.327  1.00 26.22 ? 74  ASN A CG  1 
ATOM   425  O  OD1 . ASN A 1 48  ? -2.079  -7.758  10.205  1.00 33.36 ? 74  ASN A OD1 1 
ATOM   426  N  ND2 . ASN A 1 48  ? -3.653  -9.358  10.154  1.00 28.92 ? 74  ASN A ND2 1 
ATOM   427  N  N   A GLN A 1 49  ? -6.542  -6.345  12.644  0.50 20.42 ? 75  GLN A N   1 
ATOM   428  N  N   B GLN A 1 49  ? -6.531  -6.347  12.642  0.50 19.58 ? 75  GLN A N   1 
ATOM   429  C  CA  A GLN A 1 49  ? -7.231  -5.215  13.223  0.50 22.80 ? 75  GLN A CA  1 
ATOM   430  C  CA  B GLN A 1 49  ? -7.188  -5.209  13.233  0.50 21.25 ? 75  GLN A CA  1 
ATOM   431  C  C   A GLN A 1 49  ? -6.609  -3.926  12.656  0.50 20.44 ? 75  GLN A C   1 
ATOM   432  C  C   B GLN A 1 49  ? -6.599  -3.917  12.634  0.50 19.44 ? 75  GLN A C   1 
ATOM   433  O  O   A GLN A 1 49  ? -5.419  -3.885  12.319  0.50 21.24 ? 75  GLN A O   1 
ATOM   434  O  O   B GLN A 1 49  ? -5.422  -3.859  12.255  0.50 19.63 ? 75  GLN A O   1 
ATOM   435  C  CB  A GLN A 1 49  ? -7.201  -5.240  14.759  0.50 24.02 ? 75  GLN A CB  1 
ATOM   436  C  CB  B GLN A 1 49  ? -7.054  -5.216  14.757  0.50 22.64 ? 75  GLN A CB  1 
ATOM   437  C  CG  A GLN A 1 49  ? -5.857  -4.963  15.422  0.50 27.94 ? 75  GLN A CG  1 
ATOM   438  C  CG  B GLN A 1 49  ? -7.892  -6.298  15.462  0.50 26.18 ? 75  GLN A CG  1 
ATOM   439  C  CD  A GLN A 1 49  ? -5.965  -4.811  16.951  0.50 29.77 ? 75  GLN A CD  1 
ATOM   440  C  CD  B GLN A 1 49  ? -9.366  -6.276  15.068  0.50 30.92 ? 75  GLN A CD  1 
ATOM   441  O  OE1 A GLN A 1 49  ? -6.939  -5.248  17.570  0.50 32.68 ? 75  GLN A OE1 1 
ATOM   442  O  OE1 B GLN A 1 49  ? -9.866  -7.228  14.461  0.50 37.31 ? 75  GLN A OE1 1 
ATOM   443  N  NE2 A GLN A 1 49  ? -4.953  -4.196  17.557  0.50 31.99 ? 75  GLN A NE2 1 
ATOM   444  N  NE2 B GLN A 1 49  ? -10.053 -5.180  15.373  0.50 32.27 ? 75  GLN A NE2 1 
ATOM   445  N  N   . ALA A 1 50  ? -7.423  -2.890  12.539  1.00 19.58 ? 76  ALA A N   1 
ATOM   446  C  CA  . ALA A 1 50  ? -6.968  -1.614  12.031  1.00 19.99 ? 76  ALA A CA  1 
ATOM   447  C  C   . ALA A 1 50  ? -5.802  -1.043  12.837  1.00 21.20 ? 76  ALA A C   1 
ATOM   448  O  O   . ALA A 1 50  ? -5.770  -1.129  14.100  1.00 18.99 ? 76  ALA A O   1 
ATOM   449  C  CB  . ALA A 1 50  ? -8.118  -0.571  11.972  1.00 21.86 ? 76  ALA A CB  1 
ATOM   450  N  N   . VAL A 1 51  ? -4.847  -0.460  12.118  1.00 19.26 ? 77  VAL A N   1 
ATOM   451  C  CA  . VAL A 1 51  ? -3.801  0.359   12.755  1.00 18.81 ? 77  VAL A CA  1 
ATOM   452  C  C   . VAL A 1 51  ? -4.332  1.780   12.699  1.00 19.39 ? 77  VAL A C   1 
ATOM   453  O  O   . VAL A 1 51  ? -4.577  2.315   11.589  1.00 18.71 ? 77  VAL A O   1 
ATOM   454  C  CB  . VAL A 1 51  ? -2.470  0.231   11.994  1.00 19.72 ? 77  VAL A CB  1 
ATOM   455  C  CG1 . VAL A 1 51  ? -1.437  1.234   12.521  1.00 20.09 ? 77  VAL A CG1 1 
ATOM   456  C  CG2 . VAL A 1 51  ? -1.935  -1.215  12.096  1.00 22.09 ? 77  VAL A CG2 1 
ATOM   457  N  N   . GLU A 1 52  ? -4.519  2.407   13.868  1.00 18.58 ? 78  GLU A N   1 
ATOM   458  C  CA  . GLU A 1 52  ? -5.229  3.672   13.991  1.00 19.53 ? 78  GLU A CA  1 
ATOM   459  C  C   . GLU A 1 52  ? -4.233  4.813   14.209  1.00 19.13 ? 78  GLU A C   1 
ATOM   460  O  O   . GLU A 1 52  ? -3.417  4.782   15.143  1.00 20.19 ? 78  GLU A O   1 
ATOM   461  C  CB  . GLU A 1 52  ? -6.159  3.658   15.185  1.00 23.40 ? 78  GLU A CB  1 
ATOM   462  C  CG  . GLU A 1 52  ? -7.061  2.478   15.281  1.00 29.52 ? 78  GLU A CG  1 
ATOM   463  C  CD  . GLU A 1 52  ? -8.391  2.674   14.625  1.00 36.81 ? 78  GLU A CD  1 
ATOM   464  O  OE1 . GLU A 1 52  ? -8.735  3.813   14.195  1.00 43.09 ? 78  GLU A OE1 1 
ATOM   465  O  OE2 . GLU A 1 52  ? -9.116  1.663   14.573  1.00 40.73 ? 78  GLU A OE2 1 
ATOM   466  N  N   . GLY A 1 53  ? -4.379  5.860   13.413  1.00 18.72 ? 79  GLY A N   1 
ATOM   467  C  CA  . GLY A 1 53  ? -3.501  7.019   13.510  1.00 19.85 ? 79  GLY A CA  1 
ATOM   468  C  C   . GLY A 1 53  ? -2.461  7.048   12.423  1.00 18.74 ? 79  GLY A C   1 
ATOM   469  O  O   . GLY A 1 53  ? -1.879  6.044   12.093  1.00 18.76 ? 79  GLY A O   1 
ATOM   470  N  N   A ILE A 1 54  ? -2.199  8.231   11.878  0.50 17.94 ? 80  ILE A N   1 
ATOM   471  N  N   B ILE A 1 54  ? -2.192  8.233   11.893  0.50 18.02 ? 80  ILE A N   1 
ATOM   472  C  CA  A ILE A 1 54  ? -1.292  8.348   10.742  0.50 18.07 ? 80  ILE A CA  1 
ATOM   473  C  CA  B ILE A 1 54  ? -1.298  8.353   10.756  0.50 18.24 ? 80  ILE A CA  1 
ATOM   474  C  C   A ILE A 1 54  ? 0.155   7.929   11.060  0.50 19.07 ? 80  ILE A C   1 
ATOM   475  C  C   B ILE A 1 54  ? 0.153   7.934   11.061  0.50 19.15 ? 80  ILE A C   1 
ATOM   476  O  O   A ILE A 1 54  ? 0.783   7.222   10.273  0.50 18.35 ? 80  ILE A O   1 
ATOM   477  O  O   B ILE A 1 54  ? 0.777   7.233   10.264  0.50 18.54 ? 80  ILE A O   1 
ATOM   478  C  CB  A ILE A 1 54  ? -1.350  9.787   10.125  0.50 19.52 ? 80  ILE A CB  1 
ATOM   479  C  CB  B ILE A 1 54  ? -1.371  9.787   10.154  0.50 19.54 ? 80  ILE A CB  1 
ATOM   480  C  CG1 A ILE A 1 54  ? -0.528  9.853   8.830   0.50 20.23 ? 80  ILE A CG1 1 
ATOM   481  C  CG1 B ILE A 1 54  ? -0.742  9.788   8.764   0.50 19.31 ? 80  ILE A CG1 1 
ATOM   482  C  CG2 A ILE A 1 54  ? -0.935  10.856  11.143  0.50 17.82 ? 80  ILE A CG2 1 
ATOM   483  C  CG2 B ILE A 1 54  ? -0.765  10.832  11.089  0.50 18.75 ? 80  ILE A CG2 1 
ATOM   484  C  CD1 A ILE A 1 54  ? -0.919  8.825   7.761   0.50 18.61 ? 80  ILE A CD1 1 
ATOM   485  C  CD1 B ILE A 1 54  ? -0.907  11.085  8.054   0.50 19.06 ? 80  ILE A CD1 1 
ATOM   486  N  N   . GLU A 1 55  ? 0.690   8.331   12.213  1.00 18.43 ? 81  GLU A N   1 
ATOM   487  C  CA  . GLU A 1 55  ? 2.062   7.947   12.527  1.00 19.44 ? 81  GLU A CA  1 
ATOM   488  C  C   . GLU A 1 55  ? 2.195   6.442   12.742  1.00 17.93 ? 81  GLU A C   1 
ATOM   489  O  O   . GLU A 1 55  ? 3.188   5.828   12.312  1.00 19.28 ? 81  GLU A O   1 
ATOM   490  C  CB  . GLU A 1 55  ? 2.576   8.686   13.738  1.00 19.84 ? 81  GLU A CB  1 
ATOM   491  C  CG  . GLU A 1 55  ? 2.724   10.176  13.506  1.00 21.37 ? 81  GLU A CG  1 
ATOM   492  C  CD  . GLU A 1 55  ? 3.566   10.497  12.300  1.00 20.52 ? 81  GLU A CD  1 
ATOM   493  O  OE1 . GLU A 1 55  ? 4.598   9.834   12.104  1.00 26.37 ? 81  GLU A OE1 1 
ATOM   494  O  OE2 . GLU A 1 55  ? 3.187   11.414  11.540  1.00 26.88 ? 81  GLU A OE2 1 
ATOM   495  N  N   . GLN A 1 56  ? 1.179   5.860   13.381  1.00 19.33 ? 82  GLN A N   1 
ATOM   496  C  CA  . GLN A 1 56  ? 1.123   4.398   13.595  1.00 18.58 ? 82  GLN A CA  1 
ATOM   497  C  C   . GLN A 1 56  ? 1.042   3.669   12.267  1.00 17.94 ? 82  GLN A C   1 
ATOM   498  O  O   . GLN A 1 56  ? 1.736   2.660   12.036  1.00 19.25 ? 82  GLN A O   1 
ATOM   499  C  CB  . GLN A 1 56  ? -0.068  4.046   14.469  1.00 19.86 ? 82  GLN A CB  1 
ATOM   500  C  CG  . GLN A 1 56  ? 0.049   4.553   15.924  1.00 23.02 ? 82  GLN A CG  1 
ATOM   501  C  CD  . GLN A 1 56  ? -0.456  5.988   16.149  1.00 20.86 ? 82  GLN A CD  1 
ATOM   502  O  OE1 . GLN A 1 56  ? -0.694  6.746   15.218  1.00 21.58 ? 82  GLN A OE1 1 
ATOM   503  N  NE2 . GLN A 1 56  ? -0.567  6.374   17.425  1.00 23.16 ? 82  GLN A NE2 1 
ATOM   504  N  N   . ALA A 1 57  ? 0.199   4.188   11.382  1.00 18.02 ? 83  ALA A N   1 
ATOM   505  C  CA  . ALA A 1 57  ? 0.059   3.570   10.076  1.00 17.25 ? 83  ALA A CA  1 
ATOM   506  C  C   . ALA A 1 57  ? 1.325   3.705   9.223   1.00 16.84 ? 83  ALA A C   1 
ATOM   507  O  O   . ALA A 1 57  ? 1.727   2.786   8.497   1.00 18.38 ? 83  ALA A O   1 
ATOM   508  C  CB  . ALA A 1 57  ? -1.125  4.183   9.345   1.00 18.19 ? 83  ALA A CB  1 
ATOM   509  N  N   . ILE A 1 58  ? 1.962   4.858   9.285   1.00 18.77 ? 84  ILE A N   1 
ATOM   510  C  CA  . ILE A 1 58  ? 3.253   5.034   8.663   1.00 18.61 ? 84  ILE A CA  1 
ATOM   511  C  C   . ILE A 1 58  ? 4.309   4.060   9.189   1.00 18.58 ? 84  ILE A C   1 
ATOM   512  O  O   . ILE A 1 58  ? 5.055   3.474   8.421   1.00 18.61 ? 84  ILE A O   1 
ATOM   513  C  CB  . ILE A 1 58  ? 3.742   6.518   8.838   1.00 18.51 ? 84  ILE A CB  1 
ATOM   514  C  CG1 . ILE A 1 58  ? 2.970   7.451   7.901   1.00 17.52 ? 84  ILE A CG1 1 
ATOM   515  C  CG2 . ILE A 1 58  ? 5.275   6.679   8.604   1.00 20.99 ? 84  ILE A CG2 1 
ATOM   516  C  CD1 . ILE A 1 58  ? 3.285   8.926   8.162   1.00 18.35 ? 84  ILE A CD1 1 
ATOM   517  N  N   . ALA A 1 59  ? 4.373   3.907   10.507  1.00 17.89 ? 85  ALA A N   1 
ATOM   518  C  CA  . ALA A 1 59  ? 5.306   2.966   11.119  1.00 18.57 ? 85  ALA A CA  1 
ATOM   519  C  C   . ALA A 1 59  ? 5.100   1.538   10.617  1.00 19.83 ? 85  ALA A C   1 
ATOM   520  O  O   . ALA A 1 59  ? 6.060   0.827   10.349  1.00 20.19 ? 85  ALA A O   1 
ATOM   521  C  CB  . ALA A 1 59  ? 5.176   3.029   12.640  1.00 19.61 ? 85  ALA A CB  1 
ATOM   522  N  N   . PHE A 1 60  ? 3.842   1.141   10.489  1.00 19.08 ? 86  PHE A N   1 
ATOM   523  C  CA  . PHE A 1 60  ? 3.498   -0.190  10.010  1.00 18.64 ? 86  PHE A CA  1 
ATOM   524  C  C   . PHE A 1 60  ? 3.968   -0.341  8.557   1.00 18.49 ? 86  PHE A C   1 
ATOM   525  O  O   . PHE A 1 60  ? 4.533   -1.380  8.147   1.00 19.20 ? 86  PHE A O   1 
ATOM   526  C  CB  . PHE A 1 60  ? 1.991   -0.418  10.138  1.00 20.06 ? 86  PHE A CB  1 
ATOM   527  C  CG  . PHE A 1 60  ? 1.538   -1.760  9.660   1.00 21.76 ? 86  PHE A CG  1 
ATOM   528  C  CD1 . PHE A 1 60  ? 1.596   -2.852  10.486  1.00 25.43 ? 86  PHE A CD1 1 
ATOM   529  C  CD2 . PHE A 1 60  ? 1.094   -1.935  8.367   1.00 20.06 ? 86  PHE A CD2 1 
ATOM   530  C  CE1 . PHE A 1 60  ? 1.184   -4.099  10.028  1.00 30.19 ? 86  PHE A CE1 1 
ATOM   531  C  CE2 . PHE A 1 60  ? 0.682   -3.207  7.905   1.00 24.02 ? 86  PHE A CE2 1 
ATOM   532  C  CZ  . PHE A 1 60  ? 0.729   -4.266  8.722   1.00 27.91 ? 86  PHE A CZ  1 
ATOM   533  N  N   . ASN A 1 61  ? 3.700   0.667   7.713   1.00 17.92 ? 87  ASN A N   1 
ATOM   534  C  CA  . ASN A 1 61  ? 4.147   0.591   6.326   1.00 17.59 ? 87  ASN A CA  1 
ATOM   535  C  C   . ASN A 1 61  ? 5.662   0.463   6.218   1.00 18.42 ? 87  ASN A C   1 
ATOM   536  O  O   . ASN A 1 61  ? 6.169   -0.322  5.425   1.00 19.47 ? 87  ASN A O   1 
ATOM   537  C  CB  . ASN A 1 61  ? 3.654   1.835   5.558   1.00 17.08 ? 87  ASN A CB  1 
ATOM   538  C  CG  . ASN A 1 61  ? 3.686   1.682   4.065   1.00 19.86 ? 87  ASN A CG  1 
ATOM   539  O  OD1 . ASN A 1 61  ? 4.271   2.520   3.348   1.00 22.11 ? 87  ASN A OD1 1 
ATOM   540  N  ND2 . ASN A 1 61  ? 2.976   0.740   3.580   1.00 16.79 ? 87  ASN A ND2 1 
ATOM   541  N  N   . ALA A 1 62  ? 6.357   1.230   7.054   1.00 19.22 ? 88  ALA A N   1 
ATOM   542  C  CA  . ALA A 1 62  ? 7.806   1.199   7.075   1.00 20.53 ? 88  ALA A CA  1 
ATOM   543  C  C   . ALA A 1 62  ? 8.327   -0.199  7.376   1.00 19.80 ? 88  ALA A C   1 
ATOM   544  O  O   . ALA A 1 62  ? 9.261   -0.647  6.704   1.00 21.06 ? 88  ALA A O   1 
ATOM   545  C  CB  . ALA A 1 62  ? 8.376   2.238   8.089   1.00 19.75 ? 88  ALA A CB  1 
ATOM   546  N  N   . VAL A 1 63  ? 7.686   -0.893  8.315   1.00 21.19 ? 89  VAL A N   1 
ATOM   547  C  CA  . VAL A 1 63  ? 8.064   -2.285  8.639   1.00 21.50 ? 89  VAL A CA  1 
ATOM   548  C  C   . VAL A 1 63  ? 7.930   -3.182  7.433   1.00 20.58 ? 89  VAL A C   1 
ATOM   549  O  O   . VAL A 1 63  ? 8.803   -3.965  7.111   1.00 23.46 ? 89  VAL A O   1 
ATOM   550  C  CB  . VAL A 1 63  ? 7.264   -2.851  9.851   1.00 25.06 ? 89  VAL A CB  1 
ATOM   551  C  CG1 . VAL A 1 63  ? 7.471   -4.385  10.003  1.00 27.56 ? 89  VAL A CG1 1 
ATOM   552  C  CG2 . VAL A 1 63  ? 7.641   -2.117  11.094  1.00 28.42 ? 89  VAL A CG2 1 
ATOM   553  N  N   . LEU A 1 64  ? 6.815   -3.068  6.720   1.00 20.35 ? 90  LEU A N   1 
ATOM   554  C  CA  . LEU A 1 64  ? 6.657   -3.879  5.540   1.00 20.44 ? 90  LEU A CA  1 
ATOM   555  C  C   . LEU A 1 64  ? 7.790   -3.671  4.538   1.00 20.26 ? 90  LEU A C   1 
ATOM   556  O  O   . LEU A 1 64  ? 8.313   -4.608  3.950   1.00 19.33 ? 90  LEU A O   1 
ATOM   557  C  CB  . LEU A 1 64  ? 5.282   -3.618  4.868   1.00 22.02 ? 90  LEU A CB  1 
ATOM   558  C  CG  . LEU A 1 64  ? 4.008   -3.904  5.662   1.00 24.54 ? 90  LEU A CG  1 
ATOM   559  C  CD1 . LEU A 1 64  ? 2.755   -3.436  4.875   1.00 24.02 ? 90  LEU A CD1 1 
ATOM   560  C  CD2 . LEU A 1 64  ? 3.905   -5.394  5.992   1.00 25.53 ? 90  LEU A CD2 1 
ATOM   561  N  N   . PHE A 1 65  ? 8.133   -2.398  4.247   1.00 18.30 ? 91  PHE A N   1 
ATOM   562  C  CA  . PHE A 1 65  ? 9.161   -2.083  3.292   1.00 19.16 ? 91  PHE A CA  1 
ATOM   563  C  C   . PHE A 1 65  ? 10.585  -2.451  3.728   1.00 19.43 ? 91  PHE A C   1 
ATOM   564  O  O   . PHE A 1 65  ? 11.454  -2.537  2.903   1.00 22.61 ? 91  PHE A O   1 
ATOM   565  C  CB  . PHE A 1 65  ? 9.055   -0.623  2.825   1.00 18.51 ? 91  PHE A CB  1 
ATOM   566  C  CG  . PHE A 1 65  ? 7.941   -0.439  1.805   1.00 18.89 ? 91  PHE A CG  1 
ATOM   567  C  CD1 . PHE A 1 65  ? 6.667   -0.200  2.200   1.00 19.78 ? 91  PHE A CD1 1 
ATOM   568  C  CD2 . PHE A 1 65  ? 8.217   -0.568  0.467   1.00 19.87 ? 91  PHE A CD2 1 
ATOM   569  C  CE1 . PHE A 1 65  ? 5.630   -0.100  1.293   1.00 21.30 ? 91  PHE A CE1 1 
ATOM   570  C  CE2 . PHE A 1 65  ? 7.227   -0.443  -0.468  1.00 20.05 ? 91  PHE A CE2 1 
ATOM   571  C  CZ  . PHE A 1 65  ? 5.917   -0.214  -0.058  1.00 18.37 ? 91  PHE A CZ  1 
ATOM   572  N  N   A GLU A 1 66  ? 10.811  -2.664  5.026   0.30 18.33 ? 92  GLU A N   1 
ATOM   573  N  N   B GLU A 1 66  ? 10.810  -2.672  5.022   0.70 17.78 ? 92  GLU A N   1 
ATOM   574  C  CA  A GLU A 1 66  ? 12.093  -3.219  5.445   0.30 17.72 ? 92  GLU A CA  1 
ATOM   575  C  CA  B GLU A 1 66  ? 12.092  -3.234  5.403   0.70 18.24 ? 92  GLU A CA  1 
ATOM   576  C  C   A GLU A 1 66  ? 12.287  -4.619  4.829   0.30 17.32 ? 92  GLU A C   1 
ATOM   577  C  C   B GLU A 1 66  ? 12.282  -4.636  4.800   0.70 16.59 ? 92  GLU A C   1 
ATOM   578  O  O   A GLU A 1 66  ? 13.416  -5.030  4.579   0.30 19.06 ? 92  GLU A O   1 
ATOM   579  O  O   B GLU A 1 66  ? 13.391  -5.089  4.574   0.70 19.28 ? 92  GLU A O   1 
ATOM   580  C  CB  A GLU A 1 66  ? 12.234  -3.281  6.976   0.30 18.74 ? 92  GLU A CB  1 
ATOM   581  C  CB  B GLU A 1 66  ? 12.240  -3.265  6.921   0.70 20.07 ? 92  GLU A CB  1 
ATOM   582  C  CG  A GLU A 1 66  ? 12.261  -1.922  7.687   0.30 18.68 ? 92  GLU A CG  1 
ATOM   583  C  CG  B GLU A 1 66  ? 12.450  -1.888  7.436   0.70 22.17 ? 92  GLU A CG  1 
ATOM   584  C  CD  A GLU A 1 66  ? 13.544  -1.114  7.486   0.30 21.44 ? 92  GLU A CD  1 
ATOM   585  C  CD  B GLU A 1 66  ? 12.378  -1.773  8.917   0.70 23.92 ? 92  GLU A CD  1 
ATOM   586  O  OE1 A GLU A 1 66  ? 14.462  -1.560  6.769   0.30 17.12 ? 92  GLU A OE1 1 
ATOM   587  O  OE1 B GLU A 1 66  ? 12.099  -2.775  9.627   0.70 34.51 ? 92  GLU A OE1 1 
ATOM   588  O  OE2 A GLU A 1 66  ? 13.635  -0.033  8.098   0.30 20.63 ? 92  GLU A OE2 1 
ATOM   589  O  OE2 B GLU A 1 66  ? 12.636  -0.648  9.384   0.70 35.66 ? 92  GLU A OE2 1 
ATOM   590  N  N   . GLY A 1 67  ? 11.198  -5.354  4.604   1.00 17.27 ? 93  GLY A N   1 
ATOM   591  C  CA  . GLY A 1 67  ? 11.298  -6.674  4.040   1.00 16.07 ? 93  GLY A CA  1 
ATOM   592  C  C   . GLY A 1 67  ? 11.631  -6.624  2.562   1.00 16.83 ? 93  GLY A C   1 
ATOM   593  O  O   . GLY A 1 67  ? 12.341  -7.502  2.078   1.00 17.53 ? 93  GLY A O   1 
ATOM   594  N  N   . PHE A 1 68  ? 11.049  -5.637  1.858   1.00 16.74 ? 94  PHE A N   1 
ATOM   595  C  CA  . PHE A 1 68  ? 11.198  -5.523  0.400   1.00 18.46 ? 94  PHE A CA  1 
ATOM   596  C  C   . PHE A 1 68  ? 11.617  -4.072  0.079   1.00 18.67 ? 94  PHE A C   1 
ATOM   597  O  O   . PHE A 1 68  ? 10.823  -3.301  -0.428  1.00 19.13 ? 94  PHE A O   1 
ATOM   598  C  CB  . PHE A 1 68  ? 9.906   -5.860  -0.311  1.00 17.65 ? 94  PHE A CB  1 
ATOM   599  C  CG  . PHE A 1 68  ? 9.451   -7.279  -0.135  1.00 17.51 ? 94  PHE A CG  1 
ATOM   600  C  CD1 . PHE A 1 68  ? 8.704   -7.641  0.967   1.00 17.81 ? 94  PHE A CD1 1 
ATOM   601  C  CD2 . PHE A 1 68  ? 9.798   -8.279  -1.049  1.00 17.58 ? 94  PHE A CD2 1 
ATOM   602  C  CE1 . PHE A 1 68  ? 8.292   -8.945  1.143   1.00 18.08 ? 94  PHE A CE1 1 
ATOM   603  C  CE2 . PHE A 1 68  ? 9.338   -9.597  -0.900  1.00 17.55 ? 94  PHE A CE2 1 
ATOM   604  C  CZ  . PHE A 1 68  ? 8.604   -9.926  0.205   1.00 18.02 ? 94  PHE A CZ  1 
ATOM   605  N  N   . PRO A 1 69  ? 12.854  -3.691  0.378   1.00 17.92 ? 95  PRO A N   1 
ATOM   606  C  CA  . PRO A 1 69  ? 13.197  -2.295  0.293   1.00 17.98 ? 95  PRO A CA  1 
ATOM   607  C  C   . PRO A 1 69  ? 13.210  -1.691  -1.083  1.00 18.95 ? 95  PRO A C   1 
ATOM   608  O  O   . PRO A 1 69  ? 13.151  -0.452  -1.208  1.00 21.62 ? 95  PRO A O   1 
ATOM   609  C  CB  . PRO A 1 69  ? 14.607  -2.241  0.911   1.00 20.23 ? 95  PRO A CB  1 
ATOM   610  C  CG  . PRO A 1 69  ? 14.967  -3.597  1.221   1.00 20.87 ? 95  PRO A CG  1 
ATOM   611  C  CD  . PRO A 1 69  ? 13.941  -4.520  0.956   1.00 19.87 ? 95  PRO A CD  1 
ATOM   612  N  N   A ARG A 1 70  ? 13.365  -2.517  -2.128  0.50 18.39 ? 96  ARG A N   1 
ATOM   613  N  N   B ARG A 1 70  ? 13.240  -2.511  -2.117  0.50 18.26 ? 96  ARG A N   1 
ATOM   614  C  CA  A ARG A 1 70  ? 13.308  -2.065  -3.549  0.50 17.22 ? 96  ARG A CA  1 
ATOM   615  C  CA  B ARG A 1 70  ? 13.191  -1.986  -3.478  0.50 18.22 ? 96  ARG A CA  1 
ATOM   616  C  C   A ARG A 1 70  ? 11.962  -2.419  -4.224  0.50 17.77 ? 96  ARG A C   1 
ATOM   617  C  C   B ARG A 1 70  ? 11.975  -2.525  -4.220  0.50 18.14 ? 96  ARG A C   1 
ATOM   618  O  O   A ARG A 1 70  ? 11.858  -2.339  -5.445  0.50 17.79 ? 96  ARG A O   1 
ATOM   619  O  O   B ARG A 1 70  ? 11.953  -2.682  -5.441  0.50 19.14 ? 96  ARG A O   1 
ATOM   620  C  CB  A ARG A 1 70  ? 14.446  -2.657  -4.433  0.50 18.03 ? 96  ARG A CB  1 
ATOM   621  C  CB  B ARG A 1 70  ? 14.478  -2.305  -4.182  0.50 18.14 ? 96  ARG A CB  1 
ATOM   622  C  CG  A ARG A 1 70  ? 15.890  -2.142  -4.197  0.50 17.00 ? 96  ARG A CG  1 
ATOM   623  C  CG  B ARG A 1 70  ? 15.669  -1.860  -3.390  0.50 18.47 ? 96  ARG A CG  1 
ATOM   624  C  CD  A ARG A 1 70  ? 16.879  -2.654  -5.291  0.50 15.41 ? 96  ARG A CD  1 
ATOM   625  C  CD  B ARG A 1 70  ? 16.885  -2.110  -4.230  0.50 21.09 ? 96  ARG A CD  1 
ATOM   626  N  NE  A ARG A 1 70  ? 18.296  -2.272  -5.010  0.50 14.52 ? 96  ARG A NE  1 
ATOM   627  N  NE  B ARG A 1 70  ? 18.158  -1.744  -3.621  0.50 27.98 ? 96  ARG A NE  1 
ATOM   628  C  CZ  A ARG A 1 70  ? 19.139  -3.014  -4.268  0.50 11.37 ? 96  ARG A CZ  1 
ATOM   629  C  CZ  B ARG A 1 70  ? 18.996  -2.605  -3.053  0.50 25.66 ? 96  ARG A CZ  1 
ATOM   630  N  NH1 A ARG A 1 70  ? 18.732  -4.165  -3.797  0.50 15.65 ? 96  ARG A NH1 1 
ATOM   631  N  NH1 B ARG A 1 70  ? 18.639  -3.882  -2.906  0.50 32.55 ? 96  ARG A NH1 1 
ATOM   632  N  NH2 A ARG A 1 70  ? 20.348  -2.596  -4.024  0.50 15.03 ? 96  ARG A NH2 1 
ATOM   633  N  NH2 B ARG A 1 70  ? 20.150  -2.187  -2.565  0.50 24.22 ? 96  ARG A NH2 1 
ATOM   634  N  N   . LEU A 1 71  ? 10.933  -2.783  -3.462  1.00 17.67 ? 97  LEU A N   1 
ATOM   635  C  CA  . LEU A 1 71  ? 9.673   -3.245  -4.061  1.00 17.75 ? 97  LEU A CA  1 
ATOM   636  C  C   . LEU A 1 71  ? 9.198   -2.245  -5.101  1.00 17.42 ? 97  LEU A C   1 
ATOM   637  O  O   . LEU A 1 71  ? 9.117   -1.048  -4.850  1.00 19.06 ? 97  LEU A O   1 
ATOM   638  C  CB  . LEU A 1 71  ? 8.624   -3.400  -2.969  1.00 17.12 ? 97  LEU A CB  1 
ATOM   639  C  CG  . LEU A 1 71  ? 7.407   -4.256  -3.342  1.00 18.52 ? 97  LEU A CG  1 
ATOM   640  C  CD1 . LEU A 1 71  ? 7.748   -5.697  -3.620  1.00 18.87 ? 97  LEU A CD1 1 
ATOM   641  C  CD2 . LEU A 1 71  ? 6.431   -4.184  -2.175  1.00 19.86 ? 97  LEU A CD2 1 
ATOM   642  N  N   . GLU A 1 72  ? 8.876   -2.802  -6.267  1.00 18.56 ? 98  GLU A N   1 
ATOM   643  C  CA  . GLU A 1 72  ? 8.284   -2.051  -7.363  1.00 17.82 ? 98  GLU A CA  1 
ATOM   644  C  C   . GLU A 1 72  ? 6.806   -2.308  -7.487  1.00 18.36 ? 98  GLU A C   1 
ATOM   645  O  O   . GLU A 1 72  ? 6.358   -3.434  -7.353  1.00 18.19 ? 98  GLU A O   1 
ATOM   646  C  CB  . GLU A 1 72  ? 8.958   -2.402  -8.689  1.00 16.48 ? 98  GLU A CB  1 
ATOM   647  C  CG  . GLU A 1 72  ? 10.429  -1.972  -8.741  1.00 20.53 ? 98  GLU A CG  1 
ATOM   648  C  CD  . GLU A 1 72  ? 11.136  -2.436  -10.023 1.00 24.58 ? 98  GLU A CD  1 
ATOM   649  O  OE1 . GLU A 1 72  ? 10.484  -3.055  -10.890 1.00 30.22 ? 98  GLU A OE1 1 
ATOM   650  O  OE2 . GLU A 1 72  ? 12.350  -2.281  -10.090 1.00 31.05 ? 98  GLU A OE2 1 
ATOM   651  N  N   . VAL A 1 73  ? 6.069   -1.249  -7.778  1.00 17.14 ? 99  VAL A N   1 
ATOM   652  C  CA  . VAL A 1 73  ? 4.626   -1.337  -8.015  1.00 15.15 ? 99  VAL A CA  1 
ATOM   653  C  C   . VAL A 1 73  ? 4.288   -0.829  -9.405  1.00 16.68 ? 99  VAL A C   1 
ATOM   654  O  O   . VAL A 1 73  ? 4.756   0.209   -9.809  1.00 17.83 ? 99  VAL A O   1 
ATOM   655  C  CB  . VAL A 1 73  ? 3.805   -0.650  -6.848  1.00 16.47 ? 99  VAL A CB  1 
ATOM   656  C  CG1 . VAL A 1 73  ? 4.109   0.839   -6.740  1.00 19.37 ? 99  VAL A CG1 1 
ATOM   657  C  CG2 . VAL A 1 73  ? 2.310   -0.935  -7.036  1.00 17.56 ? 99  VAL A CG2 1 
ATOM   658  N  N   . VAL A 1 74  ? 3.443   -1.599  -10.102 1.00 17.11 ? 100 VAL A N   1 
ATOM   659  C  CA  . VAL A 1 74  ? 2.884   -1.188  -11.396 1.00 17.48 ? 100 VAL A CA  1 
ATOM   660  C  C   . VAL A 1 74  ? 1.376   -1.188  -11.250 1.00 16.86 ? 100 VAL A C   1 
ATOM   661  O  O   . VAL A 1 74  ? 0.740   -2.241  -11.053 1.00 18.18 ? 100 VAL A O   1 
ATOM   662  C  CB  . VAL A 1 74  ? 3.339   -2.085  -12.539 1.00 17.33 ? 100 VAL A CB  1 
ATOM   663  C  CG1 . VAL A 1 74  ? 2.717   -1.586  -13.859 1.00 18.40 ? 100 VAL A CG1 1 
ATOM   664  C  CG2 . VAL A 1 74  ? 4.860   -2.050  -12.704 1.00 18.83 ? 100 VAL A CG2 1 
ATOM   665  N  N   . VAL A 1 75  ? 0.772   -0.004  -11.324 1.00 16.49 ? 101 VAL A N   1 
ATOM   666  C  CA  . VAL A 1 75  ? -0.663  0.138   -11.264 1.00 17.33 ? 101 VAL A CA  1 
ATOM   667  C  C   . VAL A 1 75  ? -1.250  -0.441  -12.524 1.00 17.82 ? 101 VAL A C   1 
ATOM   668  O  O   . VAL A 1 75  ? -0.800  -0.119  -13.659 1.00 18.31 ? 101 VAL A O   1 
ATOM   669  C  CB  . VAL A 1 75  ? -1.061  1.615   -11.069 1.00 18.21 ? 101 VAL A CB  1 
ATOM   670  C  CG1 . VAL A 1 75  ? -2.599  1.758   -11.234 1.00 17.64 ? 101 VAL A CG1 1 
ATOM   671  C  CG2 . VAL A 1 75  ? -0.605  2.162   -9.701  1.00 19.93 ? 101 VAL A CG2 1 
ATOM   672  N  N   . GLU A 1 76  ? -2.279  -1.275  -12.392 1.00 18.57 ? 102 GLU A N   1 
ATOM   673  C  CA  . GLU A 1 76  ? -2.964  -1.734  -13.574 1.00 22.35 ? 102 GLU A CA  1 
ATOM   674  C  C   . GLU A 1 76  ? -4.454  -1.621  -13.663 1.00 19.14 ? 102 GLU A C   1 
ATOM   675  O  O   . GLU A 1 76  ? -5.000  -1.924  -14.734 1.00 22.07 ? 102 GLU A O   1 
ATOM   676  C  CB  . GLU A 1 76  ? -2.692  -3.130  -13.880 1.00 25.51 ? 102 GLU A CB  1 
ATOM   677  C  CG  . GLU A 1 76  ? -2.977  -4.010  -12.811 1.00 22.06 ? 102 GLU A CG  1 
ATOM   678  C  CD  . GLU A 1 76  ? -2.870  -5.414  -13.344 1.00 29.10 ? 102 GLU A CD  1 
ATOM   679  O  OE1 . GLU A 1 76  ? -1.681  -5.879  -13.365 1.00 32.53 ? 102 GLU A OE1 1 
ATOM   680  O  OE2 . GLU A 1 76  ? -3.909  -6.015  -13.706 1.00 34.07 ? 102 GLU A OE2 1 
ATOM   681  N  N   . ASN A 1 77  ? -5.083  -1.168  -12.609 1.00 19.43 ? 103 ASN A N   1 
ATOM   682  C  CA  . ASN A 1 77  ? -6.477  -0.757  -12.751 1.00 19.95 ? 103 ASN A CA  1 
ATOM   683  C  C   . ASN A 1 77  ? -6.794  0.255   -11.681 1.00 18.92 ? 103 ASN A C   1 
ATOM   684  O  O   . ASN A 1 77  ? -6.353  0.065   -10.536 1.00 19.22 ? 103 ASN A O   1 
ATOM   685  C  CB  . ASN A 1 77  ? -7.418  -1.973  -12.729 1.00 20.50 ? 103 ASN A CB  1 
ATOM   686  C  CG  . ASN A 1 77  ? -8.853  -1.582  -13.003 1.00 30.24 ? 103 ASN A CG  1 
ATOM   687  O  OD1 . ASN A 1 77  ? -9.551  -1.211  -12.104 1.00 39.75 ? 103 ASN A OD1 1 
ATOM   688  N  ND2 . ASN A 1 77  ? -9.192  -1.507  -14.253 1.00 35.11 ? 103 ASN A ND2 1 
ATOM   689  N  N   . VAL A 1 78  ? -7.524  1.327   -12.010 1.00 17.28 ? 104 VAL A N   1 
ATOM   690  C  CA  . VAL A 1 78  ? -8.046  2.276   -11.056 1.00 15.94 ? 104 VAL A CA  1 
ATOM   691  C  C   . VAL A 1 78  ? -9.577  2.342   -11.286 1.00 17.76 ? 104 VAL A C   1 
ATOM   692  O  O   . VAL A 1 78  ? -10.042 2.555   -12.423 1.00 17.73 ? 104 VAL A O   1 
ATOM   693  C  CB  . VAL A 1 78  ? -7.464  3.656   -11.218 1.00 17.24 ? 104 VAL A CB  1 
ATOM   694  C  CG1 . VAL A 1 78  ? -8.097  4.653   -10.265 1.00 19.94 ? 104 VAL A CG1 1 
ATOM   695  C  CG2 . VAL A 1 78  ? -5.912  3.572   -11.095 1.00 19.18 ? 104 VAL A CG2 1 
ATOM   696  N  N   . THR A 1 79  ? -10.326 2.159   -10.220 1.00 16.75 ? 105 THR A N   1 
ATOM   697  C  CA  . THR A 1 79  ? -11.768 2.260   -10.246 1.00 15.50 ? 105 THR A CA  1 
ATOM   698  C  C   . THR A 1 79  ? -12.188 3.200   -9.170  1.00 16.73 ? 105 THR A C   1 
ATOM   699  O  O   . THR A 1 79  ? -11.901 2.965   -7.979  1.00 18.77 ? 105 THR A O   1 
ATOM   700  C  CB  . THR A 1 79  ? -12.370 0.868   -10.082 1.00 16.26 ? 105 THR A CB  1 
ATOM   701  O  OG1 . THR A 1 79  ? -12.083 0.124   -11.267 1.00 19.65 ? 105 THR A OG1 1 
ATOM   702  C  CG2 . THR A 1 79  ? -13.926 0.877   -9.852  1.00 18.99 ? 105 THR A CG2 1 
ATOM   703  N  N   . VAL A 1 80  ? -12.950 4.223   -9.510  1.00 16.51 ? 106 VAL A N   1 
ATOM   704  C  CA  . VAL A 1 80  ? -13.425 5.159   -8.513  1.00 15.82 ? 106 VAL A CA  1 
ATOM   705  C  C   . VAL A 1 80  ? -14.920 5.341   -8.623  1.00 15.58 ? 106 VAL A C   1 
ATOM   706  O  O   . VAL A 1 80  ? -15.443 5.472   -9.716  1.00 16.69 ? 106 VAL A O   1 
ATOM   707  C  CB  . VAL A 1 80  ? -12.713 6.562   -8.628  1.00 15.12 ? 106 VAL A CB  1 
ATOM   708  C  CG1 . VAL A 1 80  ? -12.883 7.137   -10.034 1.00 18.01 ? 106 VAL A CG1 1 
ATOM   709  C  CG2 . VAL A 1 80  ? -13.218 7.554   -7.582  1.00 16.89 ? 106 VAL A CG2 1 
ATOM   710  N  N   . GLU A 1 81  ? -15.584 5.380   -7.467  1.00 16.65 ? 107 GLU A N   1 
ATOM   711  C  CA  . GLU A 1 81  ? -16.975 5.831   -7.345  1.00 15.84 ? 107 GLU A CA  1 
ATOM   712  C  C   . GLU A 1 81  ? -17.065 6.722   -6.128  1.00 17.23 ? 107 GLU A C   1 
ATOM   713  O  O   . GLU A 1 81  ? -16.865 6.286   -4.982  1.00 17.49 ? 107 GLU A O   1 
ATOM   714  C  CB  . GLU A 1 81  ? -17.931 4.664   -7.218  1.00 16.57 ? 107 GLU A CB  1 
ATOM   715  C  CG  . GLU A 1 81  ? -19.381 5.136   -7.319  1.00 16.29 ? 107 GLU A CG  1 
ATOM   716  C  CD  . GLU A 1 81  ? -20.402 4.055   -7.301  1.00 18.80 ? 107 GLU A CD  1 
ATOM   717  O  OE1 . GLU A 1 81  ? -20.113 2.912   -6.937  1.00 17.68 ? 107 GLU A OE1 1 
ATOM   718  O  OE2 . GLU A 1 81  ? -21.587 4.416   -7.562  1.00 22.75 ? 107 GLU A OE2 1 
ATOM   719  N  N   . GLY A 1 82  ? -17.299 7.982   -6.374  1.00 19.26 ? 108 GLY A N   1 
ATOM   720  C  CA  . GLY A 1 82  ? -17.358 8.958   -5.289  1.00 20.06 ? 108 GLY A CA  1 
ATOM   721  C  C   . GLY A 1 82  ? -16.078 8.994   -4.472  1.00 20.68 ? 108 GLY A C   1 
ATOM   722  O  O   . GLY A 1 82  ? -15.001 9.176   -5.031  1.00 20.12 ? 108 GLY A O   1 
ATOM   723  N  N   . ASP A 1 83  ? -16.224 8.779   -3.158  1.00 18.23 ? 109 ASP A N   1 
ATOM   724  C  CA  . ASP A 1 83  ? -15.105 8.821   -2.233  1.00 18.63 ? 109 ASP A CA  1 
ATOM   725  C  C   . ASP A 1 83  ? -14.412 7.442   -2.013  1.00 17.98 ? 109 ASP A C   1 
ATOM   726  O  O   . ASP A 1 83  ? -13.645 7.263   -1.079  1.00 18.36 ? 109 ASP A O   1 
ATOM   727  C  CB  . ASP A 1 83  ? -15.566 9.445   -0.909  1.00 19.68 ? 109 ASP A CB  1 
ATOM   728  C  CG  . ASP A 1 83  ? -15.653 10.936  -0.974  1.00 21.07 ? 109 ASP A CG  1 
ATOM   729  O  OD1 . ASP A 1 83  ? -14.888 11.589  -1.726  1.00 23.01 ? 109 ASP A OD1 1 
ATOM   730  O  OD2 . ASP A 1 83  ? -16.476 11.513  -0.226  1.00 22.59 ? 109 ASP A OD2 1 
ATOM   731  N  N   . ASN A 1 84  ? -14.685 6.472   -2.898  1.00 18.12 ? 110 ASN A N   1 
ATOM   732  C  CA  . ASN A 1 84  ? -14.035 5.166   -2.868  1.00 17.60 ? 110 ASN A CA  1 
ATOM   733  C  C   . ASN A 1 84  ? -13.184 5.000   -4.086  1.00 17.71 ? 110 ASN A C   1 
ATOM   734  O  O   . ASN A 1 84  ? -13.670 5.130   -5.186  1.00 18.75 ? 110 ASN A O   1 
ATOM   735  C  CB  . ASN A 1 84  ? -15.062 4.035   -2.868  1.00 18.56 ? 110 ASN A CB  1 
ATOM   736  C  CG  . ASN A 1 84  ? -15.934 4.065   -1.604  1.00 22.63 ? 110 ASN A CG  1 
ATOM   737  O  OD1 . ASN A 1 84  ? -15.545 3.538   -0.577  1.00 29.64 ? 110 ASN A OD1 1 
ATOM   738  N  ND2 . ASN A 1 84  ? -17.033 4.763   -1.663  1.00 27.84 ? 110 ASN A ND2 1 
ATOM   739  N  N   . VAL A 1 85  ? -11.866 4.766   -3.878  1.00 16.76 ? 111 VAL A N   1 
ATOM   740  C  CA  . VAL A 1 85  ? -10.920 4.540   -4.951  1.00 17.69 ? 111 VAL A CA  1 
ATOM   741  C  C   . VAL A 1 85  ? -10.282 3.179   -4.736  1.00 17.32 ? 111 VAL A C   1 
ATOM   742  O  O   . VAL A 1 85  ? -9.758  2.883   -3.639  1.00 18.29 ? 111 VAL A O   1 
ATOM   743  C  CB  . VAL A 1 85  ? -9.822  5.618   -4.998  1.00 17.75 ? 111 VAL A CB  1 
ATOM   744  C  CG1 . VAL A 1 85  ? -8.891  5.295   -6.145  1.00 19.11 ? 111 VAL A CG1 1 
ATOM   745  C  CG2 . VAL A 1 85  ? -10.446 7.010   -5.186  1.00 17.97 ? 111 VAL A CG2 1 
ATOM   746  N  N   . VAL A 1 86  ? -10.288 2.371   -5.782  1.00 16.86 ? 112 VAL A N   1 
ATOM   747  C  CA  . VAL A 1 86  ? -9.741  1.023   -5.745  1.00 18.15 ? 112 VAL A CA  1 
ATOM   748  C  C   . VAL A 1 86  ? -8.626  0.943   -6.742  1.00 17.44 ? 112 VAL A C   1 
ATOM   749  O  O   . VAL A 1 86  ? -8.783  1.314   -7.902  1.00 18.45 ? 112 VAL A O   1 
ATOM   750  C  CB  . VAL A 1 86  ? -10.839 -0.030  -6.108  1.00 19.14 ? 112 VAL A CB  1 
ATOM   751  C  CG1 . VAL A 1 86  ? -10.245 -1.463  -6.086  1.00 20.10 ? 112 VAL A CG1 1 
ATOM   752  C  CG2 . VAL A 1 86  ? -12.085 0.144   -5.193  1.00 19.96 ? 112 VAL A CG2 1 
ATOM   753  N  N   . VAL A 1 87  ? -7.439  0.574   -6.302  1.00 16.74 ? 113 VAL A N   1 
ATOM   754  C  CA  . VAL A 1 87  ? -6.251  0.481   -7.117  1.00 16.51 ? 113 VAL A CA  1 
ATOM   755  C  C   . VAL A 1 87  ? -5.788  -0.961  -7.139  1.00 16.96 ? 113 VAL A C   1 
ATOM   756  O  O   . VAL A 1 87  ? -5.459  -1.514  -6.097  1.00 17.39 ? 113 VAL A O   1 
ATOM   757  C  CB  . VAL A 1 87  ? -5.127  1.416   -6.627  1.00 16.86 ? 113 VAL A CB  1 
ATOM   758  C  CG1 . VAL A 1 87  ? -3.912  1.288   -7.543  1.00 18.39 ? 113 VAL A CG1 1 
ATOM   759  C  CG2 . VAL A 1 87  ? -5.609  2.860   -6.558  1.00 19.08 ? 113 VAL A CG2 1 
ATOM   760  N  N   . GLN A 1 88  ? -5.713  -1.572  -8.303  1.00 16.80 ? 114 GLN A N   1 
ATOM   761  C  CA  . GLN A 1 88  ? -5.079  -2.887  -8.423  1.00 17.22 ? 114 GLN A CA  1 
ATOM   762  C  C   . GLN A 1 88  ? -3.699  -2.691  -9.016  1.00 17.56 ? 114 GLN A C   1 
ATOM   763  O  O   . GLN A 1 88  ? -3.514  -1.888  -9.942  1.00 16.98 ? 114 GLN A O   1 
ATOM   764  C  CB  . GLN A 1 88  ? -5.858  -3.743  -9.356  1.00 17.94 ? 114 GLN A CB  1 
ATOM   765  C  CG  . GLN A 1 88  ? -7.282  -4.129  -8.859  1.00 18.53 ? 114 GLN A CG  1 
ATOM   766  C  CD  . GLN A 1 88  ? -7.908  -5.131  -9.773  1.00 21.47 ? 114 GLN A CD  1 
ATOM   767  O  OE1 . GLN A 1 88  ? -7.455  -6.257  -9.829  1.00 22.57 ? 114 GLN A OE1 1 
ATOM   768  N  NE2 . GLN A 1 88  ? -8.908  -4.733  -10.492 1.00 22.56 ? 114 GLN A NE2 1 
ATOM   769  N  N   . ALA A 1 89  ? -2.737  -3.463  -8.531  1.00 19.01 ? 115 ALA A N   1 
ATOM   770  C  CA  . ALA A 1 89  ? -1.369  -3.289  -8.949  1.00 18.18 ? 115 ALA A CA  1 
ATOM   771  C  C   . ALA A 1 89  ? -0.693  -4.636  -8.973  1.00 17.55 ? 115 ALA A C   1 
ATOM   772  O  O   . ALA A 1 89  ? -1.276  -5.660  -8.605  1.00 17.67 ? 115 ALA A O   1 
ATOM   773  C  CB  . ALA A 1 89  ? -0.593  -2.256  -8.050  1.00 17.94 ? 115 ALA A CB  1 
ATOM   774  N  N   A ARG A 1 90  ? 0.524   -4.649  -9.505  0.50 16.23 ? 116 ARG A N   1 
ATOM   775  N  N   B ARG A 1 90  ? 0.582   -4.596  -9.344  0.50 17.67 ? 116 ARG A N   1 
ATOM   776  C  CA  A ARG A 1 90  ? 1.407   -5.788  -9.304  0.50 16.42 ? 116 ARG A CA  1 
ATOM   777  C  CA  B ARG A 1 90  ? 1.434   -5.779  -9.391  0.50 18.23 ? 116 ARG A CA  1 
ATOM   778  C  C   A ARG A 1 90  ? 2.675   -5.346  -8.620  0.50 15.83 ? 116 ARG A C   1 
ATOM   779  C  C   B ARG A 1 90  ? 2.741   -5.401  -8.732  0.50 17.91 ? 116 ARG A C   1 
ATOM   780  O  O   A ARG A 1 90  ? 3.178   -4.257  -8.843  0.50 15.91 ? 116 ARG A O   1 
ATOM   781  O  O   B ARG A 1 90  ? 3.370   -4.408  -9.148  0.50 18.13 ? 116 ARG A O   1 
ATOM   782  C  CB  A ARG A 1 90  ? 1.693   -6.535  -10.578 0.50 16.50 ? 116 ARG A CB  1 
ATOM   783  C  CB  B ARG A 1 90  ? 1.669   -6.244  -10.819 0.50 21.18 ? 116 ARG A CB  1 
ATOM   784  C  CG  A ARG A 1 90  ? 0.473   -7.267  -11.135 0.50 19.00 ? 116 ARG A CG  1 
ATOM   785  C  CG  B ARG A 1 90  ? 2.440   -7.528  -10.877 0.50 20.81 ? 116 ARG A CG  1 
ATOM   786  C  CD  A ARG A 1 90  ? 0.884   -8.201  -12.256 0.50 19.86 ? 116 ARG A CD  1 
ATOM   787  C  CD  B ARG A 1 90  ? 2.253   -8.308  -12.121 0.50 25.39 ? 116 ARG A CD  1 
ATOM   788  N  NE  A ARG A 1 90  ? 1.558   -9.407  -11.740 0.50 21.05 ? 116 ARG A NE  1 
ATOM   789  N  NE  B ARG A 1 90  ? 1.042   -9.085  -12.131 0.50 27.52 ? 116 ARG A NE  1 
ATOM   790  C  CZ  A ARG A 1 90  ? 0.919   -10.495 -11.272 0.50 20.64 ? 116 ARG A CZ  1 
ATOM   791  C  CZ  B ARG A 1 90  ? 0.832   -10.217 -11.457 0.50 29.17 ? 116 ARG A CZ  1 
ATOM   792  N  NH1 A ARG A 1 90  ? -0.402  -10.548 -11.309 0.50 19.67 ? 116 ARG A NH1 1 
ATOM   793  N  NH1 B ARG A 1 90  ? -0.335  -10.818 -11.573 0.50 23.30 ? 116 ARG A NH1 1 
ATOM   794  N  NH2 A ARG A 1 90  ? 1.579   -11.562 -10.822 0.50 19.52 ? 116 ARG A NH2 1 
ATOM   795  N  NH2 B ARG A 1 90  ? 1.755   -10.752 -10.676 0.50 26.89 ? 116 ARG A NH2 1 
ATOM   796  N  N   . LEU A 1 91  ? 3.139   -6.203  -7.740  1.00 17.55 ? 117 LEU A N   1 
ATOM   797  C  CA  . LEU A 1 91  ? 4.342   -5.977  -6.938  1.00 16.66 ? 117 LEU A CA  1 
ATOM   798  C  C   . LEU A 1 91  ? 5.418   -6.960  -7.353  1.00 17.63 ? 117 LEU A C   1 
ATOM   799  O  O   . LEU A 1 91  ? 5.140   -8.155  -7.455  1.00 18.07 ? 117 LEU A O   1 
ATOM   800  C  CB  . LEU A 1 91  ? 4.053   -6.266  -5.459  1.00 18.01 ? 117 LEU A CB  1 
ATOM   801  C  CG  . LEU A 1 91  ? 2.953   -5.441  -4.847  1.00 17.36 ? 117 LEU A CG  1 
ATOM   802  C  CD1 . LEU A 1 91  ? 2.742   -5.849  -3.359  1.00 21.06 ? 117 LEU A CD1 1 
ATOM   803  C  CD2 . LEU A 1 91  ? 3.233   -3.960  -4.950  1.00 20.53 ? 117 LEU A CD2 1 
ATOM   804  N  N   . THR A 1 92  ? 6.627   -6.436  -7.490  1.00 16.25 ? 118 THR A N   1 
ATOM   805  C  CA  . THR A 1 92  ? 7.780   -7.270  -7.785  1.00 16.47 ? 118 THR A CA  1 
ATOM   806  C  C   . THR A 1 92  ? 8.961   -6.808  -6.960  1.00 16.25 ? 118 THR A C   1 
ATOM   807  O  O   . THR A 1 92  ? 9.278   -5.638  -6.885  1.00 17.18 ? 118 THR A O   1 
ATOM   808  C  CB  . THR A 1 92  ? 8.159   -7.270  -9.265  1.00 18.80 ? 118 THR A CB  1 
ATOM   809  O  OG1 . THR A 1 92  ? 8.355   -5.923  -9.686  1.00 20.48 ? 118 THR A OG1 1 
ATOM   810  C  CG2 . THR A 1 92  ? 7.063   -7.933  -10.099 1.00 19.63 ? 118 THR A CG2 1 
ATOM   811  N  N   . GLY A 1 93  ? 9.698   -7.775  -6.401  1.00 18.31 ? 119 GLY A N   1 
ATOM   812  C  CA  . GLY A 1 93  ? 10.946  -7.464  -5.712  1.00 17.30 ? 119 GLY A CA  1 
ATOM   813  C  C   . GLY A 1 93  ? 11.372  -8.586  -4.817  1.00 15.94 ? 119 GLY A C   1 
ATOM   814  O  O   . GLY A 1 93  ? 10.717  -9.592  -4.678  1.00 17.46 ? 119 GLY A O   1 
ATOM   815  N  N   . ALA A 1 94  ? 12.552  -8.382  -4.247  1.00 16.14 ? 120 ALA A N   1 
ATOM   816  C  CA  . ALA A 1 94  ? 13.225  -9.395  -3.450  1.00 16.47 ? 120 ALA A CA  1 
ATOM   817  C  C   . ALA A 1 94  ? 13.068  -9.145  -1.968  1.00 15.14 ? 120 ALA A C   1 
ATOM   818  O  O   . ALA A 1 94  ? 13.210  -8.000  -1.528  1.00 17.04 ? 120 ALA A O   1 
ATOM   819  C  CB  . ALA A 1 94  ? 14.722  -9.419  -3.808  1.00 17.05 ? 120 ALA A CB  1 
ATOM   820  N  N   . GLN A 1 95  ? 12.943  -10.229 -1.230  1.00 15.05 ? 121 GLN A N   1 
ATOM   821  C  CA  . GLN A 1 95  ? 12.791  -10.145 0.240   1.00 16.49 ? 121 GLN A CA  1 
ATOM   822  C  C   . GLN A 1 95  ? 14.189  -10.032 0.862   1.00 16.34 ? 121 GLN A C   1 
ATOM   823  O  O   . GLN A 1 95  ? 14.671  -10.972 1.472   1.00 16.31 ? 121 GLN A O   1 
ATOM   824  C  CB  . GLN A 1 95  ? 12.001  -11.338 0.794   1.00 16.23 ? 121 GLN A CB  1 
ATOM   825  C  CG  . GLN A 1 95  ? 11.694  -11.124 2.284   1.00 15.18 ? 121 GLN A CG  1 
ATOM   826  C  CD  . GLN A 1 95  ? 12.109  -12.269 3.165   1.00 17.95 ? 121 GLN A CD  1 
ATOM   827  O  OE1 . GLN A 1 95  ? 12.392  -13.386 2.701   1.00 18.34 ? 121 GLN A OE1 1 
ATOM   828  N  NE2 . GLN A 1 95  ? 12.184  -11.988 4.465   1.00 17.72 ? 121 GLN A NE2 1 
ATOM   829  N  N   . ASP A 1 96  ? 14.808  -8.859  0.727   1.00 15.93 ? 122 ASP A N   1 
ATOM   830  C  CA  . ASP A 1 96  ? 16.149  -8.640  1.189   1.00 15.49 ? 122 ASP A CA  1 
ATOM   831  C  C   . ASP A 1 96  ? 16.268  -8.232  2.661   1.00 16.34 ? 122 ASP A C   1 
ATOM   832  O  O   . ASP A 1 96  ? 17.366  -8.094  3.186   1.00 16.47 ? 122 ASP A O   1 
ATOM   833  C  CB  . ASP A 1 96  ? 16.806  -7.535  0.369   1.00 16.19 ? 122 ASP A CB  1 
ATOM   834  C  CG  . ASP A 1 96  ? 17.228  -7.975  -1.063  1.00 17.30 ? 122 ASP A CG  1 
ATOM   835  O  OD1 . ASP A 1 96  ? 17.333  -9.170  -1.344  1.00 17.32 ? 122 ASP A OD1 1 
ATOM   836  O  OD2 . ASP A 1 96  ? 17.501  -7.038  -1.845  1.00 17.71 ? 122 ASP A OD2 1 
ATOM   837  N  N   . GLY A 1 97  ? 15.114  -7.994  3.268   1.00 15.06 ? 123 GLY A N   1 
ATOM   838  C  CA  . GLY A 1 97  ? 15.048  -7.726  4.723   1.00 15.60 ? 123 GLY A CA  1 
ATOM   839  C  C   . GLY A 1 97  ? 14.078  -8.632  5.448   1.00 15.82 ? 123 GLY A C   1 
ATOM   840  O  O   . GLY A 1 97  ? 13.331  -9.397  4.858   1.00 16.32 ? 123 GLY A O   1 
ATOM   841  N  N   . PRO A 1 98  ? 14.105  -8.515  6.788   1.00 17.88 ? 124 PRO A N   1 
ATOM   842  C  CA  . PRO A 1 98  ? 13.175  -9.305  7.549   1.00 18.26 ? 124 PRO A CA  1 
ATOM   843  C  C   . PRO A 1 98  ? 11.738  -8.945  7.226   1.00 18.76 ? 124 PRO A C   1 
ATOM   844  O  O   . PRO A 1 98  ? 11.445  -7.762  6.970   1.00 19.23 ? 124 PRO A O   1 
ATOM   845  C  CB  . PRO A 1 98  ? 13.451  -8.901  9.004   1.00 19.11 ? 124 PRO A CB  1 
ATOM   846  C  CG  . PRO A 1 98  ? 14.447  -7.914  8.999   1.00 24.59 ? 124 PRO A CG  1 
ATOM   847  C  CD  . PRO A 1 98  ? 14.915  -7.614  7.607   1.00 18.36 ? 124 PRO A CD  1 
ATOM   848  N  N   . PHE A 1 99  ? 10.872  -9.938  7.145   1.00 18.33 ? 125 PHE A N   1 
ATOM   849  C  CA  . PHE A 1 99  ? 9.435   -9.698  6.794   1.00 19.91 ? 125 PHE A CA  1 
ATOM   850  C  C   . PHE A 1 99  ? 8.509   -10.649 7.574   1.00 19.21 ? 125 PHE A C   1 
ATOM   851  O  O   . PHE A 1 99  ? 8.552   -11.844 7.374   1.00 19.73 ? 125 PHE A O   1 
ATOM   852  C  CB  . PHE A 1 99  ? 9.231   -9.920  5.295   1.00 18.03 ? 125 PHE A CB  1 
ATOM   853  C  CG  . PHE A 1 99  ? 7.858   -9.526  4.801   1.00 17.74 ? 125 PHE A CG  1 
ATOM   854  C  CD1 . PHE A 1 99  ? 7.516   -8.189  4.702   1.00 18.72 ? 125 PHE A CD1 1 
ATOM   855  C  CD2 . PHE A 1 99  ? 6.952   -10.475 4.405   1.00 18.54 ? 125 PHE A CD2 1 
ATOM   856  C  CE1 . PHE A 1 99  ? 6.263   -7.828  4.187   1.00 20.24 ? 125 PHE A CE1 1 
ATOM   857  C  CE2 . PHE A 1 99  ? 5.707   -10.101 3.937   1.00 20.67 ? 125 PHE A CE2 1 
ATOM   858  C  CZ  . PHE A 1 99  ? 5.388   -8.781  3.798   1.00 19.27 ? 125 PHE A CZ  1 
ATOM   859  N  N   . LEU A 1 100 ? 7.709   -10.049 8.427   1.00 23.62 ? 126 LEU A N   1 
ATOM   860  C  CA  . LEU A 1 100 ? 6.678   -10.780 9.183   1.00 25.43 ? 126 LEU A CA  1 
ATOM   861  C  C   . LEU A 1 100 ? 7.222   -12.050 9.849   1.00 25.04 ? 126 LEU A C   1 
ATOM   862  O  O   . LEU A 1 100 ? 6.643   -13.166 9.773   1.00 26.34 ? 126 LEU A O   1 
ATOM   863  C  CB  . LEU A 1 100 ? 5.458   -11.070 8.291   1.00 24.74 ? 126 LEU A CB  1 
ATOM   864  C  CG  . LEU A 1 100 ? 4.808   -9.842  7.650   1.00 28.93 ? 126 LEU A CG  1 
ATOM   865  C  CD1 . LEU A 1 100 ? 3.529   -10.288 6.862   1.00 27.69 ? 126 LEU A CD1 1 
ATOM   866  C  CD2 . LEU A 1 100 ? 4.527   -8.710  8.658   1.00 29.47 ? 126 LEU A CD2 1 
ATOM   867  N  N   . GLY A 1 101 ? 8.408   -11.878 10.433  1.00 27.01 ? 127 GLY A N   1 
ATOM   868  C  CA  . GLY A 1 101 ? 9.076   -12.935 11.185  1.00 27.73 ? 127 GLY A CA  1 
ATOM   869  C  C   . GLY A 1 101 ? 9.982   -13.843 10.385  1.00 26.95 ? 127 GLY A C   1 
ATOM   870  O  O   . GLY A 1 101 ? 10.629  -14.751 10.927  1.00 26.63 ? 127 GLY A O   1 
ATOM   871  N  N   . VAL A 1 102 ? 10.084  -13.604 9.078   1.00 19.61 ? 128 VAL A N   1 
ATOM   872  C  CA  . VAL A 1 102 ? 10.884  -14.503 8.256   1.00 19.62 ? 128 VAL A CA  1 
ATOM   873  C  C   . VAL A 1 102 ? 12.212  -13.701 8.042   1.00 16.91 ? 128 VAL A C   1 
ATOM   874  O  O   . VAL A 1 102 ? 12.185  -12.553 7.529   1.00 18.39 ? 128 VAL A O   1 
ATOM   875  C  CB  . VAL A 1 102 ? 10.227  -14.780 6.911   1.00 19.95 ? 128 VAL A CB  1 
ATOM   876  C  CG1 . VAL A 1 102 ? 11.111  -15.636 5.996   1.00 22.69 ? 128 VAL A CG1 1 
ATOM   877  C  CG2 . VAL A 1 102 ? 8.869   -15.482 7.112   1.00 24.09 ? 128 VAL A CG2 1 
ATOM   878  N  N   . PRO A 1 103 ? 13.359  -14.290 8.347   1.00 16.75 ? 129 PRO A N   1 
ATOM   879  C  CA  . PRO A 1 103 ? 14.631  -13.654 8.086   1.00 18.42 ? 129 PRO A CA  1 
ATOM   880  C  C   . PRO A 1 103 ? 14.776  -13.397 6.606   1.00 17.72 ? 129 PRO A C   1 
ATOM   881  O  O   . PRO A 1 103 ? 14.163  -14.075 5.781   1.00 18.08 ? 129 PRO A O   1 
ATOM   882  C  CB  . PRO A 1 103 ? 15.635  -14.688 8.547   1.00 17.56 ? 129 PRO A CB  1 
ATOM   883  C  CG  . PRO A 1 103 ? 14.901  -15.407 9.639   1.00 20.00 ? 129 PRO A CG  1 
ATOM   884  C  CD  . PRO A 1 103 ? 13.531  -15.568 9.071   1.00 18.08 ? 129 PRO A CD  1 
ATOM   885  N  N   . PRO A 1 104 ? 15.597  -12.399 6.252   1.00 17.18 ? 130 PRO A N   1 
ATOM   886  C  CA  . PRO A 1 104 ? 15.753  -12.132 4.827   1.00 18.58 ? 130 PRO A CA  1 
ATOM   887  C  C   . PRO A 1 104 ? 16.211  -13.376 4.059   1.00 17.69 ? 130 PRO A C   1 
ATOM   888  O  O   . PRO A 1 104 ? 17.206  -14.048 4.378   1.00 18.72 ? 130 PRO A O   1 
ATOM   889  C  CB  . PRO A 1 104 ? 16.831  -11.051 4.769   1.00 23.14 ? 130 PRO A CB  1 
ATOM   890  C  CG  . PRO A 1 104 ? 17.268  -10.805 6.092   1.00 18.77 ? 130 PRO A CG  1 
ATOM   891  C  CD  . PRO A 1 104 ? 16.371  -11.501 7.105   1.00 19.12 ? 130 PRO A CD  1 
ATOM   892  N  N   . SER A 1 105 ? 15.485  -13.641 2.980   1.00 20.57 ? 131 SER A N   1 
ATOM   893  C  CA  . SER A 1 105 ? 15.770  -14.800 2.118   1.00 21.16 ? 131 SER A CA  1 
ATOM   894  C  C   . SER A 1 105 ? 16.303  -14.414 0.769   1.00 17.87 ? 131 SER A C   1 
ATOM   895  O  O   . SER A 1 105 ? 16.955  -15.212 0.115   1.00 21.00 ? 131 SER A O   1 
ATOM   896  C  CB  . SER A 1 105 ? 14.519  -15.630 1.856   1.00 22.65 ? 131 SER A CB  1 
ATOM   897  O  OG  . SER A 1 105 ? 13.545  -14.917 1.112   1.00 19.64 ? 131 SER A OG  1 
ATOM   898  N  N   . GLY A 1 106 ? 16.045  -13.155 0.333   1.00 16.81 ? 132 GLY A N   1 
ATOM   899  C  CA  . GLY A 1 106 ? 16.359  -12.745 -1.017  1.00 17.95 ? 132 GLY A CA  1 
ATOM   900  C  C   . GLY A 1 106 ? 15.387  -13.247 -2.089  1.00 18.70 ? 132 GLY A C   1 
ATOM   901  O  O   . GLY A 1 106 ? 15.593  -12.960 -3.255  1.00 19.13 ? 132 GLY A O   1 
ATOM   902  N  N   A GLN A 1 107 ? 14.370  -14.009 -1.693  0.33 18.36 ? 133 GLN A N   1 
ATOM   903  N  N   B GLN A 1 107 ? 14.408  -14.047 -1.722  0.33 18.14 ? 133 GLN A N   1 
ATOM   904  N  N   C GLN A 1 107 ? 14.346  -13.977 -1.698  0.34 17.10 ? 133 GLN A N   1 
ATOM   905  C  CA  A GLN A 1 107 ? 13.432  -14.590 -2.655  0.33 18.29 ? 133 GLN A CA  1 
ATOM   906  C  CA  B GLN A 1 107 ? 13.585  -14.675 -2.734  0.33 18.48 ? 133 GLN A CA  1 
ATOM   907  C  CA  C GLN A 1 107 ? 13.318  -14.429 -2.646  0.34 16.34 ? 133 GLN A CA  1 
ATOM   908  C  C   A GLN A 1 107 ? 12.674  -13.521 -3.417  0.33 18.73 ? 133 GLN A C   1 
ATOM   909  C  C   B GLN A 1 107 ? 12.661  -13.623 -3.357  0.33 17.69 ? 133 GLN A C   1 
ATOM   910  C  C   C GLN A 1 107 ? 12.661  -13.243 -3.345  0.34 16.22 ? 133 GLN A C   1 
ATOM   911  O  O   A GLN A 1 107 ? 12.362  -12.460 -2.902  0.33 16.94 ? 133 GLN A O   1 
ATOM   912  O  O   B GLN A 1 107 ? 12.100  -12.794 -2.662  0.33 15.97 ? 133 GLN A O   1 
ATOM   913  O  O   C GLN A 1 107 ? 11.956  -12.449 -2.737  0.34 15.90 ? 133 GLN A O   1 
ATOM   914  C  CB  A GLN A 1 107 ? 12.413  -15.514 -1.976  0.33 20.02 ? 133 GLN A CB  1 
ATOM   915  C  CB  B GLN A 1 107 ? 12.856  -15.882 -2.128  0.33 19.54 ? 133 GLN A CB  1 
ATOM   916  C  CB  C GLN A 1 107 ? 12.248  -15.264 -1.931  0.34 17.05 ? 133 GLN A CB  1 
ATOM   917  C  CG  A GLN A 1 107 ? 12.988  -16.826 -1.419  0.33 19.13 ? 133 GLN A CG  1 
ATOM   918  C  CG  B GLN A 1 107 ? 13.859  -16.968 -1.649  0.33 21.89 ? 133 GLN A CG  1 
ATOM   919  C  CG  C GLN A 1 107 ? 11.093  -15.753 -2.798  0.34 16.88 ? 133 GLN A CG  1 
ATOM   920  C  CD  A GLN A 1 107 ? 13.462  -17.817 -2.496  0.33 23.10 ? 133 GLN A CD  1 
ATOM   921  C  CD  B GLN A 1 107 ? 13.222  -18.279 -1.154  0.33 21.74 ? 133 GLN A CD  1 
ATOM   922  C  CD  C GLN A 1 107 ? 11.419  -16.905 -3.704  0.34 20.96 ? 133 GLN A CD  1 
ATOM   923  O  OE1 A GLN A 1 107 ? 13.056  -17.737 -3.661  0.33 21.23 ? 133 GLN A OE1 1 
ATOM   924  O  OE1 B GLN A 1 107 ? 12.864  -18.410 0.014   0.33 24.16 ? 133 GLN A OE1 1 
ATOM   925  O  OE1 C GLN A 1 107 ? 12.155  -17.830 -3.324  0.34 19.75 ? 133 GLN A OE1 1 
ATOM   926  N  NE2 A GLN A 1 107 ? 14.325  -18.766 -2.095  0.33 20.67 ? 133 GLN A NE2 1 
ATOM   927  N  NE2 B GLN A 1 107 ? 13.140  -19.269 -2.041  0.33 24.07 ? 133 GLN A NE2 1 
ATOM   928  N  NE2 C GLN A 1 107 ? 10.847  -16.877 -4.927  0.34 21.82 ? 133 GLN A NE2 1 
HETATM 929  N  N   A MSE A 1 108 ? 12.384  -13.828 -4.669  0.60 18.51 ? 134 MSE A N   1 
HETATM 930  N  N   B MSE A 1 108 ? 12.579  -13.629 -4.688  0.40 16.18 ? 134 MSE A N   1 
HETATM 931  C  CA  A MSE A 1 108 ? 11.630  -12.929 -5.516  0.60 19.38 ? 134 MSE A CA  1 
HETATM 932  C  CA  B MSE A 1 108 ? 11.791  -12.638 -5.445  0.40 17.72 ? 134 MSE A CA  1 
HETATM 933  C  C   A MSE A 1 108 ? 10.157  -13.152 -5.368  0.60 20.23 ? 134 MSE A C   1 
HETATM 934  C  C   B MSE A 1 108 ? 10.314  -13.042 -5.526  0.40 17.62 ? 134 MSE A C   1 
HETATM 935  O  O   A MSE A 1 108 ? 9.699   -14.291 -5.234  0.60 22.30 ? 134 MSE A O   1 
HETATM 936  O  O   B MSE A 1 108 ? 10.040  -14.217 -5.760  0.40 16.75 ? 134 MSE A O   1 
HETATM 937  C  CB  A MSE A 1 108 ? 12.027  -13.141 -6.983  0.60 22.71 ? 134 MSE A CB  1 
HETATM 938  C  CB  B MSE A 1 108 ? 12.394  -12.466 -6.871  0.40 15.56 ? 134 MSE A CB  1 
HETATM 939  C  CG  A MSE A 1 108 ? 13.442  -12.825 -7.240  0.60 24.56 ? 134 MSE A CG  1 
HETATM 940  C  CG  B MSE A 1 108 ? 13.855  -11.992 -6.900  0.40 19.74 ? 134 MSE A CG  1 
HETATM 941  SE SE  A MSE A 1 108 ? 13.736  -10.886 -7.280  0.45 33.82 ? 134 MSE A SE  1 
HETATM 942  SE SE  B MSE A 1 108 ? 14.645  -12.306 -8.636  0.30 20.71 ? 134 MSE A SE  1 
HETATM 943  C  CE  A MSE A 1 108 ? 13.739  -10.612 -9.248  0.60 29.05 ? 134 MSE A CE  1 
HETATM 944  C  CE  B MSE A 1 108 ? 13.456  -11.293 -9.791  0.40 22.72 ? 134 MSE A CE  1 
ATOM   945  N  N   . VAL A 1 109 ? 9.404   -12.062 -5.357  1.00 17.86 ? 135 VAL A N   1 
ATOM   946  C  CA  . VAL A 1 109 ? 7.959   -12.211 -5.419  1.00 17.78 ? 135 VAL A CA  1 
ATOM   947  C  C   . VAL A 1 109 ? 7.444   -11.438 -6.615  1.00 17.21 ? 135 VAL A C   1 
ATOM   948  O  O   . VAL A 1 109 ? 8.059   -10.457 -7.072  1.00 17.79 ? 135 VAL A O   1 
ATOM   949  C  CB  . VAL A 1 109 ? 7.231   -11.703 -4.108  1.00 22.48 ? 135 VAL A CB  1 
ATOM   950  C  CG1 . VAL A 1 109 ? 7.856   -12.371 -2.924  1.00 23.02 ? 135 VAL A CG1 1 
ATOM   951  C  CG2 . VAL A 1 109 ? 7.225   -10.199 -4.009  1.00 23.99 ? 135 VAL A CG2 1 
ATOM   952  N  N   . ASP A 1 110 ? 6.287   -11.874 -7.116  1.00 17.41 ? 136 ASP A N   1 
ATOM   953  C  CA  . ASP A 1 110 ? 5.634   -11.243 -8.269  1.00 18.21 ? 136 ASP A CA  1 
ATOM   954  C  C   . ASP A 1 110 ? 4.143   -11.545 -8.048  1.00 20.06 ? 136 ASP A C   1 
ATOM   955  O  O   . ASP A 1 110 ? 3.685   -12.648 -8.346  1.00 19.59 ? 136 ASP A O   1 
ATOM   956  C  CB  . ASP A 1 110 ? 6.122   -11.885 -9.574  1.00 20.11 ? 136 ASP A CB  1 
ATOM   957  C  CG  . ASP A 1 110 ? 5.510   -11.265 -10.813 1.00 22.73 ? 136 ASP A CG  1 
ATOM   958  O  OD1 . ASP A 1 110 ? 4.579   -10.485 -10.706 1.00 21.21 ? 136 ASP A OD1 1 
ATOM   959  O  OD2 . ASP A 1 110 ? 6.053   -11.565 -11.910 1.00 28.44 ? 136 ASP A OD2 1 
ATOM   960  N  N   . VAL A 1 111 ? 3.409   -10.590 -7.470  1.00 16.41 ? 137 VAL A N   1 
ATOM   961  C  CA  . VAL A 1 111 ? 2.036   -10.814 -7.038  1.00 17.29 ? 137 VAL A CA  1 
ATOM   962  C  C   . VAL A 1 111 ? 1.111   -9.647  -7.378  1.00 17.07 ? 137 VAL A C   1 
ATOM   963  O  O   . VAL A 1 111 ? 1.542   -8.501  -7.339  1.00 17.60 ? 137 VAL A O   1 
ATOM   964  C  CB  . VAL A 1 111 ? 1.932   -11.120 -5.507  1.00 19.89 ? 137 VAL A CB  1 
ATOM   965  C  CG1 . VAL A 1 111 ? 2.472   -12.526 -5.206  1.00 21.89 ? 137 VAL A CG1 1 
ATOM   966  C  CG2 . VAL A 1 111 ? 2.612   -10.017 -4.666  1.00 21.94 ? 137 VAL A CG2 1 
ATOM   967  N  N   . PRO A 1 112 ? -0.148  -9.946  -7.642  1.00 16.81 ? 138 PRO A N   1 
ATOM   968  C  CA  . PRO A 1 112 ? -1.167  -8.890  -7.759  1.00 17.21 ? 138 PRO A CA  1 
ATOM   969  C  C   . PRO A 1 112 ? -1.571  -8.413  -6.380  1.00 17.32 ? 138 PRO A C   1 
ATOM   970  O  O   . PRO A 1 112 ? -1.456  -9.148  -5.382  1.00 17.80 ? 138 PRO A O   1 
ATOM   971  C  CB  . PRO A 1 112 ? -2.307  -9.599  -8.481  1.00 17.34 ? 138 PRO A CB  1 
ATOM   972  C  CG  . PRO A 1 112 ? -2.270  -11.006 -7.875  1.00 17.92 ? 138 PRO A CG  1 
ATOM   973  C  CD  . PRO A 1 112 ? -0.763  -11.289 -7.695  1.00 18.06 ? 138 PRO A CD  1 
ATOM   974  N  N   . ASP A 1 113 ? -2.143  -7.226  -6.310  1.00 17.42 ? 139 ASP A N   1 
ATOM   975  C  CA  . ASP A 1 113 ? -2.702  -6.738  -5.071  1.00 17.35 ? 139 ASP A CA  1 
ATOM   976  C  C   . ASP A 1 113 ? -3.882  -5.853  -5.362  1.00 17.04 ? 139 ASP A C   1 
ATOM   977  O  O   . ASP A 1 113 ? -4.207  -5.553  -6.529  1.00 17.95 ? 139 ASP A O   1 
ATOM   978  C  CB  . ASP A 1 113 ? -1.660  -6.133  -4.198  1.00 18.33 ? 139 ASP A CB  1 
ATOM   979  C  CG  . ASP A 1 113 ? -1.212  -4.775  -4.583  1.00 18.93 ? 139 ASP A CG  1 
ATOM   980  O  OD1 . ASP A 1 113 ? -1.693  -4.193  -5.568  1.00 18.77 ? 139 ASP A OD1 1 
ATOM   981  O  OD2 . ASP A 1 113 ? -0.285  -4.256  -3.900  1.00 19.83 ? 139 ASP A OD2 1 
ATOM   982  N  N   . VAL A 1 114 ? -4.517  -5.395  -4.316  1.00 16.71 ? 140 VAL A N   1 
ATOM   983  C  CA  . VAL A 1 114 ? -5.628  -4.422  -4.403  1.00 16.37 ? 140 VAL A CA  1 
ATOM   984  C  C   . VAL A 1 114 ? -5.648  -3.594  -3.135  1.00 17.19 ? 140 VAL A C   1 
ATOM   985  O  O   . VAL A 1 114 ? -5.488  -4.088  -2.017  1.00 16.78 ? 140 VAL A O   1 
ATOM   986  C  CB  . VAL A 1 114 ? -6.957  -5.113  -4.649  1.00 17.80 ? 140 VAL A CB  1 
ATOM   987  C  CG1 . VAL A 1 114 ? -7.321  -6.082  -3.565  1.00 18.36 ? 140 VAL A CG1 1 
ATOM   988  C  CG2 . VAL A 1 114 ? -8.061  -4.029  -4.799  1.00 19.74 ? 140 VAL A CG2 1 
ATOM   989  N  N   . THR A 1 115 ? -5.716  -2.259  -3.295  1.00 16.97 ? 141 THR A N   1 
ATOM   990  C  CA  . THR A 1 115 ? -5.798  -1.298  -2.199  1.00 17.52 ? 141 THR A CA  1 
ATOM   991  C  C   . THR A 1 115 ? -7.099  -0.559  -2.342  1.00 16.41 ? 141 THR A C   1 
ATOM   992  O  O   . THR A 1 115 ? -7.376  -0.038  -3.450  1.00 17.24 ? 141 THR A O   1 
ATOM   993  C  CB  . THR A 1 115 ? -4.569  -0.356  -2.193  1.00 17.55 ? 141 THR A CB  1 
ATOM   994  O  OG1 . THR A 1 115 ? -3.369  -1.145  -2.429  1.00 19.48 ? 141 THR A OG1 1 
ATOM   995  C  CG2 . THR A 1 115 ? -4.441  0.398   -0.908  1.00 19.02 ? 141 THR A CG2 1 
ATOM   996  N  N   . LEU A 1 116 ? -7.849  -0.464  -1.257  1.00 17.18 ? 142 LEU A N   1 
ATOM   997  C  CA  . LEU A 1 116 ? -9.187  0.099   -1.281  1.00 17.45 ? 142 LEU A CA  1 
ATOM   998  C  C   . LEU A 1 116 ? -9.172  1.310   -0.372  1.00 17.36 ? 142 LEU A C   1 
ATOM   999  O  O   . LEU A 1 116 ? -9.045  1.175   0.871   1.00 17.27 ? 142 LEU A O   1 
ATOM   1000 C  CB  . LEU A 1 116 ? -10.185 -0.970  -0.820  1.00 18.31 ? 142 LEU A CB  1 
ATOM   1001 C  CG  . LEU A 1 116 ? -10.104 -2.252  -1.668  1.00 20.32 ? 142 LEU A CG  1 
ATOM   1002 C  CD1 . LEU A 1 116 ? -9.781  -3.432  -0.814  1.00 25.54 ? 142 LEU A CD1 1 
ATOM   1003 C  CD2 . LEU A 1 116 ? -11.363 -2.480  -2.424  1.00 22.59 ? 142 LEU A CD2 1 
ATOM   1004 N  N   . PHE A 1 117 ? -9.299  2.498   -0.943  1.00 17.43 ? 143 PHE A N   1 
ATOM   1005 C  CA  . PHE A 1 117 ? -9.209  3.748   -0.206  1.00 16.91 ? 143 PHE A CA  1 
ATOM   1006 C  C   . PHE A 1 117 ? -10.583 4.348   0.003   1.00 17.28 ? 143 PHE A C   1 
ATOM   1007 O  O   . PHE A 1 117 ? -11.451 4.279   -0.895  1.00 18.09 ? 143 PHE A O   1 
ATOM   1008 C  CB  . PHE A 1 117 ? -8.380  4.758   -1.030  1.00 16.84 ? 143 PHE A CB  1 
ATOM   1009 C  CG  . PHE A 1 117 ? -6.940  4.342   -1.196  1.00 17.75 ? 143 PHE A CG  1 
ATOM   1010 C  CD1 . PHE A 1 117 ? -5.989  4.733   -0.284  1.00 18.84 ? 143 PHE A CD1 1 
ATOM   1011 C  CD2 . PHE A 1 117 ? -6.519  3.630   -2.310  1.00 17.08 ? 143 PHE A CD2 1 
ATOM   1012 C  CE1 . PHE A 1 117 ? -4.651  4.371   -0.445  1.00 17.79 ? 143 PHE A CE1 1 
ATOM   1013 C  CE2 . PHE A 1 117 ? -5.173  3.285   -2.471  1.00 19.48 ? 143 PHE A CE2 1 
ATOM   1014 C  CZ  . PHE A 1 117 ? -4.232  3.697   -1.553  1.00 18.39 ? 143 PHE A CZ  1 
ATOM   1015 N  N   . THR A 1 118 ? -10.754 4.990   1.149   1.00 17.04 ? 144 THR A N   1 
ATOM   1016 C  CA  . THR A 1 118 ? -11.901 5.862   1.406   1.00 18.00 ? 144 THR A CA  1 
ATOM   1017 C  C   . THR A 1 118 ? -11.362 7.250   1.691   1.00 18.23 ? 144 THR A C   1 
ATOM   1018 O  O   . THR A 1 118 ? -10.369 7.415   2.432   1.00 18.67 ? 144 THR A O   1 
ATOM   1019 C  CB  . THR A 1 118 ? -12.693 5.369   2.611   1.00 20.82 ? 144 THR A CB  1 
ATOM   1020 O  OG1 . THR A 1 118 ? -13.023 3.988   2.398   1.00 21.62 ? 144 THR A OG1 1 
ATOM   1021 C  CG2 . THR A 1 118 ? -14.002 6.141   2.788   1.00 21.27 ? 144 THR A CG2 1 
ATOM   1022 N  N   . LEU A 1 119 ? -11.991 8.240   1.055   1.00 17.29 ? 145 LEU A N   1 
ATOM   1023 C  CA  . LEU A 1 119 ? -11.615 9.620   1.264   1.00 18.10 ? 145 LEU A CA  1 
ATOM   1024 C  C   . LEU A 1 119 ? -12.778 10.408  1.891   1.00 20.65 ? 145 LEU A C   1 
ATOM   1025 O  O   . LEU A 1 119 ? -13.928 9.983   1.845   1.00 19.02 ? 145 LEU A O   1 
ATOM   1026 C  CB  . LEU A 1 119 ? -11.189 10.271  -0.062  1.00 18.52 ? 145 LEU A CB  1 
ATOM   1027 C  CG  . LEU A 1 119 ? -9.972  9.702   -0.808  1.00 18.80 ? 145 LEU A CG  1 
ATOM   1028 C  CD1 . LEU A 1 119 ? -10.378 8.637   -1.833  1.00 18.92 ? 145 LEU A CD1 1 
ATOM   1029 C  CD2 . LEU A 1 119 ? -9.081  10.829  -1.421  1.00 19.76 ? 145 LEU A CD2 1 
ATOM   1030 N  N   . ALA A 1 120 ? -12.443 11.536  2.502   1.00 18.93 ? 146 ALA A N   1 
ATOM   1031 C  CA  . ALA A 1 120 ? -13.432 12.504  2.964   1.00 18.58 ? 146 ALA A CA  1 
ATOM   1032 C  C   . ALA A 1 120 ? -12.841 13.884  2.742   1.00 19.30 ? 146 ALA A C   1 
ATOM   1033 O  O   . ALA A 1 120 ? -11.716 14.137  3.179   1.00 19.96 ? 146 ALA A O   1 
ATOM   1034 C  CB  . ALA A 1 120 ? -13.749 12.310  4.454   1.00 20.09 ? 146 ALA A CB  1 
ATOM   1035 N  N   . ASP A 1 121 ? -13.589 14.743  2.048   1.00 20.87 ? 147 ASP A N   1 
ATOM   1036 C  CA  . ASP A 1 121 ? -13.161 16.113  1.795   1.00 20.99 ? 147 ASP A CA  1 
ATOM   1037 C  C   . ASP A 1 121 ? -11.735 16.181  1.275   1.00 18.56 ? 147 ASP A C   1 
ATOM   1038 O  O   . ASP A 1 121 ? -10.916 16.995  1.715   1.00 21.05 ? 147 ASP A O   1 
ATOM   1039 C  CB  . ASP A 1 121 ? -13.371 16.948  3.069   1.00 22.74 ? 147 ASP A CB  1 
ATOM   1040 C  CG  . ASP A 1 121 ? -14.833 16.985  3.490   1.00 28.11 ? 147 ASP A CG  1 
ATOM   1041 O  OD1 . ASP A 1 121 ? -15.721 17.084  2.613   1.00 31.39 ? 147 ASP A OD1 1 
ATOM   1042 O  OD2 . ASP A 1 121 ? -15.104 16.877  4.703   1.00 38.33 ? 147 ASP A OD2 1 
ATOM   1043 N  N   . GLY A 1 122 ? -11.422 15.268  0.348   1.00 20.08 ? 148 GLY A N   1 
ATOM   1044 C  CA  . GLY A 1 122 ? -10.139 15.302  -0.350  1.00 20.40 ? 148 GLY A CA  1 
ATOM   1045 C  C   . GLY A 1 122 ? -8.944  14.622  0.319   1.00 20.42 ? 148 GLY A C   1 
ATOM   1046 O  O   . GLY A 1 122 ? -7.863  14.631  -0.242  1.00 21.98 ? 148 GLY A O   1 
ATOM   1047 N  N   A GLN A 1 123 ? -9.144  14.087  1.527   0.50 18.55 ? 149 GLN A N   1 
ATOM   1048 N  N   B GLN A 1 123 ? -9.142  14.076  1.520   0.50 18.63 ? 149 GLN A N   1 
ATOM   1049 C  CA  A GLN A 1 123 ? -8.082  13.451  2.298   0.50 19.55 ? 149 GLN A CA  1 
ATOM   1050 C  CA  B GLN A 1 123 ? -8.070  13.436  2.268   0.50 19.59 ? 149 GLN A CA  1 
ATOM   1051 C  C   A GLN A 1 123 ? -8.421  11.965  2.441   0.50 18.73 ? 149 GLN A C   1 
ATOM   1052 C  C   B GLN A 1 123 ? -8.420  11.963  2.445   0.50 18.82 ? 149 GLN A C   1 
ATOM   1053 O  O   A GLN A 1 123 ? -9.596  11.590  2.486   0.50 18.05 ? 149 GLN A O   1 
ATOM   1054 O  O   B GLN A 1 123 ? -9.596  11.595  2.510   0.50 18.20 ? 149 GLN A O   1 
ATOM   1055 C  CB  A GLN A 1 123 ? -7.967  14.090  3.694   0.50 19.68 ? 149 GLN A CB  1 
ATOM   1056 C  CB  B GLN A 1 123 ? -7.900  14.111  3.634   0.50 20.07 ? 149 GLN A CB  1 
ATOM   1057 C  CG  A GLN A 1 123 ? -7.905  15.609  3.721   0.50 21.28 ? 149 GLN A CG  1 
ATOM   1058 C  CG  B GLN A 1 123 ? -7.382  15.529  3.555   0.50 21.49 ? 149 GLN A CG  1 
ATOM   1059 C  CD  A GLN A 1 123 ? -7.843  16.162  5.146   0.50 20.76 ? 149 GLN A CD  1 
ATOM   1060 C  CD  B GLN A 1 123 ? -5.871  15.610  3.531   0.50 24.10 ? 149 GLN A CD  1 
ATOM   1061 O  OE1 A GLN A 1 123 ? -8.853  16.623  5.706   0.50 22.73 ? 149 GLN A OE1 1 
ATOM   1062 O  OE1 B GLN A 1 123 ? -5.221  15.596  4.573   0.50 22.22 ? 149 GLN A OE1 1 
ATOM   1063 N  NE2 A GLN A 1 123 ? -6.663  16.116  5.734   0.50 24.10 ? 149 GLN A NE2 1 
ATOM   1064 N  NE2 B GLN A 1 123 ? -5.309  15.734  2.337   0.50 29.04 ? 149 GLN A NE2 1 
ATOM   1065 N  N   . VAL A 1 124 ? -7.395  11.122  2.499   1.00 19.70 ? 150 VAL A N   1 
ATOM   1066 C  CA  . VAL A 1 124 ? -7.580  9.701   2.692   1.00 18.77 ? 150 VAL A CA  1 
ATOM   1067 C  C   . VAL A 1 124 ? -7.797  9.397   4.176   1.00 19.33 ? 150 VAL A C   1 
ATOM   1068 O  O   . VAL A 1 124 ? -6.962  9.763   5.046   1.00 19.11 ? 150 VAL A O   1 
ATOM   1069 C  CB  . VAL A 1 124 ? -6.371  8.915   2.162   1.00 18.48 ? 150 VAL A CB  1 
ATOM   1070 C  CG1 . VAL A 1 124 ? -6.509  7.424   2.457   1.00 20.84 ? 150 VAL A CG1 1 
ATOM   1071 C  CG2 . VAL A 1 124 ? -6.158  9.145   0.672   1.00 20.82 ? 150 VAL A CG2 1 
ATOM   1072 N  N   . ILE A 1 125 ? -8.913  8.752   4.475   1.00 18.91 ? 151 ILE A N   1 
ATOM   1073 C  CA  . ILE A 1 125 ? -9.226  8.384   5.878   1.00 17.60 ? 151 ILE A CA  1 
ATOM   1074 C  C   . ILE A 1 125 ? -9.063  6.894   6.225   1.00 17.88 ? 151 ILE A C   1 
ATOM   1075 O  O   . ILE A 1 125 ? -9.003  6.533   7.422   1.00 19.22 ? 151 ILE A O   1 
ATOM   1076 C  CB  . ILE A 1 125 ? -10.633 8.866   6.275   1.00 17.21 ? 151 ILE A CB  1 
ATOM   1077 C  CG1 . ILE A 1 125 ? -11.749 8.134   5.498   1.00 18.60 ? 151 ILE A CG1 1 
ATOM   1078 C  CG2 . ILE A 1 125 ? -10.757 10.386  6.048   1.00 20.00 ? 151 ILE A CG2 1 
ATOM   1079 C  CD1 . ILE A 1 125 ? -13.173 8.449   6.013   1.00 23.00 ? 151 ILE A CD1 1 
ATOM   1080 N  N   . GLU A 1 126 ? -9.052  6.051   5.210   1.00 17.93 ? 152 GLU A N   1 
ATOM   1081 C  CA  . GLU A 1 126 ? -8.917  4.618   5.450   1.00 18.02 ? 152 GLU A CA  1 
ATOM   1082 C  C   . GLU A 1 126 ? -8.349  3.950   4.205   1.00 17.42 ? 152 GLU A C   1 
ATOM   1083 O  O   . GLU A 1 126 ? -8.633  4.364   3.059   1.00 19.06 ? 152 GLU A O   1 
ATOM   1084 C  CB  . GLU A 1 126 ? -10.265 3.988   5.780   1.00 19.29 ? 152 GLU A CB  1 
ATOM   1085 C  CG  . GLU A 1 126 ? -10.149 2.505   6.165   1.00 20.87 ? 152 GLU A CG  1 
ATOM   1086 C  CD  . GLU A 1 126 ? -11.432 1.930   6.704   1.00 23.09 ? 152 GLU A CD  1 
ATOM   1087 O  OE1 . GLU A 1 126 ? -11.768 2.234   7.857   1.00 27.60 ? 152 GLU A OE1 1 
ATOM   1088 O  OE2 . GLU A 1 126 ? -12.117 1.253   5.890   1.00 34.85 ? 152 GLU A OE2 1 
HETATM 1089 N  N   . MSE A 1 127 ? -7.536  2.934   4.442   1.00 17.52 ? 153 MSE A N   1 
HETATM 1090 C  CA  . MSE A 1 127 ? -6.927  2.136   3.419   1.00 17.43 ? 153 MSE A CA  1 
HETATM 1091 C  C   . MSE A 1 127 ? -7.034  0.673   3.820   1.00 18.42 ? 153 MSE A C   1 
HETATM 1092 O  O   . MSE A 1 127 ? -6.595  0.338   4.916   1.00 18.28 ? 153 MSE A O   1 
HETATM 1093 C  CB  . MSE A 1 127 ? -5.454  2.522   3.275   1.00 19.86 ? 153 MSE A CB  1 
HETATM 1094 C  CG  . MSE A 1 127 ? -4.694  1.779   2.220   1.00 18.28 ? 153 MSE A CG  1 
HETATM 1095 SE SE  . MSE A 1 127 ? -2.881  2.425   2.131   0.75 22.35 ? 153 MSE A SE  1 
HETATM 1096 C  CE  . MSE A 1 127 ? -2.303  1.635   3.679   1.00 25.22 ? 153 MSE A CE  1 
ATOM   1097 N  N   . ARG A 1 128 ? -7.658  -0.149  2.982   1.00 17.08 ? 154 ARG A N   1 
ATOM   1098 C  CA  . ARG A 1 128 ? -7.739  -1.582  3.171   1.00 16.61 ? 154 ARG A CA  1 
ATOM   1099 C  C   . ARG A 1 128 ? -6.900  -2.249  2.110   1.00 17.63 ? 154 ARG A C   1 
ATOM   1100 O  O   . ARG A 1 128 ? -6.819  -1.778  0.980   1.00 19.54 ? 154 ARG A O   1 
ATOM   1101 C  CB  . ARG A 1 128 ? -9.184  -2.084  3.046   1.00 17.11 ? 154 ARG A CB  1 
ATOM   1102 C  CG  . ARG A 1 128 ? -10.128 -1.478  4.028   1.00 19.73 ? 154 ARG A CG  1 
ATOM   1103 C  CD  . ARG A 1 128 ? -11.581 -1.832  3.699   1.00 18.38 ? 154 ARG A CD  1 
ATOM   1104 N  NE  . ARG A 1 128 ? -12.493 -1.282  4.685   1.00 22.38 ? 154 ARG A NE  1 
ATOM   1105 C  CZ  . ARG A 1 128 ? -13.740 -1.728  4.791   1.00 27.14 ? 154 ARG A CZ  1 
ATOM   1106 N  NH1 . ARG A 1 128 ? -14.191 -2.713  4.025   1.00 28.59 ? 154 ARG A NH1 1 
ATOM   1107 N  NH2 . ARG A 1 128 ? -14.554 -1.176  5.691   1.00 32.36 ? 154 ARG A NH2 1 
ATOM   1108 N  N   . TYR A 1 129 ? -6.209  -3.316  2.453   1.00 16.85 ? 155 TYR A N   1 
ATOM   1109 C  CA  . TYR A 1 129 ? -5.248  -3.939  1.586   1.00 16.59 ? 155 TYR A CA  1 
ATOM   1110 C  C   . TYR A 1 129 ? -5.389  -5.444  1.527   1.00 16.33 ? 155 TYR A C   1 
ATOM   1111 O  O   . TYR A 1 129 ? -5.477  -6.119  2.539   1.00 16.77 ? 155 TYR A O   1 
ATOM   1112 C  CB  . TYR A 1 129 ? -3.819  -3.559  2.062   1.00 18.00 ? 155 TYR A CB  1 
ATOM   1113 C  CG  . TYR A 1 129 ? -2.762  -4.069  1.131   1.00 17.85 ? 155 TYR A CG  1 
ATOM   1114 C  CD1 . TYR A 1 129 ? -2.547  -3.436  -0.079  1.00 19.41 ? 155 TYR A CD1 1 
ATOM   1115 C  CD2 . TYR A 1 129 ? -1.990  -5.160  1.431   1.00 18.54 ? 155 TYR A CD2 1 
ATOM   1116 C  CE1 . TYR A 1 129 ? -1.645  -3.918  -0.973  1.00 19.18 ? 155 TYR A CE1 1 
ATOM   1117 C  CE2 . TYR A 1 129 ? -1.056  -5.637  0.535   1.00 18.23 ? 155 TYR A CE2 1 
ATOM   1118 C  CZ  . TYR A 1 129 ? -0.874  -5.005  -0.651  1.00 18.73 ? 155 TYR A CZ  1 
ATOM   1119 O  OH  . TYR A 1 129 ? 0.042   -5.479  -1.570  1.00 19.71 ? 155 TYR A OH  1 
ATOM   1120 N  N   . PHE A 1 130 ? -5.184  -5.975  0.309   1.00 17.16 ? 156 PHE A N   1 
ATOM   1121 C  CA  . PHE A 1 130 ? -4.971  -7.404  0.121   1.00 17.15 ? 156 PHE A CA  1 
ATOM   1122 C  C   . PHE A 1 130 ? -3.943  -7.674  -0.943  1.00 16.34 ? 156 PHE A C   1 
ATOM   1123 O  O   . PHE A 1 130 ? -3.973  -7.051  -2.010  1.00 16.65 ? 156 PHE A O   1 
ATOM   1124 C  CB  . PHE A 1 130 ? -6.213  -8.137  -0.361  1.00 17.63 ? 156 PHE A CB  1 
ATOM   1125 C  CG  . PHE A 1 130 ? -7.406  -8.036  0.533   1.00 18.06 ? 156 PHE A CG  1 
ATOM   1126 C  CD1 . PHE A 1 130 ? -8.281  -6.986  0.446   1.00 19.30 ? 156 PHE A CD1 1 
ATOM   1127 C  CD2 . PHE A 1 130 ? -7.724  -9.058  1.425   1.00 18.35 ? 156 PHE A CD2 1 
ATOM   1128 C  CE1 . PHE A 1 130 ? -9.421  -6.918  1.284   1.00 19.01 ? 156 PHE A CE1 1 
ATOM   1129 C  CE2 . PHE A 1 130 ? -8.848  -9.018  2.227   1.00 18.35 ? 156 PHE A CE2 1 
ATOM   1130 C  CZ  . PHE A 1 130 ? -9.673  -7.971  2.165   1.00 18.31 ? 156 PHE A CZ  1 
ATOM   1131 N  N   . THR A 1 131 ? -3.082  -8.655  -0.723  1.00 17.41 ? 157 THR A N   1 
ATOM   1132 C  CA  . THR A 1 131 ? -2.317  -9.344  -1.767  1.00 16.74 ? 157 THR A CA  1 
ATOM   1133 C  C   . THR A 1 131 ? -2.487  -10.831 -1.612  1.00 18.89 ? 157 THR A C   1 
ATOM   1134 O  O   . THR A 1 131 ? -3.292  -11.285 -0.830  1.00 19.17 ? 157 THR A O   1 
ATOM   1135 C  CB  . THR A 1 131 ? -0.871  -8.845  -1.801  1.00 18.96 ? 157 THR A CB  1 
ATOM   1136 O  OG1 . THR A 1 131 ? -0.212  -9.394  -2.968  1.00 18.53 ? 157 THR A OG1 1 
ATOM   1137 C  CG2 . THR A 1 131 ? -0.055  -9.263  -0.573  1.00 19.56 ? 157 THR A CG2 1 
ATOM   1138 N  N   . ASP A 1 132 ? -1.669  -11.626 -2.320  1.00 18.04 ? 158 ASP A N   1 
ATOM   1139 C  CA  . ASP A 1 132 ? -1.664  -13.073 -2.049  1.00 16.95 ? 158 ASP A CA  1 
ATOM   1140 C  C   . ASP A 1 132 ? -0.562  -13.324 -1.014  1.00 17.78 ? 158 ASP A C   1 
ATOM   1141 O  O   . ASP A 1 132 ? 0.553   -13.756 -1.286  1.00 17.88 ? 158 ASP A O   1 
ATOM   1142 C  CB  . ASP A 1 132 ? -1.367  -13.864 -3.309  1.00 18.01 ? 158 ASP A CB  1 
ATOM   1143 C  CG  . ASP A 1 132 ? -1.631  -15.353 -3.108  1.00 18.76 ? 158 ASP A CG  1 
ATOM   1144 O  OD1 . ASP A 1 132 ? -1.718  -15.813 -1.934  1.00 18.31 ? 158 ASP A OD1 1 
ATOM   1145 O  OD2 . ASP A 1 132 ? -1.706  -16.091 -4.122  1.00 19.63 ? 158 ASP A OD2 1 
ATOM   1146 N  N   . LEU A 1 133 ? -0.888  -12.989 0.236   1.00 18.38 ? 159 LEU A N   1 
ATOM   1147 C  CA  . LEU A 1 133 ? 0.075   -13.063 1.296   1.00 18.02 ? 159 LEU A CA  1 
ATOM   1148 C  C   . LEU A 1 133 ? 0.440   -14.508 1.605   1.00 16.68 ? 159 LEU A C   1 
ATOM   1149 O  O   . LEU A 1 133 ? 1.596   -14.759 1.951   1.00 17.70 ? 159 LEU A O   1 
ATOM   1150 C  CB  . LEU A 1 133 ? -0.441  -12.363 2.557   1.00 18.58 ? 159 LEU A CB  1 
ATOM   1151 C  CG  . LEU A 1 133 ? 0.543   -12.163 3.697   1.00 21.72 ? 159 LEU A CG  1 
ATOM   1152 C  CD1 . LEU A 1 133 ? 1.702   -11.274 3.312   1.00 23.06 ? 159 LEU A CD1 1 
ATOM   1153 C  CD2 . LEU A 1 133 ? -0.201  -11.535 4.903   1.00 20.98 ? 159 LEU A CD2 1 
ATOM   1154 N  N   . LEU A 1 134 ? -0.460  -15.462 1.433   1.00 16.74 ? 160 LEU A N   1 
ATOM   1155 C  CA  . LEU A 1 134 ? -0.106  -16.869 1.624   1.00 17.41 ? 160 LEU A CA  1 
ATOM   1156 C  C   . LEU A 1 134 ? 0.971   -17.279 0.615   1.00 17.94 ? 160 LEU A C   1 
ATOM   1157 O  O   . LEU A 1 134 ? 1.973   -17.937 0.951   1.00 17.70 ? 160 LEU A O   1 
ATOM   1158 C  CB  . LEU A 1 134 ? -1.335  -17.769 1.437   1.00 20.30 ? 160 LEU A CB  1 
ATOM   1159 C  CG  . LEU A 1 134 ? -1.063  -19.253 1.572   1.00 19.07 ? 160 LEU A CG  1 
ATOM   1160 C  CD1 . LEU A 1 134 ? -0.535  -19.584 2.988   1.00 25.21 ? 160 LEU A CD1 1 
ATOM   1161 C  CD2 . LEU A 1 134 ? -2.352  -20.064 1.230   1.00 20.49 ? 160 LEU A CD2 1 
ATOM   1162 N  N   . ALA A 1 135 ? 0.835   -16.854 -0.644  1.00 17.20 ? 161 ALA A N   1 
ATOM   1163 C  CA  . ALA A 1 135 ? 1.823   -17.198 -1.622  1.00 17.01 ? 161 ALA A CA  1 
ATOM   1164 C  C   . ALA A 1 135 ? 3.162   -16.530 -1.284  1.00 17.35 ? 161 ALA A C   1 
ATOM   1165 O  O   . ALA A 1 135 ? 4.236   -17.151 -1.476  1.00 18.95 ? 161 ALA A O   1 
ATOM   1166 C  CB  . ALA A 1 135 ? 1.392   -16.817 -3.046  1.00 18.41 ? 161 ALA A CB  1 
ATOM   1167 N  N   . VAL A 1 136 ? 3.129   -15.290 -0.824  1.00 16.94 ? 162 VAL A N   1 
ATOM   1168 C  CA  . VAL A 1 136 ? 4.369   -14.588 -0.452  1.00 18.40 ? 162 VAL A CA  1 
ATOM   1169 C  C   . VAL A 1 136 ? 5.063   -15.327 0.693   1.00 19.33 ? 162 VAL A C   1 
ATOM   1170 O  O   . VAL A 1 136 ? 6.276   -15.650 0.632   1.00 18.74 ? 162 VAL A O   1 
ATOM   1171 C  CB  . VAL A 1 136 ? 4.117   -13.129 -0.089  1.00 18.69 ? 162 VAL A CB  1 
ATOM   1172 C  CG1 . VAL A 1 136 ? 5.366   -12.478 0.557   1.00 19.67 ? 162 VAL A CG1 1 
ATOM   1173 C  CG2 . VAL A 1 136 ? 3.670   -12.291 -1.326  1.00 20.04 ? 162 VAL A CG2 1 
HETATM 1174 N  N   . MSE A 1 137 ? 4.320   -15.629 1.746   1.00 18.33 ? 163 MSE A N   1 
HETATM 1175 C  CA  . MSE A 1 137 ? 4.916   -16.289 2.906   1.00 19.94 ? 163 MSE A CA  1 
HETATM 1176 C  C   . MSE A 1 137 ? 5.432   -17.655 2.519   1.00 21.53 ? 163 MSE A C   1 
HETATM 1177 O  O   . MSE A 1 137 ? 6.521   -18.081 3.003   1.00 21.95 ? 163 MSE A O   1 
HETATM 1178 C  CB  . MSE A 1 137 ? 3.937   -16.355 4.069   1.00 19.69 ? 163 MSE A CB  1 
HETATM 1179 C  CG  . MSE A 1 137 ? 3.492   -15.050 4.597   1.00 20.31 ? 163 MSE A CG  1 
HETATM 1180 SE SE  . MSE A 1 137 ? 4.881   -13.888 5.225   0.75 24.88 ? 163 MSE A SE  1 
HETATM 1181 C  CE  . MSE A 1 137 ? 5.244   -14.847 6.867   1.00 31.80 ? 163 MSE A CE  1 
ATOM   1182 N  N   . THR A 1 138 ? 4.718   -18.379 1.663   1.00 21.24 ? 164 THR A N   1 
ATOM   1183 C  CA  . THR A 1 138 ? 5.195   -19.692 1.198   1.00 23.21 ? 164 THR A CA  1 
ATOM   1184 C  C   . THR A 1 138 ? 6.497   -19.565 0.412   1.00 21.47 ? 164 THR A C   1 
ATOM   1185 O  O   . THR A 1 138 ? 7.444   -20.358 0.647   1.00 25.05 ? 164 THR A O   1 
ATOM   1186 C  CB  . THR A 1 138 ? 4.107   -20.393 0.352   1.00 25.61 ? 164 THR A CB  1 
ATOM   1187 O  OG1 . THR A 1 138 ? 2.958   -20.521 1.180   1.00 25.07 ? 164 THR A OG1 1 
ATOM   1188 C  CG2 . THR A 1 138 ? 4.578   -21.763 -0.153  1.00 25.44 ? 164 THR A CG2 1 
ATOM   1189 N  N   . ALA A 1 139 ? 6.583   -18.588 -0.494  1.00 22.28 ? 165 ALA A N   1 
ATOM   1190 C  CA  . ALA A 1 139 ? 7.746   -18.374 -1.369  1.00 22.89 ? 165 ALA A CA  1 
ATOM   1191 C  C   . ALA A 1 139 ? 8.963   -18.009 -0.543  1.00 23.32 ? 165 ALA A C   1 
ATOM   1192 O  O   . ALA A 1 139 ? 10.070  -18.588 -0.780  1.00 25.51 ? 165 ALA A O   1 
ATOM   1193 C  CB  . ALA A 1 139 ? 7.468   -17.338 -2.399  1.00 23.49 ? 165 ALA A CB  1 
ATOM   1194 N  N   . ILE A 1 140 ? 8.804   -17.139 0.453   1.00 20.61 ? 166 ILE A N   1 
ATOM   1195 C  CA  . ILE A 1 140 ? 9.978   -16.662 1.232   1.00 22.81 ? 166 ILE A CA  1 
ATOM   1196 C  C   . ILE A 1 140 ? 10.393  -17.591 2.363   1.00 23.80 ? 166 ILE A C   1 
ATOM   1197 O  O   . ILE A 1 140 ? 11.542  -17.513 2.851   1.00 24.55 ? 166 ILE A O   1 
ATOM   1198 C  CB  . ILE A 1 140 ? 9.770   -15.215 1.793   1.00 20.93 ? 166 ILE A CB  1 
ATOM   1199 C  CG1 . ILE A 1 140 ? 8.729   -15.174 2.927   1.00 21.60 ? 166 ILE A CG1 1 
ATOM   1200 C  CG2 . ILE A 1 140 ? 9.508   -14.239 0.710   1.00 20.69 ? 166 ILE A CG2 1 
ATOM   1201 C  CD1 . ILE A 1 140 ? 8.601   -13.820 3.578   1.00 21.72 ? 166 ILE A CD1 1 
ATOM   1202 N  N   . SER A 1 141 ? 9.503   -18.489 2.799   1.00 23.38 ? 167 SER A N   1 
ATOM   1203 C  CA  . SER A 1 141 ? 9.801   -19.463 3.850   1.00 30.58 ? 167 SER A CA  1 
ATOM   1204 C  C   . SER A 1 141 ? 10.342  -20.781 3.266   1.00 32.37 ? 167 SER A C   1 
ATOM   1205 O  O   . SER A 1 141 ? 10.685  -21.693 4.019   1.00 40.47 ? 167 SER A O   1 
ATOM   1206 C  CB  . SER A 1 141 ? 8.536   -19.772 4.641   1.00 31.47 ? 167 SER A CB  1 
ATOM   1207 O  OG  . SER A 1 141 ? 7.945   -18.600 5.184   1.00 33.92 ? 167 SER A OG  1 
ATOM   1208 N  N   . ALA A 1 142 ? 10.427  -20.877 1.944   1.00 37.39 ? 168 ALA A N   1 
ATOM   1209 C  CA  . ALA A 1 142 ? 10.781  -22.120 1.255   1.00 41.67 ? 168 ALA A CA  1 
ATOM   1210 C  C   . ALA A 1 142 ? 12.246  -22.487 1.566   1.00 46.55 ? 168 ALA A C   1 
ATOM   1211 O  O   . ALA A 1 142 ? 13.129  -21.618 1.451   1.00 47.23 ? 168 ALA A O   1 
ATOM   1212 C  CB  . ALA A 1 142 ? 10.597  -21.940 -0.256  1.00 42.15 ? 168 ALA A CB  1 
ATOM   1213 N  N   . PRO A 1 143 ? 12.510  -23.765 1.950   1.00 49.19 ? 169 PRO A N   1 
ATOM   1214 C  CA  . PRO A 1 143 ? 13.897  -24.214 2.238   1.00 50.42 ? 169 PRO A CA  1 
ATOM   1215 C  C   . PRO A 1 143 ? 14.858  -24.003 1.060   1.00 52.74 ? 169 PRO A C   1 
ATOM   1216 O  O   . PRO A 1 143 ? 14.413  -23.867 -0.082  1.00 52.95 ? 169 PRO A O   1 
ATOM   1217 C  CB  . PRO A 1 143 ? 13.737  -25.712 2.538   1.00 50.86 ? 169 PRO A CB  1 
ATOM   1218 C  CG  . PRO A 1 143 ? 12.367  -26.093 2.014   1.00 50.38 ? 169 PRO A CG  1 
ATOM   1219 C  CD  . PRO A 1 143 ? 11.528  -24.853 2.141   1.00 49.87 ? 169 PRO A CD  1 
ATOM   1220 N  N   . PRO A 1 144 ? 16.179  -23.987 1.327   1.00 55.44 ? 170 PRO A N   1 
ATOM   1221 C  CA  . PRO A 1 144 ? 17.126  -23.620 0.251   1.00 56.27 ? 170 PRO A CA  1 
ATOM   1222 C  C   . PRO A 1 144 ? 17.008  -24.482 -1.013  1.00 58.06 ? 170 PRO A C   1 
ATOM   1223 O  O   . PRO A 1 144 ? 16.955  -25.709 -0.917  1.00 60.77 ? 170 PRO A O   1 
ATOM   1224 C  CB  . PRO A 1 144 ? 18.506  -23.794 0.907   1.00 55.82 ? 170 PRO A CB  1 
ATOM   1225 C  CG  . PRO A 1 144 ? 18.249  -23.731 2.389   1.00 56.06 ? 170 PRO A CG  1 
ATOM   1226 C  CD  . PRO A 1 144 ? 16.865  -24.290 2.599   1.00 56.45 ? 170 PRO A CD  1 
HETATM 1227 CL CL  . CL  B 2 .   ? 10.297  9.165   4.134   1.00 36.01 ? 201 CL  A CL  1 
HETATM 1228 C  C1  . PEG C 3 .   ? 2.404   -3.003  -0.249  1.00 43.17 ? 202 PEG A C1  1 
HETATM 1229 O  O1  . PEG C 3 .   ? 1.461   -1.976  0.071   1.00 47.84 ? 202 PEG A O1  1 
HETATM 1230 C  C2  . PEG C 3 .   ? 2.476   -3.980  0.913   1.00 46.90 ? 202 PEG A C2  1 
HETATM 1231 O  O2  . PEG C 3 .   ? 3.667   -4.779  0.848   1.00 48.85 ? 202 PEG A O2  1 
HETATM 1232 C  C3  . PEG C 3 .   ? 3.403   -6.201  0.745   1.00 48.73 ? 202 PEG A C3  1 
HETATM 1233 C  C4  . PEG C 3 .   ? 4.624   -6.954  0.203   1.00 46.85 ? 202 PEG A C4  1 
HETATM 1234 O  O4  . PEG C 3 .   ? 4.239   -8.248  -0.341  1.00 47.04 ? 202 PEG A O4  1 
HETATM 1235 C  C1  . PEG D 3 .   ? -19.178 11.900  -7.864  1.00 31.86 ? 203 PEG A C1  1 
HETATM 1236 O  O1  . PEG D 3 .   ? -18.471 12.501  -6.838  1.00 23.15 ? 203 PEG A O1  1 
HETATM 1237 C  C2  . PEG D 3 .   ? -19.392 10.436  -7.696  1.00 39.39 ? 203 PEG A C2  1 
HETATM 1238 O  O2  . PEG D 3 .   ? -20.391 10.156  -6.763  1.00 45.17 ? 203 PEG A O2  1 
HETATM 1239 C  C3  . PEG D 3 .   ? -20.624 8.758   -6.719  1.00 45.46 ? 203 PEG A C3  1 
HETATM 1240 C  C4  . PEG D 3 .   ? -21.610 8.508   -5.588  1.00 49.67 ? 203 PEG A C4  1 
HETATM 1241 O  O4  . PEG D 3 .   ? -20.866 8.374   -4.369  1.00 52.08 ? 203 PEG A O4  1 
HETATM 1242 C  C1  . PGE E 4 .   ? 1.726   -7.585  11.072  1.00 53.89 ? 204 PGE A C1  1 
HETATM 1243 O  O1  . PGE E 4 .   ? 2.329   -7.384  12.361  1.00 55.89 ? 204 PGE A O1  1 
HETATM 1244 C  C2  . PGE E 4 .   ? 0.918   -8.880  10.993  1.00 54.71 ? 204 PGE A C2  1 
HETATM 1245 O  O2  . PGE E 4 .   ? 0.427   -9.013  9.656   1.00 51.68 ? 204 PGE A O2  1 
HETATM 1246 C  C3  . PGE E 4 .   ? -0.275  -10.225 9.383   1.00 52.39 ? 204 PGE A C3  1 
HETATM 1247 C  C4  . PGE E 4 .   ? 0.687   -11.306 8.912   1.00 54.54 ? 204 PGE A C4  1 
HETATM 1248 O  O4  . PGE E 4 .   ? 3.829   -13.843 10.843  1.00 58.31 ? 204 PGE A O4  1 
HETATM 1249 C  C6  . PGE E 4 .   ? 2.752   -12.898 10.755  1.00 58.94 ? 204 PGE A C6  1 
HETATM 1250 C  C5  . PGE E 4 .   ? 1.762   -13.306 9.665   1.00 57.10 ? 204 PGE A C5  1 
HETATM 1251 O  O3  . PGE E 4 .   ? 0.589   -12.475 9.735   1.00 56.70 ? 204 PGE A O3  1 
HETATM 1252 O  O   . HOH F 5 .   ? -17.942 5.556   -10.846 0.50 14.75 ? 205 HOH A O   1 
HETATM 1253 O  O   . HOH F 5 .   ? 5.980   -4.651  -10.369 1.00 17.48 ? 206 HOH A O   1 
HETATM 1254 O  O   . HOH F 5 .   ? -3.186  -15.317 0.406   1.00 14.94 ? 207 HOH A O   1 
HETATM 1255 O  O   . HOH F 5 .   ? -11.143 1.852   2.698   1.00 15.28 ? 208 HOH A O   1 
HETATM 1256 O  O   . HOH F 5 .   ? -8.092  -5.505  4.179   1.00 13.27 ? 209 HOH A O   1 
HETATM 1257 O  O   . HOH F 5 .   ? -4.529  -12.877 0.860   0.50 15.13 ? 210 HOH A O   1 
HETATM 1258 O  O   . HOH F 5 .   ? -3.324  -6.715  -10.320 1.00 16.50 ? 211 HOH A O   1 
HETATM 1259 O  O   . HOH F 5 .   ? 6.521   3.724   -7.693  1.00 19.28 ? 212 HOH A O   1 
HETATM 1260 O  O   . HOH F 5 .   ? 13.465  -5.305  -2.369  1.00 19.79 ? 213 HOH A O   1 
HETATM 1261 O  O   . HOH F 5 .   ? 3.783   2.538   0.429   1.00 18.17 ? 214 HOH A O   1 
HETATM 1262 O  O   . HOH F 5 .   ? -2.561  -8.800  -12.061 1.00 21.84 ? 215 HOH A O   1 
HETATM 1263 O  O   . HOH F 5 .   ? -5.330  -7.346  -8.414  1.00 14.74 ? 216 HOH A O   1 
HETATM 1264 O  O   . HOH F 5 .   ? -10.417 -6.182  -12.538 1.00 15.07 ? 217 HOH A O   1 
HETATM 1265 O  O   . HOH F 5 .   ? -0.197  -0.769  -16.129 1.00 19.42 ? 218 HOH A O   1 
HETATM 1266 O  O   . HOH F 5 .   ? -13.110 9.555   -16.859 1.00 20.18 ? 219 HOH A O   1 
HETATM 1267 O  O   . HOH F 5 .   ? 7.705   1.244   -8.093  1.00 19.31 ? 220 HOH A O   1 
HETATM 1268 O  O   . HOH F 5 .   ? 11.076  0.971   5.492   1.00 22.64 ? 221 HOH A O   1 
HETATM 1269 O  O   . HOH F 5 .   ? -11.700 -2.550  -10.326 1.00 20.38 ? 222 HOH A O   1 
HETATM 1270 O  O   . HOH F 5 .   ? -12.958 1.824   -1.037  1.00 20.08 ? 223 HOH A O   1 
HETATM 1271 O  O   . HOH F 5 .   ? 15.798  -3.820  4.790   1.00 18.29 ? 224 HOH A O   1 
HETATM 1272 O  O   . HOH F 5 .   ? 10.029  -6.054  8.367   1.00 22.77 ? 225 HOH A O   1 
HETATM 1273 O  O   . HOH F 5 .   ? -0.858  -0.315  -1.547  1.00 19.96 ? 226 HOH A O   1 
HETATM 1274 O  O   . HOH F 5 .   ? -0.193  1.395   6.960   1.00 19.26 ? 227 HOH A O   1 
HETATM 1275 O  O   . HOH F 5 .   ? 7.728   -9.506  -13.505 1.00 41.87 ? 373 HOH A O   1 
HETATM 1276 O  O   . HOH F 5 .   ? 3.879   -9.567  -15.023 1.00 44.19 ? 374 HOH A O   1 
HETATM 1277 O  O   . HOH F 5 .   ? -2.320  -8.522  -14.615 1.00 51.86 ? 375 HOH A O   1 
HETATM 1278 O  O   . HOH F 5 .   ? -16.656 16.059  -1.166  1.00 46.49 ? 376 HOH A O   1 
HETATM 1279 O  O   . HOH F 5 .   ? 9.874   11.827  7.468   1.00 46.72 ? 377 HOH A O   1 
HETATM 1280 O  O   A HOH F 5 .   ? 8.315   13.905  -0.042  0.50 27.91 ? 378 HOH A O   1 
HETATM 1281 O  O   B HOH F 5 .   ? 8.468   13.826  -1.836  0.50 31.20 ? 378 HOH A O   1 
HETATM 1282 O  O   . HOH F 5 .   ? 12.923  4.408   -4.943  1.00 48.04 ? 379 HOH A O   1 
HETATM 1283 O  O   . HOH F 5 .   ? 14.037  6.854   -5.096  1.00 48.13 ? 380 HOH A O   1 
HETATM 1284 O  O   . HOH F 5 .   ? 16.700  11.826  -0.170  1.00 51.33 ? 381 HOH A O   1 
HETATM 1285 O  O   . HOH F 5 .   ? 9.589   -13.459 -9.889  1.00 42.74 ? 382 HOH A O   1 
HETATM 1286 O  O   . HOH F 5 .   ? -12.637 18.364  -6.566  1.00 43.00 ? 383 HOH A O   1 
HETATM 1287 O  O   . HOH F 5 .   ? -2.066  13.970  8.426   1.00 42.94 ? 384 HOH A O   1 
HETATM 1288 O  O   . HOH F 5 .   ? -2.859  11.071  14.606  1.00 40.89 ? 385 HOH A O   1 
HETATM 1289 O  O   . HOH F 5 .   ? -2.979  16.650  8.822   1.00 53.53 ? 386 HOH A O   1 
HETATM 1290 O  O   . HOH F 5 .   ? -14.595 11.557  7.771   1.00 50.31 ? 387 HOH A O   1 
HETATM 1291 O  O   . HOH F 5 .   ? -19.535 11.722  -19.253 1.00 43.60 ? 388 HOH A O   1 
HETATM 1292 O  O   . HOH F 5 .   ? -4.643  6.760   17.074  1.00 45.61 ? 389 HOH A O   1 
HETATM 1293 O  O   . HOH F 5 .   ? 8.935   8.342   -9.789  1.00 49.28 ? 390 HOH A O   1 
HETATM 1294 O  O   . HOH F 5 .   ? 1.504   -3.803  14.025  1.00 50.23 ? 391 HOH A O   1 
HETATM 1295 O  O   A HOH F 5 .   ? 9.280   9.627   -12.506 0.50 29.09 ? 392 HOH A O   1 
HETATM 1296 O  O   B HOH F 5 .   ? 9.562   7.902   -12.391 0.50 32.50 ? 392 HOH A O   1 
HETATM 1297 O  O   . HOH F 5 .   ? -15.925 9.087   -21.288 1.00 18.02 ? 393 HOH A O   1 
HETATM 1298 O  O   . HOH F 5 .   ? -0.654  -4.551  13.144  1.00 49.06 ? 394 HOH A O   1 
HETATM 1299 O  O   . HOH F 5 .   ? 0.520   -4.183  -13.213 1.00 24.78 ? 395 HOH A O   1 
HETATM 1300 O  O   . HOH F 5 .   ? -6.073  -4.731  -14.765 1.00 37.64 ? 396 HOH A O   1 
HETATM 1301 O  O   . HOH F 5 .   ? 11.328  -2.224  11.689  1.00 44.48 ? 397 HOH A O   1 
HETATM 1302 O  O   . HOH F 5 .   ? 11.661  -4.856  10.262  1.00 31.69 ? 398 HOH A O   1 
HETATM 1303 O  O   . HOH F 5 .   ? 16.297  -1.349  4.549   1.00 34.26 ? 399 HOH A O   1 
HETATM 1304 O  O   . HOH F 5 .   ? 15.873  0.372   6.661   1.00 18.40 ? 400 HOH A O   1 
HETATM 1305 O  O   . HOH F 5 .   ? 16.758  0.549   8.765   1.00 50.55 ? 401 HOH A O   1 
HETATM 1306 O  O   . HOH F 5 .   ? 17.018  -1.743  8.719   1.00 42.78 ? 402 HOH A O   1 
HETATM 1307 O  O   . HOH F 5 .   ? 15.009  2.636   7.373   1.00 48.91 ? 403 HOH A O   1 
HETATM 1308 O  O   . HOH F 5 .   ? 14.885  -1.044  10.744  1.00 55.40 ? 404 HOH A O   1 
HETATM 1309 O  O   . HOH F 5 .   ? -3.204  -1.527  5.045   1.00 25.27 ? 405 HOH A O   1 
HETATM 1310 O  O   . HOH F 5 .   ? 12.130  -8.201  -8.522  1.00 34.35 ? 406 HOH A O   1 
HETATM 1311 O  O   . HOH F 5 .   ? 12.456  -18.790 6.900   1.00 48.27 ? 407 HOH A O   1 
HETATM 1312 O  O   . HOH F 5 .   ? 1.985   -7.909  -15.515 1.00 51.38 ? 408 HOH A O   1 
HETATM 1313 O  O   . HOH F 5 .   ? 10.121  -9.297  -11.549 1.00 42.38 ? 409 HOH A O   1 
HETATM 1314 O  O   . HOH F 5 .   ? -2.769  -1.728  -4.990  1.00 13.48 ? 410 HOH A O   1 
HETATM 1315 O  O   . HOH F 5 .   ? 12.175  2.059   7.963   1.00 50.12 ? 411 HOH A O   1 
HETATM 1316 O  O   . HOH F 5 .   ? -3.946  -3.725  9.899   1.00 18.94 ? 412 HOH A O   1 
HETATM 1317 O  O   . HOH F 5 .   ? 17.783  -5.212  3.025   1.00 19.37 ? 413 HOH A O   1 
HETATM 1318 O  O   . HOH F 5 .   ? 0.834   -0.249  5.096   1.00 18.69 ? 414 HOH A O   1 
HETATM 1319 O  O   . HOH F 5 .   ? 14.205  -6.362  -5.636  1.00 24.59 ? 415 HOH A O   1 
HETATM 1320 O  O   . HOH F 5 .   ? 1.352   6.753   -9.362  1.00 21.71 ? 416 HOH A O   1 
HETATM 1321 O  O   . HOH F 5 .   ? -12.982 13.535  -1.393  1.00 24.19 ? 417 HOH A O   1 
HETATM 1322 O  O   . HOH F 5 .   ? 2.870   4.480   -9.698  1.00 23.86 ? 418 HOH A O   1 
HETATM 1323 O  O   . HOH F 5 .   ? 1.760   4.138   -0.425  1.00 19.50 ? 419 HOH A O   1 
HETATM 1324 O  O   . HOH F 5 .   ? 2.384   2.351   -11.865 1.00 23.44 ? 420 HOH A O   1 
HETATM 1325 O  O   . HOH F 5 .   ? 17.187  -11.955 -5.000  1.00 26.10 ? 421 HOH A O   1 
HETATM 1326 O  O   . HOH F 5 .   ? -7.373  2.014   -14.869 1.00 20.99 ? 422 HOH A O   1 
HETATM 1327 O  O   . HOH F 5 .   ? 11.206  -5.505  -9.094  1.00 20.84 ? 423 HOH A O   1 
HETATM 1328 O  O   . HOH F 5 .   ? -16.143 7.396   -14.548 1.00 24.94 ? 424 HOH A O   1 
HETATM 1329 O  O   . HOH F 5 .   ? -7.817  15.330  -2.805  1.00 27.19 ? 425 HOH A O   1 
HETATM 1330 O  O   . HOH F 5 .   ? 4.302   -19.248 -3.304  1.00 25.02 ? 426 HOH A O   1 
HETATM 1331 O  O   . HOH F 5 .   ? -17.655 16.576  -8.261  1.00 27.93 ? 427 HOH A O   1 
HETATM 1332 O  O   . HOH F 5 .   ? 10.177  -5.431  -11.554 1.00 28.03 ? 428 HOH A O   1 
HETATM 1333 O  O   . HOH F 5 .   ? -10.855 -5.175  4.289   1.00 15.17 ? 429 HOH A O   1 
HETATM 1334 O  O   . HOH F 5 .   ? 8.480   1.424   11.607  1.00 31.16 ? 430 HOH A O   1 
HETATM 1335 O  O   . HOH F 5 .   ? -16.073 13.944  0.839   1.00 28.46 ? 431 HOH A O   1 
HETATM 1336 O  O   . HOH F 5 .   ? 10.375  -9.616  11.195  1.00 25.47 ? 432 HOH A O   1 
HETATM 1337 O  O   . HOH F 5 .   ? 12.853  -4.398  -7.081  1.00 23.53 ? 433 HOH A O   1 
HETATM 1338 O  O   . HOH F 5 .   ? -7.493  15.790  -14.330 1.00 28.08 ? 434 HOH A O   1 
HETATM 1339 O  O   . HOH F 5 .   ? -1.525  11.933  -9.099  1.00 24.13 ? 435 HOH A O   1 
HETATM 1340 O  O   . HOH F 5 .   ? 5.617   -14.521 -6.181  1.00 25.56 ? 436 HOH A O   1 
HETATM 1341 O  O   . HOH F 5 .   ? -10.354 14.972  -3.815  1.00 29.42 ? 437 HOH A O   1 
HETATM 1342 O  O   . HOH F 5 .   ? 5.598   7.255   12.045  1.00 33.96 ? 438 HOH A O   1 
HETATM 1343 O  O   . HOH F 5 .   ? -4.738  -8.097  14.212  1.00 34.72 ? 439 HOH A O   1 
HETATM 1344 O  O   . HOH F 5 .   ? 2.142   0.271   0.956   1.00 22.27 ? 440 HOH A O   1 
HETATM 1345 O  O   . HOH F 5 .   ? 16.072  -5.629  -3.683  1.00 24.62 ? 441 HOH A O   1 
HETATM 1346 O  O   . HOH F 5 .   ? -4.350  -10.959 -11.387 1.00 19.76 ? 442 HOH A O   1 
HETATM 1347 O  O   . HOH F 5 .   ? 8.885   11.123  -2.158  1.00 27.07 ? 443 HOH A O   1 
HETATM 1348 O  O   . HOH F 5 .   ? 0.440   -1.726  -3.353  1.00 29.10 ? 444 HOH A O   1 
HETATM 1349 O  O   . HOH F 5 .   ? -9.877  7.264   9.680   1.00 30.68 ? 445 HOH A O   1 
HETATM 1350 O  O   . HOH F 5 .   ? 13.247  1.217   1.020   1.00 35.56 ? 446 HOH A O   1 
HETATM 1351 O  O   . HOH F 5 .   ? -16.009 9.335   3.229   1.00 32.85 ? 447 HOH A O   1 
HETATM 1352 O  O   A HOH F 5 .   ? -9.952  10.843  9.601   0.50 22.94 ? 448 HOH A O   1 
HETATM 1353 O  O   B HOH F 5 .   ? -11.498 11.395  9.336   0.50 29.50 ? 448 HOH A O   1 
HETATM 1354 O  O   . HOH F 5 .   ? -18.881 7.600   -2.164  1.00 29.41 ? 449 HOH A O   1 
HETATM 1355 O  O   . HOH F 5 .   ? 5.065   -5.906  -12.632 1.00 20.50 ? 450 HOH A O   1 
HETATM 1356 O  O   . HOH F 5 .   ? 14.446  -4.359  9.942   1.00 26.10 ? 451 HOH A O   1 
HETATM 1357 O  O   . HOH F 5 .   ? 3.061   11.653  -9.129  1.00 25.24 ? 452 HOH A O   1 
HETATM 1358 O  O   . HOH F 5 .   ? 2.870   -5.287  -14.258 1.00 25.36 ? 453 HOH A O   1 
HETATM 1359 O  O   . HOH F 5 .   ? -2.151  -18.593 -2.042  1.00 25.94 ? 454 HOH A O   1 
HETATM 1360 O  O   . HOH F 5 .   ? -0.755  -2.017  3.833   1.00 22.40 ? 455 HOH A O   1 
HETATM 1361 O  O   . HOH F 5 .   ? 2.470   0.842   13.939  1.00 28.88 ? 456 HOH A O   1 
HETATM 1362 O  O   . HOH F 5 .   ? -8.833  12.716  11.628  1.00 29.68 ? 457 HOH A O   1 
HETATM 1363 O  O   . HOH F 5 .   ? 8.085   -3.152  -11.828 1.00 27.74 ? 458 HOH A O   1 
HETATM 1364 O  O   . HOH F 5 .   ? -2.307  -12.821 -10.702 1.00 31.34 ? 459 HOH A O   1 
HETATM 1365 O  O   . HOH F 5 .   ? 8.074   5.339   -6.235  1.00 24.03 ? 460 HOH A O   1 
HETATM 1366 O  O   . HOH F 5 .   ? 9.908   1.220   -6.337  1.00 27.97 ? 461 HOH A O   1 
HETATM 1367 O  O   . HOH F 5 .   ? -17.986 9.914   -22.072 1.00 30.84 ? 462 HOH A O   1 
HETATM 1368 O  O   . HOH F 5 .   ? -14.226 2.551   4.789   1.00 31.62 ? 463 HOH A O   1 
HETATM 1369 O  O   . HOH F 5 .   ? 13.102  0.021   3.590   1.00 32.89 ? 464 HOH A O   1 
HETATM 1370 O  O   . HOH F 5 .   ? -6.902  -1.794  -16.752 1.00 32.31 ? 465 HOH A O   1 
HETATM 1371 O  O   . HOH F 5 .   ? -9.871  -5.708  10.583  1.00 32.26 ? 466 HOH A O   1 
HETATM 1372 O  O   . HOH F 5 .   ? -15.706 0.757   2.873   1.00 26.30 ? 467 HOH A O   1 
HETATM 1373 O  O   . HOH F 5 .   ? -12.857 -2.963  8.449   1.00 36.48 ? 468 HOH A O   1 
HETATM 1374 O  O   . HOH F 5 .   ? -11.004 17.604  -10.491 1.00 30.23 ? 469 HOH A O   1 
HETATM 1375 O  O   . HOH F 5 .   ? 18.062  -1.573  0.021   1.00 35.56 ? 470 HOH A O   1 
HETATM 1376 O  O   . HOH F 5 .   ? -8.540  -9.141  13.211  1.00 41.67 ? 471 HOH A O   1 
HETATM 1377 O  O   . HOH F 5 .   ? 6.777   5.414   -9.803  1.00 34.39 ? 472 HOH A O   1 
HETATM 1378 O  O   . HOH F 5 .   ? 7.408   -22.606 2.078   1.00 34.78 ? 473 HOH A O   1 
HETATM 1379 O  O   . HOH F 5 .   ? -9.681  17.233  -14.789 1.00 30.77 ? 474 HOH A O   1 
HETATM 1380 O  O   . HOH F 5 .   ? -19.750 14.826  -7.475  1.00 34.35 ? 475 HOH A O   1 
HETATM 1381 O  O   . HOH F 5 .   ? -7.829  6.245   13.812  1.00 40.13 ? 476 HOH A O   1 
HETATM 1382 O  O   . HOH F 5 .   ? 0.066   -20.150 -1.859  1.00 26.87 ? 477 HOH A O   1 
HETATM 1383 O  O   . HOH F 5 .   ? 10.091  -10.482 -9.057  1.00 30.15 ? 478 HOH A O   1 
HETATM 1384 O  O   . HOH F 5 .   ? 12.554  0.189   -6.496  1.00 37.43 ? 479 HOH A O   1 
HETATM 1385 O  O   . HOH F 5 .   ? -2.343  -1.885  8.543   1.00 27.34 ? 480 HOH A O   1 
HETATM 1386 O  O   . HOH F 5 .   ? -11.905 17.234  -4.193  1.00 36.18 ? 481 HOH A O   1 
HETATM 1387 O  O   . HOH F 5 .   ? 2.075   -20.605 -3.491  1.00 32.25 ? 482 HOH A O   1 
HETATM 1388 O  O   . HOH F 5 .   ? 18.108  -16.869 4.479   1.00 30.08 ? 483 HOH A O   1 
HETATM 1389 O  O   . HOH F 5 .   ? -16.998 3.268   1.871   1.00 35.83 ? 484 HOH A O   1 
HETATM 1390 O  O   . HOH F 5 .   ? -13.837 16.158  -1.872  1.00 31.39 ? 485 HOH A O   1 
HETATM 1391 O  O   . HOH F 5 .   ? 14.732  -16.808 5.495   1.00 32.63 ? 486 HOH A O   1 
HETATM 1392 O  O   . HOH F 5 .   ? 17.262  0.522   -1.235  1.00 50.85 ? 487 HOH A O   1 
HETATM 1393 O  O   . HOH F 5 .   ? -7.764  -1.242  15.942  1.00 38.79 ? 488 HOH A O   1 
HETATM 1394 O  O   . HOH F 5 .   ? 14.198  1.824   -2.300  1.00 32.01 ? 489 HOH A O   1 
HETATM 1395 O  O   . HOH F 5 .   ? -12.253 6.732   9.742   1.00 46.97 ? 490 HOH A O   1 
HETATM 1396 O  O   . HOH F 5 .   ? 8.056   6.676   10.738  1.00 41.97 ? 491 HOH A O   1 
HETATM 1397 O  O   . HOH F 5 .   ? -3.578  1.080   16.312  1.00 29.97 ? 492 HOH A O   1 
HETATM 1398 O  O   . HOH F 5 .   ? -13.281 -0.235  8.539   1.00 36.01 ? 493 HOH A O   1 
HETATM 1399 O  O   . HOH F 5 .   ? -3.868  -2.391  15.647  1.00 50.25 ? 494 HOH A O   1 
HETATM 1400 O  O   . HOH F 5 .   ? -1.679  -4.696  10.699  1.00 36.44 ? 495 HOH A O   1 
HETATM 1401 O  O   A HOH F 5 .   ? -0.286  2.593   -1.749  0.50 20.04 ? 496 HOH A O   1 
HETATM 1402 O  O   B HOH F 5 .   ? 0.057   1.929   -0.192  0.50 24.59 ? 496 HOH A O   1 
HETATM 1403 O  O   . HOH F 5 .   ? -11.531 14.585  5.840   1.00 33.69 ? 497 HOH A O   1 
HETATM 1404 O  O   . HOH F 5 .   ? -4.313  16.620  -8.254  1.00 42.55 ? 498 HOH A O   1 
HETATM 1405 O  O   . HOH F 5 .   ? -16.029 9.864   5.806   1.00 35.68 ? 499 HOH A O   1 
HETATM 1406 O  O   . HOH F 5 .   ? 8.403   -0.850  -12.470 1.00 39.22 ? 500 HOH A O   1 
HETATM 1407 O  O   . HOH F 5 .   ? 10.066  3.940   -5.352  1.00 34.81 ? 501 HOH A O   1 
HETATM 1408 O  O   . HOH F 5 .   ? -12.289 13.297  8.126   1.00 33.53 ? 502 HOH A O   1 
HETATM 1409 O  O   . HOH F 5 .   ? -12.927 4.942   8.227   1.00 43.00 ? 503 HOH A O   1 
HETATM 1410 O  O   . HOH F 5 .   ? 4.675   -0.919  13.110  1.00 33.15 ? 504 HOH A O   1 
HETATM 1411 O  O   . HOH F 5 .   ? 4.484   -8.684  -12.654 1.00 30.99 ? 505 HOH A O   1 
HETATM 1412 O  O   . HOH F 5 .   ? 6.904   -15.957 10.321  1.00 36.21 ? 506 HOH A O   1 
HETATM 1413 O  O   . HOH F 5 .   ? -9.020  -13.721 10.550  1.00 37.19 ? 507 HOH A O   1 
HETATM 1414 O  O   . HOH F 5 .   ? 3.365   2.400   15.990  1.00 40.57 ? 508 HOH A O   1 
HETATM 1415 O  O   . HOH F 5 .   ? 14.050  6.678   -2.728  1.00 35.16 ? 509 HOH A O   1 
HETATM 1416 O  O   . HOH F 5 .   ? 4.281   -11.988 -13.883 1.00 44.46 ? 510 HOH A O   1 
HETATM 1417 O  O   . HOH F 5 .   ? -6.309  8.004   15.640  1.00 46.59 ? 511 HOH A O   1 
HETATM 1418 O  O   . HOH F 5 .   ? -1.654  12.768  -2.319  1.00 32.23 ? 512 HOH A O   1 
HETATM 1419 O  O   . HOH F 5 .   ? 14.362  -19.480 -4.530  1.00 34.22 ? 513 HOH A O   1 
HETATM 1420 O  O   . HOH F 5 .   ? 12.020  4.327   1.268   1.00 37.01 ? 514 HOH A O   1 
HETATM 1421 O  O   . HOH F 5 .   ? 8.499   -7.594  9.775   1.00 30.55 ? 515 HOH A O   1 
HETATM 1422 O  O   . HOH F 5 .   ? 9.418   12.048  4.672   1.00 46.10 ? 516 HOH A O   1 
HETATM 1423 O  O   . HOH F 5 .   ? 16.152  1.601   1.315   1.00 45.89 ? 517 HOH A O   1 
HETATM 1424 O  O   . HOH F 5 .   ? 0.635   13.362  12.971  1.00 45.31 ? 518 HOH A O   1 
HETATM 1425 O  O   . HOH F 5 .   ? -11.217 -8.614  10.246  1.00 40.84 ? 519 HOH A O   1 
HETATM 1426 O  O   . HOH F 5 .   ? 8.877   1.209   -10.569 1.00 37.65 ? 520 HOH A O   1 
HETATM 1427 O  O   . HOH F 5 .   ? 6.325   -20.769 -3.760  1.00 40.28 ? 521 HOH A O   1 
HETATM 1428 O  O   . HOH F 5 .   ? -17.957 10.136  1.542   1.00 40.80 ? 522 HOH A O   1 
HETATM 1429 O  O   . HOH F 5 .   ? 7.222   -0.034  14.116  1.00 37.86 ? 523 HOH A O   1 
HETATM 1430 O  O   . HOH F 5 .   ? -15.254 7.829   -19.173 1.00 36.16 ? 524 HOH A O   1 
HETATM 1431 O  O   A HOH F 5 .   ? 7.964   -13.480 -12.119 0.50 25.69 ? 525 HOH A O   1 
HETATM 1432 O  O   B HOH F 5 .   ? 6.734   -14.617 -11.932 0.50 36.36 ? 525 HOH A O   1 
HETATM 1433 O  O   . HOH F 5 .   ? 3.952   16.557  4.753   1.00 45.12 ? 526 HOH A O   1 
HETATM 1434 O  O   . HOH F 5 .   ? -0.706  9.400   14.753  1.00 31.95 ? 527 HOH A O   1 
HETATM 1435 O  O   . HOH F 5 .   ? 6.776   -7.272  11.745  1.00 35.36 ? 528 HOH A O   1 
HETATM 1436 O  O   . HOH F 5 .   ? 12.430  4.708   -7.619  1.00 32.65 ? 529 HOH A O   1 
HETATM 1437 O  O   . HOH F 5 .   ? 6.738   0.807   -11.491 1.00 36.51 ? 530 HOH A O   1 
HETATM 1438 O  O   . HOH F 5 .   ? -0.174  14.488  10.146  1.00 38.49 ? 531 HOH A O   1 
HETATM 1439 O  O   . HOH F 5 .   ? 10.421  3.003   3.827   1.00 32.30 ? 532 HOH A O   1 
HETATM 1440 O  O   . HOH F 5 .   ? -4.065  -5.412  -17.128 1.00 38.41 ? 533 HOH A O   1 
HETATM 1441 O  O   . HOH F 5 .   ? -7.223  17.909  -3.189  1.00 42.89 ? 534 HOH A O   1 
HETATM 1442 O  O   . HOH F 5 .   ? 8.976   4.285   11.271  1.00 39.50 ? 535 HOH A O   1 
HETATM 1443 O  O   . HOH F 5 .   ? -8.262  17.266  -10.510 1.00 40.48 ? 536 HOH A O   1 
HETATM 1444 O  O   . HOH F 5 .   ? 0.792   -22.261 0.094   1.00 42.41 ? 537 HOH A O   1 
HETATM 1445 O  O   . HOH F 5 .   ? 14.061  1.561   -4.878  1.00 39.22 ? 538 HOH A O   1 
HETATM 1446 O  O   . HOH F 5 .   ? -5.652  -11.358 11.162  1.00 48.37 ? 539 HOH A O   1 
HETATM 1447 O  O   . HOH F 5 .   ? 10.453  -0.045  10.431  1.00 41.69 ? 540 HOH A O   1 
HETATM 1448 O  O   . HOH F 5 .   ? -0.648  14.453  -8.823  1.00 37.47 ? 541 HOH A O   1 
HETATM 1449 O  O   . HOH F 5 .   ? 2.147   13.632  -8.424  1.00 47.21 ? 542 HOH A O   1 
HETATM 1450 O  O   . HOH F 5 .   ? 4.573   -3.504  12.916  1.00 45.95 ? 543 HOH A O   1 
HETATM 1451 O  O   . HOH F 5 .   ? -19.110 13.587  -15.091 1.00 42.05 ? 544 HOH A O   1 
HETATM 1452 O  O   . HOH F 5 .   ? 13.740  4.032   -0.121  1.00 39.74 ? 545 HOH A O   1 
HETATM 1453 O  O   . HOH F 5 .   ? -18.307 12.229  -4.051  1.00 45.49 ? 546 HOH A O   1 
HETATM 1454 O  O   . HOH F 5 .   ? -2.818  3.383   17.344  1.00 44.64 ? 547 HOH A O   1 
HETATM 1455 O  O   . HOH F 5 .   ? 3.996   5.509   15.775  1.00 47.58 ? 548 HOH A O   1 
HETATM 1456 O  O   . HOH F 5 .   ? 10.041  6.439   -7.494  1.00 45.13 ? 549 HOH A O   1 
HETATM 1457 O  O   . HOH F 5 .   ? 9.588   11.119  -5.264  1.00 50.10 ? 550 HOH A O   1 
HETATM 1458 O  O   . HOH F 5 .   ? -3.112  -4.391  14.133  1.00 40.36 ? 551 HOH A O   1 
HETATM 1459 O  O   . HOH F 5 .   ? -10.167 -3.154  13.482  1.00 50.26 ? 552 HOH A O   1 
HETATM 1460 O  O   . HOH F 5 .   ? -9.347  -1.303  -9.648  1.00 31.82 ? 553 HOH A O   1 
HETATM 1461 O  O   . HOH F 5 .   ? 13.190  -18.333 4.424   1.00 38.29 ? 554 HOH A O   1 
HETATM 1462 O  O   . HOH F 5 .   ? 0.858   -0.765  15.074  1.00 48.81 ? 555 HOH A O   1 
HETATM 1463 O  O   . HOH F 5 .   ? 10.420  -17.553 10.505  1.00 48.92 ? 556 HOH A O   1 
# 
